data_7LWZ
#
_entry.id   7LWZ
#
_cell.length_a   105.003
_cell.length_b   161.869
_cell.length_c   184.773
_cell.angle_alpha   90.000
_cell.angle_beta   90.000
_cell.angle_gamma   90.000
#
_symmetry.space_group_name_H-M   'P 21 21 21'
#
loop_
_entity.id
_entity.type
_entity.pdbx_description
1 polymer 'Deoxyguanosinetriphosphate triphosphohydrolase-like protein 1'
2 non-polymer 'NICKEL (II) ION'
3 water water
#
_entity_poly.entity_id   1
_entity_poly.type   'polypeptide(L)'
_entity_poly.pdbx_seq_one_letter_code
;SNAQVSLNPEWLARNNDEHKIRRNDHRSPFQRDRARILHSAAFRRLQAKTQVHGTSLNDFHRTRLTHSLEAAQIGTGIVA
QIKLKQPEFRELLPSDSLIDSLCLAHDIGHPPYGHGGEIALNYMMRDHGGFEGNAQTFRIVTSLEPYTEHHGMNLSRRTL
LGLLKYPALLSATRAAIPPPAVAHQRQLKAKDWSPAKGIYDCDLASLDWVLEPLCESDRELLGQMRAEPSSPKEHRKTRF
KSLDCSIMELADDIAYGVHDLEDAIVLGMVTRAQWQEAAAAQLAECGDPWFEEHIAELSEMLFSGKHYVRKDAIGGIVNA
LLTSISVKPVEAPFHNELLAFNAYIEPHMGNALEVLKHFVSQYVIQIPQVQRFEYKGQQLIMDLFEALSADPERLLPQAT
GEKWRKAQEQDEGMRVICDYIAAMTDAYAQRLHQQLFSAQSHY
;
_entity_poly.pdbx_strand_id   B,A,D,C,F,E
#
# COMPACT_ATOMS: atom_id res chain seq x y z
N LEU A 7 31.98 4.02 -52.31
CA LEU A 7 32.41 3.19 -51.17
C LEU A 7 31.96 1.73 -51.28
N ASN A 8 32.79 0.87 -50.68
CA ASN A 8 32.70 -0.57 -50.85
C ASN A 8 31.31 -1.11 -50.46
N PRO A 9 30.73 -2.00 -51.28
CA PRO A 9 29.44 -2.63 -50.90
C PRO A 9 29.54 -3.55 -49.70
N GLU A 10 30.75 -3.83 -49.22
CA GLU A 10 30.86 -4.62 -48.01
C GLU A 10 30.34 -3.86 -46.79
N TRP A 11 30.26 -2.53 -46.88
CA TRP A 11 29.69 -1.76 -45.79
C TRP A 11 28.18 -1.84 -45.75
N LEU A 12 27.54 -2.41 -46.77
CA LEU A 12 26.10 -2.62 -46.79
C LEU A 12 25.70 -4.02 -46.37
N ALA A 13 26.66 -4.88 -46.06
CA ALA A 13 26.37 -6.29 -45.85
C ALA A 13 25.92 -6.58 -44.41
N ARG A 14 25.18 -7.68 -44.27
CA ARG A 14 24.73 -8.24 -43.01
C ARG A 14 25.49 -9.53 -42.76
N ASN A 15 25.55 -9.91 -41.48
CA ASN A 15 26.33 -11.08 -41.09
C ASN A 15 25.74 -12.37 -41.64
N ASN A 16 24.44 -12.35 -41.94
CA ASN A 16 23.77 -13.57 -42.45
C ASN A 16 22.90 -13.19 -43.64
N ASP A 17 22.82 -14.05 -44.65
CA ASP A 17 22.00 -13.78 -45.86
C ASP A 17 20.88 -14.82 -45.98
N GLU A 18 20.52 -15.50 -44.90
CA GLU A 18 19.49 -16.58 -44.97
C GLU A 18 18.16 -16.00 -45.45
N HIS A 19 17.76 -14.85 -44.91
CA HIS A 19 16.49 -14.20 -45.35
C HIS A 19 16.71 -13.55 -46.71
N LYS A 20 15.67 -13.49 -47.55
CA LYS A 20 15.80 -12.88 -48.90
C LYS A 20 14.91 -11.63 -48.96
N ILE A 21 15.48 -10.50 -49.39
CA ILE A 21 14.71 -9.27 -49.50
C ILE A 21 13.58 -9.52 -50.49
N ARG A 22 12.38 -9.07 -50.15
CA ARG A 22 11.21 -9.29 -51.02
C ARG A 22 11.41 -8.54 -52.33
N ARG A 23 10.83 -9.02 -53.41
CA ARG A 23 11.02 -8.37 -54.73
C ARG A 23 10.45 -6.96 -54.70
N ASN A 24 9.31 -6.77 -54.04
CA ASN A 24 8.63 -5.44 -54.01
C ASN A 24 9.32 -4.46 -53.07
N ASP A 25 10.30 -4.91 -52.29
CA ASP A 25 10.91 -4.06 -51.28
C ASP A 25 12.14 -3.37 -51.87
N HIS A 26 12.00 -2.09 -52.19
CA HIS A 26 13.08 -1.32 -52.80
C HIS A 26 13.74 -0.37 -51.82
N ARG A 27 13.66 -0.65 -50.53
CA ARG A 27 14.28 0.19 -49.52
C ARG A 27 15.79 -0.06 -49.47
N SER A 28 16.52 0.97 -49.00
CA SER A 28 17.95 0.84 -48.77
C SER A 28 18.25 -0.05 -47.56
N PRO A 29 19.47 -0.58 -47.44
CA PRO A 29 19.81 -1.34 -46.24
C PRO A 29 19.64 -0.55 -44.96
N PHE A 30 19.84 0.77 -45.01
CA PHE A 30 19.73 1.54 -43.77
C PHE A 30 18.29 1.82 -43.40
N GLN A 31 17.39 1.92 -44.39
CA GLN A 31 15.96 2.04 -44.07
C GLN A 31 15.44 0.75 -43.44
N ARG A 32 15.99 -0.39 -43.83
CA ARG A 32 15.59 -1.65 -43.22
C ARG A 32 16.13 -1.77 -41.80
N ASP A 33 17.35 -1.24 -41.60
CA ASP A 33 17.91 -1.18 -40.25
C ASP A 33 17.05 -0.34 -39.33
N ARG A 34 16.63 0.84 -39.79
CA ARG A 34 15.79 1.70 -38.97
C ARG A 34 14.50 1.00 -38.59
N ALA A 35 13.86 0.34 -39.56
CA ALA A 35 12.62 -0.37 -39.27
C ALA A 35 12.84 -1.49 -38.25
N ARG A 36 13.97 -2.20 -38.34
CA ARG A 36 14.24 -3.26 -37.38
C ARG A 36 14.37 -2.72 -35.96
N ILE A 37 15.08 -1.60 -35.78
CA ILE A 37 15.24 -1.02 -34.46
C ILE A 37 13.89 -0.56 -33.93
N LEU A 38 13.11 0.11 -34.76
CA LEU A 38 11.81 0.62 -34.35
C LEU A 38 10.84 -0.49 -33.94
N HIS A 39 10.94 -1.66 -34.57
CA HIS A 39 10.08 -2.78 -34.21
C HIS A 39 10.63 -3.64 -33.07
N SER A 40 11.84 -3.37 -32.58
CA SER A 40 12.50 -4.23 -31.61
C SER A 40 12.00 -4.01 -30.18
N ALA A 41 12.06 -5.07 -29.36
CA ALA A 41 11.69 -4.94 -27.95
C ALA A 41 12.64 -4.01 -27.21
N ALA A 42 13.93 -4.03 -27.54
CA ALA A 42 14.87 -3.15 -26.85
C ALA A 42 14.53 -1.67 -27.05
N PHE A 43 14.09 -1.30 -28.25
CA PHE A 43 13.72 0.10 -28.46
C PHE A 43 12.46 0.45 -27.70
N ARG A 44 11.48 -0.45 -27.71
CA ARG A 44 10.23 -0.16 -27.02
C ARG A 44 10.46 0.07 -25.52
N ARG A 45 11.44 -0.61 -24.92
CA ARG A 45 11.72 -0.48 -23.51
C ARG A 45 12.16 0.93 -23.12
N LEU A 46 12.67 1.72 -24.07
CA LEU A 46 13.09 3.08 -23.79
C LEU A 46 11.95 3.98 -23.36
N GLN A 47 10.70 3.56 -23.53
CA GLN A 47 9.58 4.34 -23.01
C GLN A 47 9.48 4.29 -21.49
N ALA A 48 9.98 3.22 -20.90
CA ALA A 48 9.89 3.11 -19.45
C ALA A 48 11.05 3.84 -18.82
N LYS A 49 12.23 3.67 -19.43
CA LYS A 49 13.55 4.17 -18.99
C LYS A 49 13.69 5.70 -19.05
N ARG A 62 9.41 12.72 -20.52
CA ARG A 62 10.73 12.74 -21.18
C ARG A 62 11.45 11.43 -20.84
N THR A 63 11.39 10.46 -21.74
CA THR A 63 11.98 9.13 -21.54
C THR A 63 13.23 9.01 -22.41
N ARG A 64 13.92 7.87 -22.32
CA ARG A 64 15.09 7.62 -23.19
C ARG A 64 14.63 7.59 -24.65
N LEU A 65 13.44 7.06 -24.95
CA LEU A 65 12.92 7.09 -26.33
C LEU A 65 12.74 8.54 -26.78
N THR A 66 12.21 9.40 -25.91
CA THR A 66 12.10 10.82 -26.29
C THR A 66 13.47 11.41 -26.58
N HIS A 67 14.47 11.13 -25.73
CA HIS A 67 15.82 11.63 -25.97
C HIS A 67 16.34 11.14 -27.31
N SER A 68 16.10 9.86 -27.64
CA SER A 68 16.65 9.32 -28.88
C SER A 68 15.92 9.86 -30.11
N LEU A 69 14.63 10.15 -30.01
CA LEU A 69 13.92 10.80 -31.12
C LEU A 69 14.46 12.22 -31.35
N GLU A 70 14.74 12.95 -30.28
CA GLU A 70 15.31 14.29 -30.47
C GLU A 70 16.71 14.20 -31.09
N ALA A 71 17.51 13.23 -30.64
CA ALA A 71 18.85 13.06 -31.19
C ALA A 71 18.78 12.76 -32.68
N ALA A 72 17.85 11.90 -33.09
CA ALA A 72 17.72 11.58 -34.50
C ALA A 72 17.38 12.81 -35.34
N GLN A 73 16.56 13.70 -34.80
CA GLN A 73 16.21 14.89 -35.56
C GLN A 73 17.37 15.86 -35.66
N ILE A 74 18.17 15.95 -34.60
CA ILE A 74 19.36 16.79 -34.67
C ILE A 74 20.40 16.16 -35.60
N GLY A 75 20.54 14.83 -35.56
CA GLY A 75 21.49 14.16 -36.42
C GLY A 75 21.20 14.40 -37.90
N THR A 76 19.94 14.28 -38.29
CA THR A 76 19.59 14.59 -39.67
C THR A 76 19.73 16.08 -39.96
N GLY A 77 19.55 16.94 -38.95
CA GLY A 77 19.82 18.35 -39.14
C GLY A 77 21.29 18.65 -39.34
N ILE A 78 22.16 17.94 -38.61
CA ILE A 78 23.60 18.13 -38.77
C ILE A 78 24.03 17.76 -40.18
N VAL A 79 23.64 16.56 -40.61
CA VAL A 79 24.02 16.06 -41.93
C VAL A 79 23.52 17.00 -43.03
N ALA A 80 22.27 17.47 -42.92
CA ALA A 80 21.75 18.38 -43.94
C ALA A 80 22.60 19.63 -44.01
N GLN A 81 23.06 20.10 -42.85
CA GLN A 81 23.85 21.32 -42.78
C GLN A 81 25.26 21.11 -43.32
N ILE A 82 25.85 19.94 -43.06
CA ILE A 82 27.20 19.70 -43.55
C ILE A 82 27.21 19.60 -45.07
N LYS A 83 26.24 18.90 -45.65
CA LYS A 83 26.26 18.77 -47.11
C LYS A 83 25.86 20.06 -47.82
N LEU A 84 25.53 21.12 -47.09
CA LEU A 84 25.40 22.43 -47.70
C LEU A 84 26.73 23.17 -47.66
N LYS A 85 27.49 23.01 -46.58
CA LYS A 85 28.74 23.73 -46.44
C LYS A 85 29.91 22.97 -47.02
N GLN A 86 29.80 21.67 -47.18
CA GLN A 86 30.84 20.83 -47.78
C GLN A 86 30.19 19.85 -48.75
N PRO A 87 29.86 20.31 -49.96
CA PRO A 87 29.22 19.40 -50.93
C PRO A 87 30.07 18.22 -51.35
N GLU A 88 31.41 18.38 -51.36
CA GLU A 88 32.32 17.28 -51.70
C GLU A 88 32.00 16.00 -50.93
N PHE A 89 31.44 16.14 -49.73
CA PHE A 89 31.16 14.97 -48.84
C PHE A 89 29.71 14.54 -48.91
N ARG A 90 28.96 15.00 -49.90
CA ARG A 90 27.51 14.66 -49.96
C ARG A 90 27.36 13.14 -50.02
N GLU A 91 28.17 12.48 -50.84
CA GLU A 91 28.10 11.01 -51.00
C GLU A 91 28.58 10.26 -49.76
N LEU A 92 29.64 10.74 -49.11
CA LEU A 92 30.23 10.08 -47.91
C LEU A 92 29.31 10.11 -46.69
N LEU A 93 28.56 11.19 -46.48
CA LEU A 93 27.79 11.37 -45.24
C LEU A 93 26.71 10.29 -45.09
N PRO A 94 26.31 9.97 -43.86
CA PRO A 94 25.24 8.95 -43.67
C PRO A 94 23.89 9.46 -44.17
N SER A 95 23.11 8.56 -44.76
CA SER A 95 21.73 8.86 -45.09
C SER A 95 20.91 9.15 -43.81
N ASP A 96 19.74 9.76 -44.03
CA ASP A 96 18.83 10.08 -42.93
C ASP A 96 18.44 8.84 -42.14
N SER A 97 18.15 7.73 -42.82
CA SER A 97 17.70 6.57 -42.07
C SER A 97 18.85 5.87 -41.34
N LEU A 98 20.10 6.06 -41.77
CA LEU A 98 21.22 5.49 -41.02
C LEU A 98 21.53 6.30 -39.78
N ILE A 99 21.58 7.64 -39.90
CA ILE A 99 21.88 8.44 -38.72
C ILE A 99 20.71 8.37 -37.73
N ASP A 100 19.46 8.28 -38.22
CA ASP A 100 18.33 7.95 -37.34
C ASP A 100 18.61 6.66 -36.61
N SER A 101 19.09 5.65 -37.34
CA SER A 101 19.24 4.34 -36.73
C SER A 101 20.23 4.37 -35.59
N LEU A 102 21.29 5.16 -35.72
CA LEU A 102 22.28 5.15 -34.65
C LEU A 102 21.79 5.91 -33.42
N CYS A 103 20.93 6.92 -33.61
CA CYS A 103 20.43 7.62 -32.43
C CYS A 103 19.25 6.90 -31.79
N LEU A 104 18.48 6.13 -32.56
CA LEU A 104 17.40 5.38 -31.94
C LEU A 104 17.94 4.20 -31.16
N ALA A 105 19.13 3.72 -31.53
CA ALA A 105 19.69 2.52 -30.93
C ALA A 105 20.74 2.81 -29.86
N HIS A 106 21.26 4.05 -29.80
CA HIS A 106 22.45 4.30 -29.01
C HIS A 106 22.24 4.00 -27.53
N ASP A 107 21.02 4.18 -27.01
CA ASP A 107 20.82 4.01 -25.54
C ASP A 107 20.10 2.71 -25.17
N ILE A 108 19.99 1.74 -26.07
CA ILE A 108 19.23 0.53 -25.73
C ILE A 108 19.93 -0.28 -24.64
N GLY A 109 21.25 -0.18 -24.51
CA GLY A 109 22.04 -0.98 -23.59
C GLY A 109 22.13 -0.50 -22.15
N HIS A 110 21.55 0.67 -21.84
CA HIS A 110 21.68 1.20 -20.50
C HIS A 110 20.87 0.34 -19.54
N PRO A 111 21.40 0.07 -18.36
CA PRO A 111 20.71 -0.83 -17.42
C PRO A 111 19.67 -0.07 -16.63
N PRO A 112 18.81 -0.78 -15.89
CA PRO A 112 17.94 -0.10 -14.93
C PRO A 112 18.78 0.80 -14.04
N TYR A 113 18.21 1.96 -13.67
CA TYR A 113 18.82 2.91 -12.73
C TYR A 113 20.06 3.59 -13.28
N GLY A 114 20.19 3.67 -14.58
CA GLY A 114 21.21 4.53 -15.16
C GLY A 114 22.59 4.24 -14.60
N HIS A 115 23.29 5.32 -14.23
CA HIS A 115 24.68 5.17 -13.83
C HIS A 115 24.81 4.33 -12.57
N GLY A 116 23.84 4.43 -11.66
CA GLY A 116 23.88 3.56 -10.51
C GLY A 116 23.75 2.10 -10.90
N GLY A 117 22.86 1.82 -11.86
CA GLY A 117 22.78 0.48 -12.39
C GLY A 117 24.07 0.02 -13.03
N GLU A 118 24.72 0.89 -13.80
CA GLU A 118 25.92 0.48 -14.50
C GLU A 118 27.02 0.09 -13.53
N ILE A 119 27.18 0.86 -12.45
CA ILE A 119 28.27 0.62 -11.51
C ILE A 119 28.06 -0.69 -10.77
N ALA A 120 26.82 -0.95 -10.37
CA ALA A 120 26.51 -2.20 -9.68
C ALA A 120 26.80 -3.40 -10.58
N LEU A 121 26.26 -3.39 -11.80
CA LEU A 121 26.46 -4.53 -12.68
C LEU A 121 27.93 -4.72 -12.96
N ASN A 122 28.64 -3.62 -13.21
CA ASN A 122 30.07 -3.71 -13.47
C ASN A 122 30.80 -4.33 -12.29
N TYR A 123 30.47 -3.90 -11.08
CA TYR A 123 31.10 -4.48 -9.90
C TYR A 123 30.75 -5.95 -9.75
N MET A 124 29.49 -6.33 -9.98
CA MET A 124 29.13 -7.73 -9.85
C MET A 124 29.78 -8.60 -10.93
N MET A 125 30.20 -8.03 -12.06
CA MET A 125 30.88 -8.76 -13.11
C MET A 125 32.38 -8.54 -13.11
N ARG A 126 32.94 -8.08 -11.99
CA ARG A 126 34.34 -7.65 -11.96
C ARG A 126 35.28 -8.77 -12.42
N ASP A 127 34.91 -10.04 -12.19
CA ASP A 127 35.73 -11.19 -12.56
C ASP A 127 35.21 -11.91 -13.81
N HIS A 128 34.36 -11.26 -14.62
CA HIS A 128 33.78 -11.93 -15.77
C HIS A 128 33.55 -10.97 -16.93
N GLY A 129 34.39 -9.95 -17.07
CA GLY A 129 34.29 -9.06 -18.20
C GLY A 129 33.62 -7.73 -17.92
N GLY A 130 33.04 -7.54 -16.72
CA GLY A 130 32.48 -6.25 -16.36
C GLY A 130 31.17 -5.98 -17.06
N PHE A 131 30.64 -4.79 -16.81
CA PHE A 131 29.46 -4.35 -17.54
C PHE A 131 29.68 -2.92 -17.99
N GLU A 132 29.22 -2.61 -19.21
CA GLU A 132 29.27 -1.23 -19.68
C GLU A 132 28.17 -1.03 -20.71
N GLY A 133 27.54 0.15 -20.65
CA GLY A 133 26.32 0.35 -21.41
C GLY A 133 26.50 0.28 -22.93
N ASN A 134 27.56 0.89 -23.45
CA ASN A 134 27.79 0.85 -24.89
C ASN A 134 28.17 -0.56 -25.34
N ALA A 135 28.98 -1.26 -24.54
CA ALA A 135 29.20 -2.68 -24.79
C ALA A 135 27.87 -3.42 -24.87
N GLN A 136 26.98 -3.16 -23.93
CA GLN A 136 25.69 -3.84 -23.92
C GLN A 136 24.87 -3.49 -25.17
N THR A 137 24.93 -2.23 -25.63
CA THR A 137 24.21 -1.90 -26.87
C THR A 137 24.66 -2.79 -28.02
N PHE A 138 25.98 -2.89 -28.20
CA PHE A 138 26.53 -3.71 -29.28
C PHE A 138 26.10 -5.16 -29.15
N ARG A 139 26.14 -5.68 -27.93
CA ARG A 139 25.76 -7.07 -27.69
C ARG A 139 24.26 -7.28 -27.97
N ILE A 140 23.41 -6.28 -27.69
CA ILE A 140 21.98 -6.49 -27.95
C ILE A 140 21.74 -6.60 -29.46
N VAL A 141 22.33 -5.69 -30.25
CA VAL A 141 21.96 -5.64 -31.66
C VAL A 141 22.61 -6.77 -32.43
N THR A 142 23.77 -7.26 -31.97
CA THR A 142 24.41 -8.38 -32.65
C THR A 142 23.98 -9.74 -32.09
N SER A 143 23.35 -9.79 -30.91
CA SER A 143 23.02 -11.11 -30.39
C SER A 143 21.72 -11.23 -29.60
N LEU A 144 21.42 -10.28 -28.72
CA LEU A 144 20.34 -10.55 -27.79
C LEU A 144 18.94 -10.32 -28.39
N GLU A 145 18.74 -9.26 -29.18
CA GLU A 145 17.42 -9.04 -29.73
C GLU A 145 17.11 -10.21 -30.66
N PRO A 146 16.07 -10.97 -30.42
CA PRO A 146 15.92 -12.21 -31.18
C PRO A 146 15.20 -12.00 -32.51
N TYR A 147 15.54 -10.93 -33.25
CA TYR A 147 15.01 -10.75 -34.60
C TYR A 147 15.52 -11.86 -35.52
N THR A 148 16.77 -12.26 -35.35
CA THR A 148 17.26 -13.48 -35.94
C THR A 148 17.66 -14.40 -34.80
N GLU A 149 17.92 -15.65 -35.13
CA GLU A 149 18.23 -16.64 -34.12
C GLU A 149 19.65 -16.49 -33.58
N HIS A 150 20.58 -16.02 -34.40
CA HIS A 150 22.01 -16.03 -34.10
C HIS A 150 22.72 -14.69 -34.34
N HIS A 151 22.05 -13.67 -34.89
CA HIS A 151 22.75 -12.43 -35.23
C HIS A 151 21.98 -11.20 -34.79
N GLY A 152 21.14 -11.33 -33.77
CA GLY A 152 20.44 -10.19 -33.21
C GLY A 152 19.58 -9.55 -34.27
N MET A 153 19.64 -8.22 -34.32
CA MET A 153 18.90 -7.51 -35.35
C MET A 153 19.56 -7.67 -36.71
N ASN A 154 20.79 -8.19 -36.75
CA ASN A 154 21.50 -8.47 -37.99
C ASN A 154 21.54 -7.21 -38.84
N LEU A 155 22.04 -6.14 -38.23
CA LEU A 155 22.13 -4.87 -38.92
C LEU A 155 23.29 -4.90 -39.92
N SER A 156 23.22 -4.00 -40.91
CA SER A 156 24.30 -3.83 -41.87
C SER A 156 25.59 -3.35 -41.17
N ARG A 157 26.71 -3.63 -41.83
CA ARG A 157 28.03 -3.43 -41.24
C ARG A 157 28.29 -1.96 -40.90
N ARG A 158 27.94 -1.04 -41.79
CA ARG A 158 28.24 0.36 -41.52
C ARG A 158 27.47 0.85 -40.30
N THR A 159 26.20 0.43 -40.16
CA THR A 159 25.44 0.78 -38.98
C THR A 159 26.12 0.23 -37.73
N LEU A 160 26.56 -1.03 -37.76
CA LEU A 160 27.25 -1.59 -36.60
C LEU A 160 28.50 -0.78 -36.29
N LEU A 161 29.28 -0.39 -37.31
CA LEU A 161 30.45 0.44 -37.06
C LEU A 161 30.06 1.78 -36.43
N GLY A 162 28.89 2.31 -36.79
CA GLY A 162 28.43 3.55 -36.17
C GLY A 162 28.11 3.44 -34.70
N LEU A 163 27.79 2.24 -34.20
CA LEU A 163 27.54 2.07 -32.78
C LEU A 163 28.79 1.84 -31.96
N LEU A 164 29.95 1.59 -32.58
CA LEU A 164 31.18 1.36 -31.82
C LEU A 164 31.78 2.69 -31.41
N LYS A 165 31.25 3.25 -30.33
CA LYS A 165 31.85 4.46 -29.76
C LYS A 165 33.28 4.19 -29.29
N TYR A 166 33.58 2.95 -28.89
CA TYR A 166 34.90 2.52 -28.44
C TYR A 166 35.21 1.19 -29.11
N PRO A 167 35.82 1.21 -30.30
CA PRO A 167 35.99 -0.01 -31.10
C PRO A 167 37.24 -0.82 -30.74
N ALA A 168 37.41 -1.10 -29.45
CA ALA A 168 38.39 -2.07 -28.97
C ALA A 168 37.72 -2.91 -27.88
N LEU A 169 38.37 -4.01 -27.50
CA LEU A 169 37.85 -4.87 -26.44
C LEU A 169 38.14 -4.31 -25.06
N LEU A 170 37.25 -4.60 -24.12
CA LEU A 170 37.35 -4.08 -22.74
C LEU A 170 38.64 -4.57 -22.07
N SER A 171 39.13 -5.75 -22.43
CA SER A 171 40.32 -6.29 -21.73
C SER A 171 41.46 -5.28 -21.90
N ALA A 172 41.49 -4.63 -23.06
CA ALA A 172 42.48 -3.58 -23.36
C ALA A 172 42.25 -2.39 -22.44
N SER A 194 33.44 2.77 -11.79
CA SER A 194 33.02 3.17 -13.17
C SER A 194 33.63 2.22 -14.20
N PRO A 195 32.84 1.68 -15.16
CA PRO A 195 33.37 0.76 -16.14
C PRO A 195 34.25 1.41 -17.21
N ALA A 196 35.14 0.61 -17.81
CA ALA A 196 35.99 1.10 -18.92
C ALA A 196 35.24 0.88 -20.23
N LYS A 197 35.14 1.91 -21.07
CA LYS A 197 34.39 1.79 -22.36
C LYS A 197 35.10 0.78 -23.27
N GLY A 198 34.33 -0.07 -23.95
CA GLY A 198 34.89 -1.09 -24.86
C GLY A 198 33.85 -2.12 -25.27
N ILE A 199 34.27 -3.20 -25.92
CA ILE A 199 33.38 -4.28 -26.34
C ILE A 199 33.71 -5.55 -25.56
N TYR A 200 32.66 -6.28 -25.14
CA TYR A 200 32.88 -7.53 -24.40
C TYR A 200 33.68 -8.53 -25.21
N ASP A 201 34.55 -9.27 -24.52
CA ASP A 201 35.27 -10.35 -25.18
C ASP A 201 34.32 -11.42 -25.69
N CYS A 202 33.17 -11.59 -25.06
CA CYS A 202 32.17 -12.55 -25.54
C CYS A 202 31.50 -12.14 -26.84
N ASP A 203 31.75 -10.92 -27.35
CA ASP A 203 31.24 -10.47 -28.63
C ASP A 203 32.35 -10.27 -29.67
N LEU A 204 33.53 -10.85 -29.43
CA LEU A 204 34.65 -10.58 -30.31
C LEU A 204 34.38 -11.05 -31.73
N ALA A 205 33.64 -12.16 -31.89
CA ALA A 205 33.33 -12.64 -33.22
C ALA A 205 32.58 -11.61 -34.03
N SER A 206 31.60 -10.93 -33.41
CA SER A 206 30.82 -9.98 -34.20
C SER A 206 31.59 -8.69 -34.40
N LEU A 207 32.51 -8.37 -33.48
CA LEU A 207 33.34 -7.20 -33.73
C LEU A 207 34.34 -7.49 -34.83
N ASP A 208 34.92 -8.70 -34.85
CA ASP A 208 35.79 -9.09 -35.96
C ASP A 208 35.05 -8.99 -37.28
N TRP A 209 33.79 -9.42 -37.32
CA TRP A 209 33.04 -9.35 -38.58
C TRP A 209 32.86 -7.90 -39.04
N VAL A 210 32.56 -6.99 -38.10
CA VAL A 210 32.34 -5.58 -38.46
C VAL A 210 33.61 -4.97 -39.05
N LEU A 211 34.76 -5.24 -38.44
CA LEU A 211 35.99 -4.62 -38.91
C LEU A 211 36.66 -5.41 -40.03
N GLU A 212 36.08 -6.54 -40.42
CA GLU A 212 36.75 -7.44 -41.36
C GLU A 212 37.20 -6.77 -42.66
N PRO A 213 36.45 -5.85 -43.26
CA PRO A 213 36.92 -5.28 -44.53
C PRO A 213 37.92 -4.15 -44.42
N LEU A 214 38.55 -3.95 -43.26
CA LEU A 214 39.52 -2.89 -43.10
C LEU A 214 40.91 -3.44 -43.33
N CYS A 215 41.79 -2.63 -43.90
CA CYS A 215 43.18 -3.07 -44.07
C CYS A 215 43.87 -3.24 -42.71
N GLU A 216 44.98 -4.00 -42.73
CA GLU A 216 45.67 -4.40 -41.50
C GLU A 216 45.99 -3.21 -40.60
N SER A 217 46.53 -2.12 -41.17
CA SER A 217 46.98 -0.97 -40.39
C SER A 217 45.82 -0.14 -39.85
N ASP A 218 44.72 -0.04 -40.61
CA ASP A 218 43.56 0.64 -40.06
C ASP A 218 43.07 -0.05 -38.80
N ARG A 219 43.11 -1.39 -38.79
CA ARG A 219 42.63 -2.14 -37.64
C ARG A 219 43.55 -1.93 -36.44
N GLU A 220 44.84 -1.79 -36.68
CA GLU A 220 45.79 -1.67 -35.59
C GLU A 220 45.80 -0.25 -35.01
N LEU A 221 45.37 0.74 -35.78
CA LEU A 221 45.17 2.09 -35.29
C LEU A 221 43.89 2.22 -34.49
N LEU A 222 42.91 1.38 -34.81
CA LEU A 222 41.59 1.53 -34.20
C LEU A 222 41.62 1.20 -32.71
N GLY A 223 42.48 0.25 -32.32
CA GLY A 223 42.59 -0.14 -30.90
C GLY A 223 43.48 0.80 -30.11
N GLN A 224 44.14 1.74 -30.79
CA GLN A 224 45.05 2.71 -30.14
C GLN A 224 44.25 3.62 -29.19
N ARG A 239 39.40 6.40 -28.35
CA ARG A 239 40.19 7.53 -28.89
C ARG A 239 39.82 7.76 -30.36
N PHE A 240 39.43 6.71 -31.07
CA PHE A 240 39.07 6.83 -32.51
C PHE A 240 37.67 6.26 -32.75
N LYS A 241 36.95 6.83 -33.71
CA LYS A 241 35.57 6.36 -34.04
C LYS A 241 35.22 6.77 -35.48
N SER A 242 34.21 6.13 -36.06
CA SER A 242 33.77 6.42 -37.42
C SER A 242 33.02 7.75 -37.53
N LEU A 243 32.95 8.24 -38.76
CA LEU A 243 32.29 9.51 -39.03
C LEU A 243 30.84 9.47 -38.59
N ASP A 244 30.14 8.39 -38.94
CA ASP A 244 28.73 8.30 -38.56
C ASP A 244 28.55 8.37 -37.05
N CYS A 245 29.48 7.78 -36.29
CA CYS A 245 29.36 7.76 -34.85
C CYS A 245 29.76 9.09 -34.25
N SER A 246 30.68 9.81 -34.91
CA SER A 246 30.99 11.17 -34.48
C SER A 246 29.77 12.06 -34.61
N ILE A 247 28.96 11.86 -35.66
CA ILE A 247 27.74 12.66 -35.82
C ILE A 247 26.71 12.31 -34.77
N MET A 248 26.55 11.02 -34.53
CA MET A 248 25.56 10.57 -33.53
C MET A 248 25.96 11.11 -32.16
N GLU A 249 27.25 11.13 -31.86
CA GLU A 249 27.68 11.62 -30.54
C GLU A 249 27.32 13.09 -30.40
N LEU A 250 27.59 13.88 -31.44
CA LEU A 250 27.29 15.33 -31.38
C LEU A 250 25.77 15.51 -31.23
N ALA A 251 24.98 14.71 -31.95
CA ALA A 251 23.52 14.86 -31.81
C ALA A 251 23.10 14.52 -30.40
N ASP A 252 23.67 13.48 -29.82
CA ASP A 252 23.29 13.09 -28.45
C ASP A 252 23.68 14.16 -27.45
N ASP A 253 24.87 14.72 -27.56
CA ASP A 253 25.22 15.74 -26.56
C ASP A 253 24.32 16.96 -26.68
N ILE A 254 24.08 17.42 -27.90
CA ILE A 254 23.24 18.64 -28.10
C ILE A 254 21.86 18.35 -27.52
N ALA A 255 21.33 17.15 -27.76
CA ALA A 255 20.00 16.84 -27.25
C ALA A 255 20.00 16.83 -25.73
N TYR A 256 21.01 16.20 -25.13
CA TYR A 256 21.16 16.19 -23.68
C TYR A 256 21.34 17.62 -23.14
N GLY A 257 22.18 18.42 -23.78
CA GLY A 257 22.49 19.71 -23.22
C GLY A 257 21.28 20.63 -23.19
N VAL A 258 20.45 20.56 -24.22
CA VAL A 258 19.42 21.56 -24.45
C VAL A 258 18.04 21.05 -24.10
N HIS A 259 17.73 19.79 -24.44
CA HIS A 259 16.35 19.33 -24.27
C HIS A 259 16.05 18.87 -22.85
N ASP A 260 17.05 18.51 -22.06
CA ASP A 260 16.83 18.30 -20.63
C ASP A 260 16.63 19.62 -19.90
N LEU A 261 17.19 20.68 -20.46
CA LEU A 261 17.18 22.00 -19.85
C LEU A 261 15.79 22.62 -19.84
N GLU A 262 14.97 22.36 -20.85
CA GLU A 262 13.72 23.11 -20.95
C GLU A 262 12.77 22.78 -19.83
N ASP A 263 12.45 21.50 -19.64
CA ASP A 263 11.48 21.19 -18.60
C ASP A 263 12.10 21.21 -17.22
N ALA A 264 13.43 21.24 -17.14
CA ALA A 264 14.07 21.57 -15.89
C ALA A 264 13.61 22.95 -15.42
N ILE A 265 13.30 23.86 -16.36
CA ILE A 265 12.85 25.20 -16.01
C ILE A 265 11.40 25.17 -15.51
N VAL A 266 10.53 24.44 -16.21
CA VAL A 266 9.12 24.53 -15.86
C VAL A 266 8.84 23.73 -14.60
N LEU A 267 9.58 22.64 -14.41
CA LEU A 267 9.47 21.87 -13.17
C LEU A 267 10.06 22.61 -11.98
N GLY A 268 10.68 23.77 -12.18
CA GLY A 268 11.21 24.51 -11.05
C GLY A 268 12.47 23.93 -10.49
N MET A 269 13.08 22.96 -11.19
CA MET A 269 14.33 22.36 -10.73
C MET A 269 15.51 23.31 -10.83
N VAL A 270 15.36 24.38 -11.60
CA VAL A 270 16.32 25.48 -11.68
C VAL A 270 15.52 26.76 -11.62
N THR A 271 15.93 27.68 -10.76
CA THR A 271 15.31 28.99 -10.76
C THR A 271 16.17 29.93 -11.60
N ARG A 272 15.60 31.09 -11.95
CA ARG A 272 16.32 32.04 -12.79
C ARG A 272 17.66 32.44 -12.19
N ALA A 273 17.73 32.61 -10.87
CA ALA A 273 18.97 33.03 -10.24
C ALA A 273 20.07 32.00 -10.51
N GLN A 274 19.73 30.72 -10.40
CA GLN A 274 20.74 29.70 -10.61
C GLN A 274 21.16 29.60 -12.09
N TRP A 275 20.24 29.87 -13.03
CA TRP A 275 20.62 29.87 -14.44
C TRP A 275 21.60 31.01 -14.75
N GLN A 276 21.28 32.18 -14.22
CA GLN A 276 22.14 33.37 -14.41
C GLN A 276 23.48 33.18 -13.73
N GLU A 277 23.46 32.68 -12.50
CA GLU A 277 24.68 32.50 -11.69
C GLU A 277 25.61 31.44 -12.30
N ALA A 278 25.09 30.37 -12.90
CA ALA A 278 26.02 29.31 -13.38
C ALA A 278 26.18 29.23 -14.89
N ALA A 279 25.08 29.06 -15.63
CA ALA A 279 25.11 28.87 -17.07
C ALA A 279 25.22 30.20 -17.84
N ALA A 280 24.33 31.17 -17.55
CA ALA A 280 24.28 32.35 -18.40
C ALA A 280 25.57 33.16 -18.32
N ALA A 281 26.16 33.27 -17.14
CA ALA A 281 27.42 34.00 -17.01
C ALA A 281 28.55 33.27 -17.72
N GLN A 282 28.64 31.95 -17.55
CA GLN A 282 29.71 31.21 -18.21
C GLN A 282 29.61 31.32 -19.74
N LEU A 283 28.38 31.39 -20.27
CA LEU A 283 28.18 31.50 -21.71
C LEU A 283 28.52 32.89 -22.25
N ALA A 284 28.41 33.94 -21.43
CA ALA A 284 28.77 35.27 -21.91
C ALA A 284 30.27 35.42 -22.14
N GLU A 285 31.09 34.55 -21.53
CA GLU A 285 32.53 34.57 -21.68
C GLU A 285 33.04 33.31 -22.37
N CYS A 286 32.16 32.55 -23.03
CA CYS A 286 32.56 31.28 -23.61
C CYS A 286 33.37 31.43 -24.90
N GLY A 287 33.32 32.61 -25.53
CA GLY A 287 34.10 32.92 -26.70
C GLY A 287 33.40 32.78 -28.03
N ASP A 288 32.19 32.22 -28.06
CA ASP A 288 31.51 32.18 -29.36
C ASP A 288 30.61 33.40 -29.53
N PRO A 289 30.76 34.14 -30.64
CA PRO A 289 30.07 35.43 -30.77
C PRO A 289 28.55 35.35 -30.69
N TRP A 290 27.94 34.29 -31.23
CA TRP A 290 26.48 34.21 -31.19
C TRP A 290 25.96 34.13 -29.76
N PHE A 291 26.58 33.26 -28.94
CA PHE A 291 26.12 33.09 -27.58
C PHE A 291 26.36 34.36 -26.75
N GLU A 292 27.52 35.00 -26.92
CA GLU A 292 27.77 36.24 -26.20
C GLU A 292 26.76 37.29 -26.60
N GLU A 293 26.35 37.28 -27.87
CA GLU A 293 25.36 38.25 -28.36
C GLU A 293 23.97 37.95 -27.82
N HIS A 294 23.55 36.69 -27.81
CA HIS A 294 22.16 36.30 -27.61
C HIS A 294 21.83 35.83 -26.19
N ILE A 295 22.81 35.71 -25.29
CA ILE A 295 22.58 35.04 -24.00
C ILE A 295 21.49 35.75 -23.19
N ALA A 296 21.54 37.08 -23.13
CA ALA A 296 20.55 37.82 -22.34
C ALA A 296 19.15 37.54 -22.86
N GLU A 297 18.98 37.57 -24.18
CA GLU A 297 17.67 37.40 -24.79
C GLU A 297 17.14 35.98 -24.66
N LEU A 298 18.04 34.99 -24.71
CA LEU A 298 17.65 33.60 -24.47
C LEU A 298 17.23 33.38 -23.03
N SER A 299 17.87 34.06 -22.07
CA SER A 299 17.53 33.82 -20.68
C SER A 299 16.12 34.30 -20.38
N GLU A 300 15.68 35.35 -21.09
CA GLU A 300 14.33 35.82 -20.89
C GLU A 300 13.31 34.93 -21.59
N MET A 301 13.70 34.27 -22.68
CA MET A 301 12.75 33.37 -23.34
C MET A 301 12.60 32.07 -22.56
N LEU A 302 13.68 31.55 -21.98
CA LEU A 302 13.57 30.30 -21.23
C LEU A 302 12.73 30.48 -19.96
N PHE A 303 12.77 31.66 -19.35
CA PHE A 303 11.95 31.95 -18.19
C PHE A 303 10.77 32.83 -18.56
N SER A 304 10.37 32.81 -19.83
CA SER A 304 9.13 33.45 -20.26
C SER A 304 7.92 32.93 -19.51
N GLY A 305 7.91 31.63 -19.18
CA GLY A 305 6.72 30.96 -18.68
C GLY A 305 5.68 30.60 -19.72
N LYS A 306 5.99 30.78 -21.01
CA LYS A 306 5.10 30.45 -22.10
C LYS A 306 5.86 29.51 -23.04
N HIS A 307 5.24 28.36 -23.34
CA HIS A 307 5.93 27.35 -24.14
C HIS A 307 6.28 27.88 -25.53
N TYR A 308 5.38 28.64 -26.15
CA TYR A 308 5.69 29.07 -27.51
C TYR A 308 6.87 30.04 -27.59
N VAL A 309 7.30 30.60 -26.46
CA VAL A 309 8.54 31.38 -26.44
C VAL A 309 9.75 30.53 -26.07
N ARG A 310 9.63 29.60 -25.11
CA ARG A 310 10.78 28.74 -24.80
C ARG A 310 11.20 27.96 -26.03
N LYS A 311 10.23 27.45 -26.77
CA LYS A 311 10.48 26.72 -28.02
C LYS A 311 11.32 27.53 -29.01
N ASP A 312 11.08 28.83 -29.09
CA ASP A 312 11.91 29.63 -29.99
C ASP A 312 13.34 29.71 -29.46
N ALA A 313 13.52 29.75 -28.15
CA ALA A 313 14.87 29.75 -27.57
C ALA A 313 15.57 28.41 -27.78
N ILE A 314 14.89 27.31 -27.46
CA ILE A 314 15.46 25.98 -27.62
C ILE A 314 15.82 25.74 -29.08
N GLY A 315 14.91 26.09 -29.99
CA GLY A 315 15.19 25.95 -31.40
C GLY A 315 16.37 26.80 -31.84
N GLY A 316 16.47 28.00 -31.30
CA GLY A 316 17.59 28.87 -31.66
C GLY A 316 18.92 28.37 -31.13
N ILE A 317 18.93 27.83 -29.92
CA ILE A 317 20.17 27.28 -29.35
C ILE A 317 20.61 26.05 -30.14
N VAL A 318 19.67 25.13 -30.40
CA VAL A 318 19.97 23.91 -31.15
C VAL A 318 20.52 24.24 -32.53
N ASN A 319 19.84 25.15 -33.26
CA ASN A 319 20.30 25.53 -34.60
C ASN A 319 21.68 26.16 -34.60
N ALA A 320 22.00 26.96 -33.57
CA ALA A 320 23.34 27.57 -33.51
C ALA A 320 24.41 26.51 -33.36
N LEU A 321 24.13 25.44 -32.61
CA LEU A 321 25.14 24.41 -32.42
C LEU A 321 25.36 23.62 -33.71
N LEU A 322 24.27 23.30 -34.42
CA LEU A 322 24.35 22.48 -35.66
C LEU A 322 25.20 23.15 -36.75
N THR A 323 24.99 24.45 -36.95
CA THR A 323 25.67 25.21 -37.99
C THR A 323 27.15 25.38 -37.72
N SER A 324 27.62 24.98 -36.54
CA SER A 324 29.02 25.09 -36.17
C SER A 324 29.71 23.74 -36.21
N ILE A 325 29.15 22.78 -36.94
CA ILE A 325 29.73 21.46 -37.06
C ILE A 325 30.19 21.29 -38.50
N SER A 326 31.37 20.73 -38.66
CA SER A 326 31.94 20.49 -39.98
C SER A 326 32.71 19.17 -39.95
N VAL A 327 32.94 18.63 -41.13
CA VAL A 327 33.77 17.44 -41.30
C VAL A 327 35.21 17.94 -41.45
N LYS A 328 36.09 17.44 -40.61
CA LYS A 328 37.52 17.72 -40.69
C LYS A 328 38.22 16.38 -40.75
N PRO A 329 39.45 16.32 -41.26
CA PRO A 329 40.13 15.03 -41.29
C PRO A 329 40.56 14.58 -39.90
N VAL A 330 40.37 13.29 -39.64
CA VAL A 330 40.92 12.69 -38.43
C VAL A 330 42.42 12.72 -38.56
N GLU A 331 43.07 12.98 -37.46
CA GLU A 331 44.48 13.33 -37.46
C GLU A 331 45.32 12.11 -37.07
N ALA A 332 45.26 11.16 -38.01
CA ALA A 332 45.86 9.84 -37.99
C ALA A 332 45.81 9.23 -39.39
N PRO A 333 46.78 8.27 -39.74
CA PRO A 333 46.90 7.72 -41.11
C PRO A 333 45.91 6.61 -41.49
N PHE A 334 44.62 6.86 -41.28
CA PHE A 334 43.58 5.94 -41.72
C PHE A 334 43.45 5.95 -43.25
N HIS A 335 43.14 4.78 -43.82
CA HIS A 335 42.91 4.67 -45.26
C HIS A 335 41.42 4.68 -45.63
N ASN A 336 40.59 4.08 -44.79
CA ASN A 336 39.14 4.04 -45.04
C ASN A 336 38.50 5.38 -44.71
N GLU A 337 37.67 5.88 -45.63
CA GLU A 337 37.14 7.24 -45.54
C GLU A 337 36.25 7.41 -44.31
N LEU A 338 35.63 6.34 -43.85
CA LEU A 338 34.78 6.42 -42.68
C LEU A 338 35.58 6.57 -41.40
N LEU A 339 36.87 6.24 -41.40
CA LEU A 339 37.67 6.51 -40.22
C LEU A 339 38.60 7.70 -40.41
N ALA A 340 38.76 8.17 -41.63
CA ALA A 340 39.67 9.27 -41.89
C ALA A 340 39.02 10.61 -41.59
N PHE A 341 37.72 10.66 -41.47
CA PHE A 341 37.00 11.91 -41.24
C PHE A 341 36.01 11.77 -40.10
N ASN A 342 35.97 12.76 -39.21
CA ASN A 342 34.91 12.88 -38.23
C ASN A 342 34.26 14.25 -38.35
N ALA A 343 33.09 14.36 -37.76
CA ALA A 343 32.43 15.64 -37.61
C ALA A 343 32.86 16.25 -36.29
N TYR A 344 33.13 17.55 -36.31
CA TYR A 344 33.58 18.26 -35.11
C TYR A 344 32.80 19.55 -34.96
N ILE A 345 32.57 19.94 -33.70
CA ILE A 345 31.95 21.21 -33.40
C ILE A 345 33.05 22.23 -33.23
N GLU A 346 32.78 23.45 -33.68
CA GLU A 346 33.75 24.51 -33.56
C GLU A 346 34.13 24.66 -32.09
N PRO A 347 35.42 24.84 -31.78
CA PRO A 347 35.83 24.77 -30.37
C PRO A 347 35.08 25.73 -29.44
N HIS A 348 34.92 27.00 -29.79
CA HIS A 348 34.22 27.90 -28.87
C HIS A 348 32.78 27.48 -28.71
N MET A 349 32.11 27.13 -29.81
CA MET A 349 30.77 26.59 -29.70
C MET A 349 30.79 25.31 -28.87
N GLY A 350 31.90 24.58 -28.95
CA GLY A 350 32.08 23.42 -28.08
C GLY A 350 32.11 23.79 -26.62
N ASN A 351 32.76 24.91 -26.28
CA ASN A 351 32.79 25.36 -24.89
C ASN A 351 31.38 25.66 -24.37
N ALA A 352 30.55 26.29 -25.21
CA ALA A 352 29.18 26.60 -24.83
C ALA A 352 28.38 25.32 -24.61
N LEU A 353 28.58 24.31 -25.46
CA LEU A 353 27.89 23.03 -25.27
C LEU A 353 28.29 22.41 -23.94
N GLU A 354 29.56 22.56 -23.54
CA GLU A 354 30.01 21.96 -22.28
C GLU A 354 29.43 22.68 -21.07
N VAL A 355 29.24 24.00 -21.17
CA VAL A 355 28.53 24.75 -20.14
C VAL A 355 27.10 24.23 -19.99
N LEU A 356 26.44 23.94 -21.09
CA LEU A 356 25.07 23.43 -20.99
C LEU A 356 25.06 22.03 -20.40
N LYS A 357 26.00 21.18 -20.84
CA LYS A 357 26.05 19.81 -20.33
C LYS A 357 26.40 19.82 -18.85
N HIS A 358 27.42 20.57 -18.46
CA HIS A 358 27.80 20.62 -17.06
C HIS A 358 26.71 21.23 -16.20
N PHE A 359 25.97 22.20 -16.74
CA PHE A 359 24.94 22.84 -15.93
C PHE A 359 23.76 21.91 -15.72
N VAL A 360 23.37 21.18 -16.74
CA VAL A 360 22.22 20.30 -16.58
C VAL A 360 22.60 19.15 -15.66
N SER A 361 23.88 18.76 -15.66
CA SER A 361 24.25 17.63 -14.83
C SER A 361 24.30 17.97 -13.34
N GLN A 362 24.69 19.19 -12.97
CA GLN A 362 24.81 19.54 -11.55
C GLN A 362 23.47 19.99 -10.94
N TYR A 363 22.47 20.33 -11.75
CA TYR A 363 21.15 20.73 -11.29
C TYR A 363 20.02 19.81 -11.75
N VAL A 364 20.31 18.71 -12.44
CA VAL A 364 19.28 17.75 -12.82
C VAL A 364 19.70 16.35 -12.36
N ILE A 365 21.01 16.10 -12.30
CA ILE A 365 21.55 14.79 -11.96
C ILE A 365 22.27 14.79 -10.61
N GLN A 366 23.19 15.73 -10.43
CA GLN A 366 23.97 15.74 -9.20
C GLN A 366 23.24 16.39 -8.03
N ILE A 367 22.00 16.01 -7.83
CA ILE A 367 21.20 16.51 -6.68
C ILE A 367 20.84 15.28 -5.84
N PRO A 368 20.72 15.42 -4.51
CA PRO A 368 20.47 14.27 -3.64
C PRO A 368 19.22 13.47 -3.97
N GLN A 369 18.15 14.11 -4.43
CA GLN A 369 16.92 13.32 -4.72
C GLN A 369 17.24 12.28 -5.80
N VAL A 370 18.02 12.66 -6.81
CA VAL A 370 18.40 11.70 -7.87
C VAL A 370 19.49 10.78 -7.35
N GLN A 371 20.44 11.31 -6.61
CA GLN A 371 21.53 10.47 -6.17
C GLN A 371 21.08 9.41 -5.16
N ARG A 372 20.06 9.72 -4.33
CA ARG A 372 19.54 8.69 -3.43
C ARG A 372 18.84 7.58 -4.20
N PHE A 373 18.10 7.93 -5.25
CA PHE A 373 17.46 6.94 -6.11
C PHE A 373 18.50 6.04 -6.78
N GLU A 374 19.65 6.60 -7.15
CA GLU A 374 20.69 5.79 -7.77
C GLU A 374 21.33 4.87 -6.75
N TYR A 375 21.50 5.35 -5.52
CA TYR A 375 22.00 4.48 -4.46
C TYR A 375 21.04 3.32 -4.22
N LYS A 376 19.74 3.61 -4.19
CA LYS A 376 18.77 2.54 -4.04
C LYS A 376 18.88 1.57 -5.19
N GLY A 377 18.91 2.11 -6.41
CA GLY A 377 18.98 1.24 -7.58
C GLY A 377 20.19 0.34 -7.57
N GLN A 378 21.34 0.87 -7.15
CA GLN A 378 22.55 0.07 -7.22
C GLN A 378 22.57 -1.00 -6.14
N GLN A 379 21.98 -0.74 -4.96
CA GLN A 379 21.81 -1.78 -3.96
C GLN A 379 20.82 -2.83 -4.45
N LEU A 380 19.76 -2.38 -5.11
CA LEU A 380 18.72 -3.27 -5.59
C LEU A 380 19.26 -4.20 -6.67
N ILE A 381 20.05 -3.67 -7.62
CA ILE A 381 20.65 -4.48 -8.66
C ILE A 381 21.60 -5.52 -8.05
N MET A 382 22.38 -5.13 -7.03
CA MET A 382 23.29 -6.10 -6.45
C MET A 382 22.52 -7.22 -5.76
N ASP A 383 21.38 -6.87 -5.14
CA ASP A 383 20.55 -7.89 -4.51
C ASP A 383 20.07 -8.91 -5.54
N LEU A 384 19.56 -8.44 -6.69
CA LEU A 384 19.08 -9.35 -7.71
C LEU A 384 20.21 -10.25 -8.21
N PHE A 385 21.39 -9.66 -8.43
CA PHE A 385 22.50 -10.44 -8.97
C PHE A 385 22.92 -11.55 -8.00
N GLU A 386 22.98 -11.27 -6.71
CA GLU A 386 23.44 -12.30 -5.78
C GLU A 386 22.37 -13.38 -5.60
N ALA A 387 21.09 -13.01 -5.65
CA ALA A 387 20.06 -14.04 -5.57
C ALA A 387 20.06 -14.90 -6.82
N LEU A 388 20.04 -14.28 -8.00
CA LEU A 388 19.94 -15.05 -9.23
C LEU A 388 21.14 -15.93 -9.42
N SER A 389 22.32 -15.42 -9.12
CA SER A 389 23.47 -16.31 -9.26
C SER A 389 23.53 -17.35 -8.14
N ALA A 390 22.67 -17.23 -7.13
CA ALA A 390 22.62 -18.24 -6.06
C ALA A 390 22.07 -19.57 -6.57
N ASP A 391 20.93 -19.55 -7.26
CA ASP A 391 20.45 -20.71 -7.99
C ASP A 391 19.79 -20.19 -9.26
N PRO A 392 20.56 -20.08 -10.34
CA PRO A 392 20.01 -19.51 -11.57
C PRO A 392 18.94 -20.38 -12.18
N GLU A 393 19.13 -21.71 -12.20
CA GLU A 393 18.24 -22.58 -12.95
C GLU A 393 16.85 -22.61 -12.35
N ARG A 394 16.74 -22.37 -11.05
CA ARG A 394 15.43 -22.34 -10.42
C ARG A 394 14.83 -20.93 -10.27
N LEU A 395 15.63 -19.87 -10.30
CA LEU A 395 15.07 -18.54 -10.07
C LEU A 395 14.90 -17.70 -11.33
N LEU A 396 15.68 -17.96 -12.39
CA LEU A 396 15.51 -17.23 -13.64
C LEU A 396 14.20 -17.63 -14.33
N PRO A 397 13.62 -16.73 -15.12
CA PRO A 397 12.52 -17.16 -16.01
C PRO A 397 12.98 -18.35 -16.84
N GLN A 398 12.02 -19.21 -17.19
CA GLN A 398 12.36 -20.54 -17.70
C GLN A 398 13.28 -20.46 -18.91
N ALA A 399 12.96 -19.58 -19.87
CA ALA A 399 13.79 -19.45 -21.08
C ALA A 399 15.19 -18.94 -20.76
N THR A 400 15.28 -17.96 -19.84
CA THR A 400 16.59 -17.46 -19.43
C THR A 400 17.38 -18.53 -18.70
N GLY A 401 16.69 -19.37 -17.91
CA GLY A 401 17.35 -20.50 -17.29
C GLY A 401 17.99 -21.45 -18.30
N GLU A 402 17.31 -21.67 -19.43
CA GLU A 402 17.85 -22.53 -20.47
C GLU A 402 19.12 -21.92 -21.07
N LYS A 403 19.10 -20.61 -21.40
CA LYS A 403 20.30 -20.00 -21.94
C LYS A 403 21.44 -20.04 -20.94
N TRP A 404 21.11 -20.03 -19.64
CA TRP A 404 22.15 -20.12 -18.63
C TRP A 404 22.80 -21.50 -18.64
N ARG A 405 21.99 -22.55 -18.76
CA ARG A 405 22.55 -23.90 -18.81
C ARG A 405 23.46 -24.05 -20.02
N LYS A 406 22.99 -23.59 -21.19
CA LYS A 406 23.79 -23.68 -22.39
C LYS A 406 25.08 -22.87 -22.24
N ALA A 407 24.99 -21.70 -21.62
CA ALA A 407 26.15 -20.82 -21.48
C ALA A 407 27.17 -21.36 -20.50
N GLN A 408 26.81 -22.33 -19.67
CA GLN A 408 27.77 -22.79 -18.68
C GLN A 408 28.80 -23.76 -19.25
N GLU A 409 28.55 -24.32 -20.43
CA GLU A 409 29.56 -25.11 -21.10
C GLU A 409 30.78 -24.28 -21.48
N GLN A 410 30.60 -22.97 -21.64
CA GLN A 410 31.71 -22.06 -21.88
C GLN A 410 31.92 -21.14 -20.70
N ASP A 411 31.38 -21.49 -19.53
CA ASP A 411 31.58 -20.73 -18.30
C ASP A 411 31.22 -19.26 -18.50
N GLU A 412 30.10 -19.02 -19.19
CA GLU A 412 29.57 -17.68 -19.38
C GLU A 412 28.19 -17.52 -18.72
N GLY A 413 27.92 -18.32 -17.69
CA GLY A 413 26.63 -18.22 -17.02
C GLY A 413 26.39 -16.85 -16.41
N MET A 414 27.44 -16.21 -15.89
CA MET A 414 27.28 -14.89 -15.28
C MET A 414 26.90 -13.83 -16.29
N ARG A 415 27.40 -13.92 -17.52
CA ARG A 415 27.06 -12.91 -18.52
C ARG A 415 25.58 -12.98 -18.86
N VAL A 416 25.00 -14.18 -18.78
CA VAL A 416 23.57 -14.36 -19.05
C VAL A 416 22.72 -13.66 -17.98
N ILE A 417 23.12 -13.79 -16.71
CA ILE A 417 22.41 -13.11 -15.64
C ILE A 417 22.52 -11.61 -15.81
N CYS A 418 23.70 -11.16 -16.24
CA CYS A 418 23.93 -9.73 -16.43
C CYS A 418 23.11 -9.21 -17.60
N ASP A 419 23.05 -9.97 -18.70
CA ASP A 419 22.16 -9.62 -19.80
C ASP A 419 20.72 -9.46 -19.32
N TYR A 420 20.25 -10.43 -18.53
CA TYR A 420 18.87 -10.42 -18.06
C TYR A 420 18.59 -9.19 -17.20
N ILE A 421 19.46 -8.88 -16.25
CA ILE A 421 19.20 -7.71 -15.44
C ILE A 421 19.35 -6.43 -16.26
N ALA A 422 20.40 -6.33 -17.08
CA ALA A 422 20.63 -5.12 -17.86
C ALA A 422 19.41 -4.74 -18.69
N ALA A 423 18.65 -5.73 -19.14
CA ALA A 423 17.48 -5.47 -19.96
C ALA A 423 16.21 -5.20 -19.17
N MET A 424 16.25 -5.21 -17.83
CA MET A 424 15.04 -4.89 -17.07
C MET A 424 14.79 -3.39 -17.09
N THR A 425 13.51 -3.00 -17.02
CA THR A 425 13.12 -1.65 -16.65
C THR A 425 13.16 -1.49 -15.13
N ASP A 426 13.07 -0.25 -14.67
CA ASP A 426 13.03 -0.04 -13.22
C ASP A 426 11.82 -0.73 -12.60
N ALA A 427 10.66 -0.66 -13.26
CA ALA A 427 9.50 -1.32 -12.67
C ALA A 427 9.71 -2.83 -12.59
N TYR A 428 10.29 -3.44 -13.63
CA TYR A 428 10.51 -4.88 -13.61
C TYR A 428 11.50 -5.30 -12.52
N ALA A 429 12.60 -4.57 -12.42
CA ALA A 429 13.58 -4.92 -11.38
C ALA A 429 12.97 -4.78 -9.99
N GLN A 430 12.22 -3.72 -9.73
CA GLN A 430 11.66 -3.57 -8.37
C GLN A 430 10.70 -4.71 -8.11
N ARG A 431 9.85 -5.04 -9.07
CA ARG A 431 8.89 -6.12 -8.80
C ARG A 431 9.66 -7.42 -8.57
N LEU A 432 10.67 -7.69 -9.36
CA LEU A 432 11.44 -8.90 -9.13
C LEU A 432 12.10 -8.84 -7.76
N HIS A 433 12.59 -7.66 -7.38
CA HIS A 433 13.16 -7.54 -6.05
C HIS A 433 12.10 -7.80 -4.96
N GLN A 434 10.87 -7.32 -5.17
CA GLN A 434 9.82 -7.61 -4.19
C GLN A 434 9.47 -9.11 -4.14
N GLN A 435 9.53 -9.81 -5.28
CA GLN A 435 9.24 -11.24 -5.26
C GLN A 435 10.31 -12.04 -4.53
N LEU A 436 11.55 -11.56 -4.53
CA LEU A 436 12.65 -12.31 -3.92
C LEU A 436 12.94 -11.89 -2.48
N PHE A 437 12.51 -10.70 -2.05
CA PHE A 437 12.93 -10.27 -0.72
C PHE A 437 11.85 -9.66 0.15
N SER A 438 10.87 -8.99 -0.43
CA SER A 438 9.92 -8.29 0.43
C SER A 438 9.12 -9.29 1.28
N ASN B 8 -3.08 22.42 -55.92
CA ASN B 8 -3.07 23.80 -55.47
C ASN B 8 -2.09 24.00 -54.32
N PRO B 9 -1.28 25.08 -54.32
CA PRO B 9 -0.41 25.32 -53.15
C PRO B 9 -1.15 25.73 -51.89
N GLU B 10 -2.46 25.93 -51.96
CA GLU B 10 -3.23 26.22 -50.76
C GLU B 10 -3.24 25.08 -49.78
N TRP B 11 -2.94 23.87 -50.24
CA TRP B 11 -2.86 22.73 -49.34
C TRP B 11 -1.58 22.71 -48.53
N LEU B 12 -0.58 23.53 -48.88
CA LEU B 12 0.64 23.64 -48.11
C LEU B 12 0.62 24.79 -47.11
N ALA B 13 -0.47 25.54 -47.05
CA ALA B 13 -0.54 26.75 -46.23
C ALA B 13 -0.86 26.40 -44.77
N ARG B 14 -0.43 27.30 -43.88
CA ARG B 14 -0.68 27.19 -42.42
C ARG B 14 -1.68 28.28 -42.02
N ASN B 15 -2.36 28.12 -40.88
CA ASN B 15 -3.37 29.12 -40.44
C ASN B 15 -2.70 30.47 -40.20
N ASN B 16 -1.48 30.47 -39.63
CA ASN B 16 -0.76 31.74 -39.37
C ASN B 16 0.29 31.95 -40.47
N ARG B 22 13.74 29.61 -41.22
CA ARG B 22 15.19 29.90 -41.35
C ARG B 22 15.70 29.67 -42.77
N ARG B 23 16.88 30.19 -43.05
CA ARG B 23 17.45 30.20 -44.38
C ARG B 23 17.79 28.78 -44.84
N ASN B 24 18.44 28.00 -43.96
CA ASN B 24 18.92 26.63 -44.07
C ASN B 24 17.86 25.54 -43.84
N ASP B 25 16.61 25.90 -43.55
CA ASP B 25 15.56 24.90 -43.35
C ASP B 25 14.90 24.74 -44.72
N HIS B 26 15.29 23.70 -45.44
CA HIS B 26 14.77 23.43 -46.77
C HIS B 26 13.81 22.25 -46.76
N ARG B 27 13.20 21.97 -45.61
CA ARG B 27 12.28 20.86 -45.48
C ARG B 27 10.93 21.18 -46.12
N SER B 28 10.23 20.12 -46.50
CA SER B 28 8.90 20.30 -47.02
C SER B 28 7.98 20.70 -45.88
N PRO B 29 6.84 21.28 -46.22
CA PRO B 29 5.85 21.58 -45.18
C PRO B 29 5.47 20.34 -44.38
N PHE B 30 5.48 19.17 -45.02
CA PHE B 30 5.08 17.95 -44.34
C PHE B 30 6.18 17.41 -43.46
N GLN B 31 7.44 17.68 -43.80
CA GLN B 31 8.52 17.34 -42.89
C GLN B 31 8.46 18.18 -41.63
N ARG B 32 8.03 19.44 -41.75
CA ARG B 32 7.94 20.26 -40.56
C ARG B 32 6.77 19.84 -39.68
N ASP B 33 5.66 19.41 -40.28
CA ASP B 33 4.54 18.88 -39.51
C ASP B 33 4.95 17.62 -38.74
N ARG B 34 5.69 16.73 -39.39
CA ARG B 34 6.13 15.53 -38.70
C ARG B 34 7.02 15.88 -37.51
N ALA B 35 7.97 16.80 -37.68
CA ALA B 35 8.84 17.19 -36.57
C ALA B 35 8.04 17.81 -35.44
N ARG B 36 7.05 18.65 -35.75
CA ARG B 36 6.25 19.25 -34.69
C ARG B 36 5.52 18.18 -33.91
N ILE B 37 4.87 17.25 -34.61
CA ILE B 37 4.12 16.20 -33.93
C ILE B 37 5.06 15.36 -33.08
N LEU B 38 6.23 15.01 -33.61
CA LEU B 38 7.15 14.21 -32.83
C LEU B 38 7.59 14.93 -31.56
N HIS B 39 7.67 16.27 -31.59
CA HIS B 39 8.10 17.04 -30.43
C HIS B 39 6.97 17.40 -29.48
N SER B 40 5.71 17.17 -29.85
CA SER B 40 4.61 17.70 -29.06
C SER B 40 4.43 16.93 -27.75
N ALA B 41 3.95 17.65 -26.72
CA ALA B 41 3.60 16.98 -25.47
C ALA B 41 2.48 15.97 -25.70
N ALA B 42 1.56 16.28 -26.61
CA ALA B 42 0.48 15.36 -26.91
C ALA B 42 1.00 14.04 -27.44
N PHE B 43 2.04 14.08 -28.27
CA PHE B 43 2.59 12.84 -28.82
C PHE B 43 3.36 12.06 -27.76
N ARG B 44 4.13 12.77 -26.94
CA ARG B 44 4.92 12.11 -25.92
C ARG B 44 4.06 11.38 -24.90
N ARG B 45 2.84 11.89 -24.65
CA ARG B 45 1.92 11.29 -23.68
C ARG B 45 1.44 9.90 -24.12
N LEU B 46 1.51 9.59 -25.42
CA LEU B 46 1.11 8.25 -25.84
C LEU B 46 2.00 7.15 -25.30
N GLN B 47 3.17 7.47 -24.73
CA GLN B 47 4.00 6.44 -24.09
C GLN B 47 3.40 5.95 -22.80
N ALA B 48 2.56 6.74 -22.15
CA ALA B 48 1.98 6.28 -20.88
C ALA B 48 0.79 5.38 -21.14
N LYS B 49 0.01 5.67 -22.18
CA LYS B 49 -1.18 4.91 -22.52
C LYS B 49 -0.80 3.63 -23.25
N LEU B 57 4.65 -10.17 -14.50
CA LEU B 57 6.04 -9.74 -14.58
C LEU B 57 6.62 -10.12 -15.92
N ASN B 58 6.43 -9.24 -16.89
CA ASN B 58 6.90 -9.43 -18.26
C ASN B 58 7.66 -8.18 -18.72
N ASP B 59 8.05 -8.17 -19.99
CA ASP B 59 8.81 -7.07 -20.58
C ASP B 59 8.06 -6.48 -21.76
N PHE B 60 6.73 -6.39 -21.64
CA PHE B 60 5.86 -5.86 -22.69
C PHE B 60 5.70 -4.34 -22.55
N HIS B 61 5.99 -3.61 -23.64
CA HIS B 61 5.91 -2.15 -23.65
C HIS B 61 5.28 -1.63 -24.94
N ARG B 62 4.14 -2.18 -25.30
CA ARG B 62 3.38 -1.68 -26.43
C ARG B 62 2.41 -0.62 -25.94
N THR B 63 2.57 0.55 -26.46
CA THR B 63 1.81 1.72 -26.08
C THR B 63 1.12 2.25 -27.32
N ARG B 64 0.35 3.31 -27.12
CA ARG B 64 -0.23 4.01 -28.26
C ARG B 64 0.85 4.62 -29.12
N LEU B 65 2.00 4.92 -28.52
CA LEU B 65 3.11 5.47 -29.30
C LEU B 65 3.67 4.42 -30.25
N THR B 66 3.99 3.23 -29.74
CA THR B 66 4.47 2.16 -30.61
C THR B 66 3.41 1.80 -31.65
N HIS B 67 2.12 1.76 -31.27
CA HIS B 67 1.07 1.51 -32.26
C HIS B 67 1.12 2.54 -33.37
N SER B 68 1.41 3.79 -33.03
CA SER B 68 1.45 4.83 -34.05
C SER B 68 2.70 4.74 -34.92
N LEU B 69 3.84 4.31 -34.37
CA LEU B 69 5.01 4.11 -35.21
C LEU B 69 4.77 2.98 -36.20
N GLU B 70 4.17 1.87 -35.75
CA GLU B 70 3.90 0.76 -36.67
C GLU B 70 2.90 1.16 -37.76
N ALA B 71 1.87 1.94 -37.41
CA ALA B 71 0.96 2.41 -38.44
C ALA B 71 1.69 3.26 -39.46
N ALA B 72 2.57 4.15 -38.98
CA ALA B 72 3.30 5.03 -39.89
C ALA B 72 4.16 4.22 -40.85
N GLN B 73 4.79 3.15 -40.36
CA GLN B 73 5.64 2.36 -41.25
C GLN B 73 4.83 1.55 -42.26
N ILE B 74 3.64 1.10 -41.87
CA ILE B 74 2.76 0.45 -42.85
C ILE B 74 2.25 1.47 -43.85
N GLY B 75 1.96 2.69 -43.39
CA GLY B 75 1.48 3.73 -44.29
C GLY B 75 2.46 4.05 -45.40
N THR B 76 3.74 4.20 -45.06
CA THR B 76 4.73 4.48 -46.10
C THR B 76 4.90 3.29 -47.03
N GLY B 77 4.74 2.08 -46.50
CA GLY B 77 4.79 0.88 -47.34
C GLY B 77 3.60 0.82 -48.30
N ILE B 78 2.41 1.26 -47.84
CA ILE B 78 1.25 1.29 -48.72
C ILE B 78 1.48 2.26 -49.86
N VAL B 79 1.99 3.44 -49.55
CA VAL B 79 2.28 4.42 -50.60
C VAL B 79 3.27 3.85 -51.61
N ALA B 80 4.31 3.14 -51.13
CA ALA B 80 5.31 2.57 -52.03
C ALA B 80 4.67 1.55 -52.98
N GLN B 81 3.72 0.76 -52.49
CA GLN B 81 3.09 -0.25 -53.35
C GLN B 81 2.19 0.41 -54.37
N ILE B 82 1.50 1.49 -53.99
CA ILE B 82 0.65 2.17 -54.95
C ILE B 82 1.49 2.90 -55.99
N LYS B 83 2.61 3.50 -55.59
CA LYS B 83 3.42 4.20 -56.59
C LYS B 83 4.13 3.25 -57.55
N LEU B 84 4.15 1.95 -57.25
CA LEU B 84 4.68 0.95 -58.15
C LEU B 84 3.63 0.37 -59.05
N LYS B 85 2.44 0.14 -58.53
CA LYS B 85 1.40 -0.51 -59.32
C LYS B 85 0.51 0.49 -60.05
N GLN B 86 0.43 1.73 -59.56
CA GLN B 86 -0.44 2.74 -60.16
C GLN B 86 0.31 4.06 -60.34
N PRO B 87 1.19 4.14 -61.33
CA PRO B 87 1.94 5.38 -61.57
C PRO B 87 1.05 6.58 -61.87
N GLU B 88 -0.14 6.37 -62.46
CA GLU B 88 -1.08 7.46 -62.71
C GLU B 88 -1.26 8.36 -61.48
N PHE B 89 -1.11 7.80 -60.28
CA PHE B 89 -1.42 8.52 -59.04
C PHE B 89 -0.19 9.01 -58.28
N ARG B 90 0.98 9.08 -58.91
CA ARG B 90 2.20 9.37 -58.14
C ARG B 90 2.25 10.83 -57.71
N GLU B 91 1.57 11.74 -58.43
CA GLU B 91 1.56 13.14 -57.98
C GLU B 91 0.63 13.35 -56.82
N LEU B 92 -0.42 12.54 -56.74
CA LEU B 92 -1.50 12.71 -55.78
C LEU B 92 -1.22 12.05 -54.45
N LEU B 93 -0.48 10.93 -54.44
CA LEU B 93 -0.28 10.21 -53.20
C LEU B 93 0.51 11.05 -52.20
N PRO B 94 0.27 10.84 -50.90
CA PRO B 94 0.99 11.59 -49.86
C PRO B 94 2.47 11.23 -49.79
N SER B 95 3.30 12.23 -49.49
CA SER B 95 4.69 12.00 -49.20
C SER B 95 4.84 11.13 -47.95
N ASP B 96 6.07 10.64 -47.74
CA ASP B 96 6.35 9.79 -46.58
C ASP B 96 6.03 10.52 -45.27
N SER B 97 6.45 11.78 -45.16
CA SER B 97 6.26 12.51 -43.92
C SER B 97 4.81 12.95 -43.70
N LEU B 98 4.02 13.08 -44.78
CA LEU B 98 2.61 13.36 -44.59
C LEU B 98 1.86 12.14 -44.06
N ILE B 99 2.11 10.97 -44.65
CA ILE B 99 1.45 9.79 -44.12
C ILE B 99 2.01 9.48 -42.73
N ASP B 100 3.31 9.73 -42.51
CA ASP B 100 3.87 9.60 -41.15
C ASP B 100 3.12 10.49 -40.18
N SER B 101 2.87 11.73 -40.59
CA SER B 101 2.29 12.68 -39.66
C SER B 101 0.88 12.25 -39.28
N LEU B 102 0.13 11.70 -40.22
CA LEU B 102 -1.24 11.33 -39.89
C LEU B 102 -1.29 10.12 -38.96
N CYS B 103 -0.32 9.23 -39.04
CA CYS B 103 -0.34 8.07 -38.17
C CYS B 103 0.27 8.36 -36.82
N LEU B 104 1.15 9.36 -36.76
CA LEU B 104 1.71 9.70 -35.48
C LEU B 104 0.68 10.42 -34.62
N ALA B 105 -0.26 11.12 -35.26
CA ALA B 105 -1.20 11.97 -34.58
C ALA B 105 -2.56 11.34 -34.36
N HIS B 106 -2.87 10.21 -35.03
CA HIS B 106 -4.25 9.71 -35.10
C HIS B 106 -4.82 9.40 -33.71
N ASP B 107 -3.98 9.06 -32.75
CA ASP B 107 -4.43 8.65 -31.43
C ASP B 107 -4.18 9.72 -30.36
N ILE B 108 -3.86 10.95 -30.77
CA ILE B 108 -3.46 11.99 -29.83
C ILE B 108 -4.60 12.37 -28.87
N GLY B 109 -5.83 12.34 -29.35
CA GLY B 109 -6.97 12.83 -28.62
C GLY B 109 -7.57 11.86 -27.63
N HIS B 110 -7.03 10.67 -27.52
CA HIS B 110 -7.65 9.69 -26.66
C HIS B 110 -7.50 10.08 -25.19
N PRO B 111 -8.54 9.91 -24.40
CA PRO B 111 -8.48 10.30 -23.01
C PRO B 111 -7.87 9.19 -22.16
N PRO B 112 -7.60 9.44 -20.88
CA PRO B 112 -7.25 8.35 -19.98
C PRO B 112 -8.32 7.27 -20.03
N TYR B 113 -7.90 6.03 -19.88
CA TYR B 113 -8.82 4.89 -19.77
C TYR B 113 -9.59 4.63 -21.06
N GLY B 114 -9.03 5.03 -22.21
CA GLY B 114 -9.57 4.57 -23.48
C GLY B 114 -11.05 4.84 -23.63
N HIS B 115 -11.80 3.82 -24.06
CA HIS B 115 -13.24 4.01 -24.27
C HIS B 115 -13.95 4.35 -22.97
N GLY B 116 -13.46 3.83 -21.85
CA GLY B 116 -14.09 4.12 -20.58
C GLY B 116 -13.99 5.58 -20.22
N GLY B 117 -12.82 6.18 -20.44
CA GLY B 117 -12.68 7.61 -20.25
C GLY B 117 -13.58 8.38 -21.18
N GLU B 118 -13.67 7.92 -22.43
CA GLU B 118 -14.44 8.61 -23.44
C GLU B 118 -15.91 8.64 -23.07
N ILE B 119 -16.41 7.54 -22.51
CA ILE B 119 -17.82 7.47 -22.15
C ILE B 119 -18.13 8.45 -21.03
N ALA B 120 -17.22 8.50 -20.05
CA ALA B 120 -17.39 9.40 -18.92
C ALA B 120 -17.39 10.85 -19.36
N LEU B 121 -16.37 11.26 -20.12
CA LEU B 121 -16.30 12.66 -20.54
C LEU B 121 -17.49 13.04 -21.40
N ASN B 122 -17.89 12.15 -22.31
CA ASN B 122 -19.04 12.44 -23.16
C ASN B 122 -20.30 12.62 -22.33
N TYR B 123 -20.49 11.76 -21.34
CA TYR B 123 -21.67 11.91 -20.49
C TYR B 123 -21.59 13.19 -19.68
N MET B 124 -20.41 13.53 -19.15
CA MET B 124 -20.31 14.76 -18.36
C MET B 124 -20.41 16.01 -19.23
N MET B 125 -20.18 15.89 -20.54
CA MET B 125 -20.36 17.01 -21.44
C MET B 125 -21.67 16.93 -22.23
N ARG B 126 -22.64 16.14 -21.73
CA ARG B 126 -23.86 15.87 -22.49
C ARG B 126 -24.57 17.15 -22.91
N ASP B 127 -24.45 18.21 -22.11
CA ASP B 127 -25.09 19.47 -22.43
C ASP B 127 -24.11 20.53 -22.95
N HIS B 128 -22.91 20.13 -23.37
CA HIS B 128 -21.94 21.14 -23.77
C HIS B 128 -21.08 20.67 -24.95
N GLY B 129 -21.65 19.88 -25.84
CA GLY B 129 -20.99 19.46 -27.05
C GLY B 129 -20.43 18.06 -27.03
N GLY B 130 -20.47 17.37 -25.90
CA GLY B 130 -20.01 16.00 -25.81
C GLY B 130 -18.48 15.92 -25.82
N PHE B 131 -17.98 14.69 -25.79
CA PHE B 131 -16.56 14.44 -25.95
C PHE B 131 -16.38 13.28 -26.90
N GLU B 132 -15.37 13.37 -27.77
CA GLU B 132 -15.01 12.28 -28.67
C GLU B 132 -13.54 12.40 -29.07
N GLY B 133 -12.85 11.26 -29.13
CA GLY B 133 -11.40 11.26 -29.28
C GLY B 133 -10.90 11.88 -30.59
N ASN B 134 -11.58 11.62 -31.70
CA ASN B 134 -11.17 12.22 -32.98
C ASN B 134 -11.38 13.72 -33.00
N ALA B 135 -12.53 14.18 -32.49
CA ALA B 135 -12.75 15.60 -32.24
C ALA B 135 -11.66 16.18 -31.35
N GLN B 136 -11.27 15.43 -30.30
CA GLN B 136 -10.24 15.91 -29.40
C GLN B 136 -8.91 16.02 -30.13
N THR B 137 -8.59 15.06 -30.97
CA THR B 137 -7.37 15.13 -31.78
C THR B 137 -7.36 16.39 -32.64
N PHE B 138 -8.48 16.69 -33.31
CA PHE B 138 -8.56 17.92 -34.09
C PHE B 138 -8.35 19.14 -33.19
N ARG B 139 -9.00 19.14 -32.01
CA ARG B 139 -8.89 20.29 -31.11
C ARG B 139 -7.47 20.47 -30.58
N ILE B 140 -6.74 19.38 -30.34
CA ILE B 140 -5.38 19.49 -29.81
C ILE B 140 -4.45 20.13 -30.84
N VAL B 141 -4.49 19.67 -32.09
CA VAL B 141 -3.52 20.14 -33.07
C VAL B 141 -3.87 21.52 -33.60
N THR B 142 -5.16 21.88 -33.61
CA THR B 142 -5.53 23.22 -34.06
C THR B 142 -5.53 24.27 -32.93
N SER B 143 -5.50 23.89 -31.64
CA SER B 143 -5.58 24.92 -30.60
C SER B 143 -4.87 24.61 -29.28
N LEU B 144 -4.98 23.40 -28.77
CA LEU B 144 -4.56 23.19 -27.38
C LEU B 144 -3.05 23.05 -27.24
N GLU B 145 -2.40 22.28 -28.10
CA GLU B 145 -0.96 22.06 -27.94
C GLU B 145 -0.24 23.39 -28.09
N PRO B 146 0.51 23.84 -27.11
CA PRO B 146 0.96 25.24 -27.12
C PRO B 146 2.23 25.47 -27.92
N TYR B 147 2.34 24.83 -29.09
CA TYR B 147 3.48 25.11 -29.96
C TYR B 147 3.43 26.54 -30.48
N THR B 148 2.24 27.03 -30.82
CA THR B 148 2.01 28.43 -31.15
C THR B 148 1.01 29.00 -30.15
N GLU B 149 0.83 30.31 -30.18
CA GLU B 149 -0.06 30.93 -29.20
C GLU B 149 -1.52 30.68 -29.54
N HIS B 150 -1.89 30.67 -30.82
CA HIS B 150 -3.29 30.67 -31.19
C HIS B 150 -3.70 29.57 -32.16
N HIS B 151 -2.78 28.76 -32.68
CA HIS B 151 -3.18 27.79 -33.68
C HIS B 151 -2.59 26.41 -33.40
N GLY B 152 -2.33 26.12 -32.14
CA GLY B 152 -1.85 24.79 -31.77
C GLY B 152 -0.54 24.48 -32.47
N MET B 153 -0.46 23.30 -33.08
CA MET B 153 0.75 22.94 -33.81
C MET B 153 0.86 23.70 -35.12
N ASN B 154 -0.22 24.36 -35.54
CA ASN B 154 -0.24 25.17 -36.77
C ASN B 154 0.18 24.33 -37.98
N LEU B 155 -0.47 23.19 -38.13
CA LEU B 155 -0.15 22.26 -39.21
C LEU B 155 -0.68 22.77 -40.55
N SER B 156 -0.06 22.26 -41.62
CA SER B 156 -0.46 22.58 -42.98
C SER B 156 -1.88 22.08 -43.27
N ARG B 157 -2.55 22.73 -44.22
CA ARG B 157 -3.95 22.43 -44.44
C ARG B 157 -4.17 20.97 -44.83
N ARG B 158 -3.33 20.43 -45.72
CA ARG B 158 -3.57 19.06 -46.13
C ARG B 158 -3.39 18.08 -44.97
N THR B 159 -2.41 18.33 -44.10
CA THR B 159 -2.27 17.47 -42.91
C THR B 159 -3.54 17.49 -42.07
N LEU B 160 -4.09 18.67 -41.85
CA LEU B 160 -5.33 18.76 -41.09
C LEU B 160 -6.45 17.99 -41.78
N LEU B 161 -6.55 18.12 -43.12
CA LEU B 161 -7.60 17.40 -43.85
C LEU B 161 -7.45 15.91 -43.70
N GLY B 162 -6.20 15.42 -43.62
CA GLY B 162 -5.98 13.99 -43.43
C GLY B 162 -6.42 13.49 -42.08
N LEU B 163 -6.53 14.38 -41.09
CA LEU B 163 -6.98 14.02 -39.77
C LEU B 163 -8.51 14.02 -39.62
N LEU B 164 -9.27 14.52 -40.61
CA LEU B 164 -10.73 14.55 -40.50
C LEU B 164 -11.30 13.19 -40.93
N LYS B 165 -11.20 12.23 -40.01
CA LYS B 165 -11.80 10.93 -40.23
C LYS B 165 -13.31 11.03 -40.31
N TYR B 166 -13.91 12.03 -39.66
CA TYR B 166 -15.35 12.26 -39.69
C TYR B 166 -15.58 13.74 -39.90
N PRO B 167 -15.60 14.19 -41.14
CA PRO B 167 -15.60 15.62 -41.45
C PRO B 167 -17.00 16.25 -41.35
N ALA B 168 -17.66 16.04 -40.22
CA ALA B 168 -18.88 16.78 -39.89
C ALA B 168 -18.85 17.23 -38.44
N LEU B 169 -19.73 18.17 -38.13
CA LEU B 169 -19.88 18.66 -36.78
C LEU B 169 -20.74 17.72 -35.96
N LEU B 170 -20.47 17.69 -34.65
CA LEU B 170 -21.27 16.84 -33.79
C LEU B 170 -22.71 17.33 -33.68
N SER B 171 -23.02 18.55 -34.11
CA SER B 171 -24.42 18.98 -34.17
C SER B 171 -25.18 18.18 -35.23
N ALA B 172 -24.50 17.73 -36.27
CA ALA B 172 -25.15 16.94 -37.30
C ALA B 172 -25.19 15.45 -36.97
N THR B 173 -24.15 14.91 -36.32
CA THR B 173 -24.05 13.46 -36.12
C THR B 173 -24.57 12.96 -34.77
N PRO B 178 -31.85 12.81 -27.45
CA PRO B 178 -30.75 12.50 -26.52
C PRO B 178 -31.00 11.29 -25.60
N PRO B 179 -29.94 10.56 -25.18
CA PRO B 179 -30.12 9.42 -24.27
C PRO B 179 -30.52 9.90 -22.87
N PRO B 180 -31.38 9.17 -22.13
CA PRO B 180 -31.79 9.60 -20.79
C PRO B 180 -31.33 8.63 -19.69
N ALA B 181 -32.18 8.46 -18.67
CA ALA B 181 -31.97 7.56 -17.50
C ALA B 181 -30.71 7.93 -16.70
N GLN B 187 -24.01 3.89 -11.70
CA GLN B 187 -24.57 2.92 -12.67
C GLN B 187 -24.70 3.60 -14.04
N LEU B 188 -24.07 3.02 -15.06
CA LEU B 188 -24.11 3.59 -16.43
C LEU B 188 -23.86 2.47 -17.43
N LYS B 189 -24.54 2.52 -18.58
CA LYS B 189 -24.41 1.48 -19.59
C LYS B 189 -23.58 2.02 -20.75
N ALA B 190 -22.61 1.23 -21.20
CA ALA B 190 -21.68 1.70 -22.21
C ALA B 190 -22.40 1.98 -23.53
N LYS B 191 -23.37 1.14 -23.90
CA LYS B 191 -24.03 1.30 -25.20
C LYS B 191 -24.73 2.64 -25.32
N ASP B 192 -25.21 3.21 -24.20
CA ASP B 192 -26.07 4.39 -24.25
C ASP B 192 -25.30 5.69 -24.42
N TRP B 193 -24.01 5.69 -24.11
CA TRP B 193 -23.26 6.94 -24.08
C TRP B 193 -22.02 6.93 -24.97
N SER B 194 -21.89 5.96 -25.88
CA SER B 194 -20.79 6.00 -26.82
C SER B 194 -20.98 7.21 -27.73
N PRO B 195 -19.96 8.06 -27.86
CA PRO B 195 -20.16 9.33 -28.57
C PRO B 195 -20.32 9.13 -30.06
N ALA B 196 -21.13 9.99 -30.67
CA ALA B 196 -21.04 10.18 -32.10
C ALA B 196 -19.67 10.75 -32.45
N LYS B 197 -19.31 10.68 -33.72
CA LYS B 197 -17.97 11.03 -34.17
C LYS B 197 -18.03 12.24 -35.07
N GLY B 198 -17.06 13.14 -34.94
CA GLY B 198 -17.12 14.40 -35.68
C GLY B 198 -16.19 15.44 -35.06
N ILE B 199 -16.49 16.69 -35.35
CA ILE B 199 -15.71 17.84 -34.91
C ILE B 199 -16.59 18.67 -33.97
N TYR B 200 -15.99 19.13 -32.85
CA TYR B 200 -16.69 20.00 -31.91
C TYR B 200 -17.12 21.28 -32.61
N ASP B 201 -18.29 21.77 -32.25
CA ASP B 201 -18.75 23.05 -32.79
C ASP B 201 -17.87 24.21 -32.35
N CYS B 202 -17.25 24.12 -31.16
CA CYS B 202 -16.34 25.18 -30.72
C CYS B 202 -15.06 25.26 -31.54
N ASP B 203 -14.80 24.30 -32.45
CA ASP B 203 -13.64 24.34 -33.32
C ASP B 203 -14.04 24.63 -34.77
N LEU B 204 -15.25 25.15 -34.97
CA LEU B 204 -15.76 25.36 -36.32
C LEU B 204 -14.89 26.32 -37.12
N ALA B 205 -14.31 27.33 -36.46
CA ALA B 205 -13.45 28.26 -37.18
C ALA B 205 -12.27 27.55 -37.79
N SER B 206 -11.67 26.60 -37.06
CA SER B 206 -10.51 25.96 -37.64
C SER B 206 -10.91 24.94 -38.69
N LEU B 207 -12.13 24.42 -38.63
CA LEU B 207 -12.64 23.53 -39.65
C LEU B 207 -13.00 24.29 -40.91
N ASP B 208 -13.62 25.47 -40.75
CA ASP B 208 -13.91 26.33 -41.89
C ASP B 208 -12.63 26.68 -42.62
N TRP B 209 -11.55 26.95 -41.87
CA TRP B 209 -10.29 27.28 -42.52
C TRP B 209 -9.75 26.10 -43.32
N VAL B 210 -9.84 24.88 -42.78
CA VAL B 210 -9.30 23.71 -43.47
C VAL B 210 -10.07 23.45 -44.76
N LEU B 211 -11.38 23.62 -44.74
CA LEU B 211 -12.18 23.33 -45.93
C LEU B 211 -12.30 24.52 -46.89
N GLU B 212 -11.65 25.65 -46.60
CA GLU B 212 -11.87 26.86 -47.37
C GLU B 212 -11.59 26.76 -48.88
N PRO B 213 -10.53 26.08 -49.36
CA PRO B 213 -10.29 26.07 -50.80
C PRO B 213 -11.10 25.04 -51.56
N LEU B 214 -12.19 24.56 -50.96
CA LEU B 214 -13.08 23.61 -51.60
C LEU B 214 -14.26 24.35 -52.21
N CYS B 215 -14.73 23.89 -53.36
CA CYS B 215 -15.95 24.47 -53.85
C CYS B 215 -17.11 24.12 -52.93
N GLU B 216 -18.17 24.93 -53.00
CA GLU B 216 -19.34 24.70 -52.15
C GLU B 216 -19.90 23.30 -52.36
N SER B 217 -19.85 22.80 -53.62
CA SER B 217 -20.40 21.48 -53.91
C SER B 217 -19.62 20.37 -53.21
N ASP B 218 -18.30 20.45 -53.19
CA ASP B 218 -17.51 19.48 -52.43
C ASP B 218 -17.79 19.60 -50.94
N ARG B 219 -17.94 20.84 -50.46
CA ARG B 219 -18.10 21.07 -49.03
C ARG B 219 -19.43 20.51 -48.51
N GLU B 220 -20.51 20.64 -49.28
CA GLU B 220 -21.77 20.12 -48.77
C GLU B 220 -21.86 18.61 -48.93
N LEU B 221 -21.07 18.04 -49.83
CA LEU B 221 -20.96 16.60 -49.97
C LEU B 221 -20.06 15.96 -48.89
N LEU B 222 -19.07 16.71 -48.39
CA LEU B 222 -18.14 16.12 -47.44
C LEU B 222 -18.84 15.76 -46.14
N GLY B 223 -19.82 16.57 -45.73
CA GLY B 223 -20.57 16.34 -44.52
C GLY B 223 -21.74 15.40 -44.68
N GLN B 224 -21.73 14.59 -45.74
CA GLN B 224 -22.81 13.68 -46.05
C GLN B 224 -22.74 12.44 -45.16
N MET B 225 -23.92 11.94 -44.75
CA MET B 225 -24.01 10.86 -43.78
C MET B 225 -24.45 9.56 -44.46
N ARG B 226 -24.08 8.45 -43.82
CA ARG B 226 -24.35 7.11 -44.34
C ARG B 226 -25.68 6.57 -43.82
N ARG B 236 -25.95 9.74 -36.44
CA ARG B 236 -25.56 9.78 -37.89
C ARG B 236 -24.07 9.43 -38.03
N LYS B 237 -23.70 8.81 -39.15
CA LYS B 237 -22.28 8.44 -39.40
C LYS B 237 -21.82 9.02 -40.73
N THR B 238 -20.75 9.83 -40.71
CA THR B 238 -20.19 10.40 -41.92
C THR B 238 -19.72 9.28 -42.87
N ARG B 239 -19.79 9.56 -44.16
CA ARG B 239 -19.45 8.57 -45.16
C ARG B 239 -18.06 8.75 -45.78
N PHE B 240 -17.53 9.97 -45.84
CA PHE B 240 -16.42 10.31 -46.73
C PHE B 240 -15.20 10.83 -45.97
N LYS B 241 -14.07 10.83 -46.67
CA LYS B 241 -12.79 11.32 -46.15
C LYS B 241 -11.80 11.47 -47.30
N SER B 242 -10.71 12.19 -47.06
CA SER B 242 -9.70 12.42 -48.07
C SER B 242 -8.86 11.17 -48.34
N LEU B 243 -8.16 11.18 -49.49
CA LEU B 243 -7.29 10.06 -49.89
C LEU B 243 -6.20 9.81 -48.86
N ASP B 244 -5.53 10.87 -48.38
CA ASP B 244 -4.48 10.69 -47.36
C ASP B 244 -5.04 10.01 -46.11
N CYS B 245 -6.29 10.31 -45.76
CA CYS B 245 -6.86 9.76 -44.55
C CYS B 245 -7.33 8.33 -44.73
N SER B 246 -7.82 7.98 -45.92
CA SER B 246 -8.12 6.58 -46.23
C SER B 246 -6.88 5.71 -46.13
N ILE B 247 -5.72 6.24 -46.53
CA ILE B 247 -4.50 5.45 -46.39
C ILE B 247 -4.15 5.26 -44.92
N MET B 248 -4.23 6.33 -44.13
CA MET B 248 -3.92 6.22 -42.71
C MET B 248 -4.86 5.23 -42.03
N GLU B 249 -6.14 5.27 -42.40
CA GLU B 249 -7.11 4.36 -41.80
C GLU B 249 -6.75 2.90 -42.09
N LEU B 250 -6.32 2.60 -43.32
CA LEU B 250 -5.89 1.24 -43.65
C LEU B 250 -4.65 0.84 -42.87
N ALA B 251 -3.68 1.75 -42.74
CA ALA B 251 -2.47 1.40 -42.00
C ALA B 251 -2.78 1.17 -40.52
N ASP B 252 -3.60 2.05 -39.93
CA ASP B 252 -4.04 1.88 -38.55
C ASP B 252 -4.73 0.53 -38.38
N ASP B 253 -5.64 0.18 -39.31
CA ASP B 253 -6.38 -1.07 -39.20
C ASP B 253 -5.47 -2.28 -39.33
N ILE B 254 -4.43 -2.19 -40.18
CA ILE B 254 -3.49 -3.28 -40.33
C ILE B 254 -2.62 -3.42 -39.07
N ALA B 255 -2.15 -2.29 -38.53
CA ALA B 255 -1.37 -2.30 -37.29
C ALA B 255 -2.16 -2.91 -36.15
N TYR B 256 -3.40 -2.46 -35.98
CA TYR B 256 -4.27 -3.03 -34.96
C TYR B 256 -4.44 -4.53 -35.17
N GLY B 257 -4.61 -4.95 -36.42
CA GLY B 257 -4.92 -6.35 -36.67
C GLY B 257 -3.79 -7.32 -36.33
N VAL B 258 -2.55 -6.96 -36.64
CA VAL B 258 -1.46 -7.92 -36.67
C VAL B 258 -0.47 -7.73 -35.53
N HIS B 259 -0.13 -6.48 -35.19
CA HIS B 259 0.95 -6.26 -34.22
C HIS B 259 0.50 -6.43 -32.77
N ASP B 260 -0.81 -6.45 -32.49
CA ASP B 260 -1.30 -6.89 -31.20
C ASP B 260 -1.24 -8.40 -31.06
N LEU B 261 -1.27 -9.10 -32.19
CA LEU B 261 -1.49 -10.55 -32.24
C LEU B 261 -0.33 -11.33 -31.64
N GLU B 262 0.91 -10.87 -31.83
CA GLU B 262 2.05 -11.65 -31.36
C GLU B 262 2.11 -11.70 -29.84
N ASP B 263 1.94 -10.55 -29.18
CA ASP B 263 2.10 -10.55 -27.73
C ASP B 263 0.89 -11.17 -27.07
N ALA B 264 -0.27 -11.11 -27.73
CA ALA B 264 -1.40 -11.86 -27.23
C ALA B 264 -1.07 -13.34 -27.17
N ILE B 265 -0.23 -13.83 -28.10
CA ILE B 265 0.06 -15.26 -28.10
C ILE B 265 1.02 -15.61 -26.98
N VAL B 266 2.05 -14.80 -26.76
CA VAL B 266 3.04 -15.22 -25.76
C VAL B 266 2.53 -14.95 -24.37
N LEU B 267 1.74 -13.89 -24.18
CA LEU B 267 1.16 -13.67 -22.86
C LEU B 267 0.13 -14.71 -22.51
N GLY B 268 -0.18 -15.64 -23.41
CA GLY B 268 -1.15 -16.66 -23.07
C GLY B 268 -2.58 -16.16 -23.09
N MET B 269 -2.84 -14.99 -23.64
CA MET B 269 -4.21 -14.51 -23.72
C MET B 269 -5.04 -15.30 -24.71
N VAL B 270 -4.42 -16.02 -25.64
CA VAL B 270 -5.12 -16.92 -26.54
C VAL B 270 -4.33 -18.22 -26.66
N THR B 271 -5.04 -19.35 -26.57
CA THR B 271 -4.41 -20.64 -26.76
C THR B 271 -4.48 -21.04 -28.24
N ARG B 272 -3.69 -22.06 -28.59
CA ARG B 272 -3.71 -22.58 -29.95
C ARG B 272 -5.12 -22.99 -30.36
N ALA B 273 -5.85 -23.62 -29.45
CA ALA B 273 -7.20 -24.08 -29.78
C ALA B 273 -8.10 -22.92 -30.13
N GLN B 274 -8.03 -21.84 -29.35
CA GLN B 274 -8.93 -20.72 -29.61
C GLN B 274 -8.54 -20.00 -30.89
N TRP B 275 -7.25 -20.01 -31.23
CA TRP B 275 -6.83 -19.45 -32.51
C TRP B 275 -7.40 -20.26 -33.67
N GLN B 276 -7.42 -21.58 -33.53
CA GLN B 276 -7.96 -22.40 -34.61
C GLN B 276 -9.45 -22.17 -34.80
N GLU B 277 -10.21 -22.21 -33.71
CA GLU B 277 -11.67 -22.10 -33.81
C GLU B 277 -12.10 -20.72 -34.28
N ALA B 278 -11.45 -19.68 -33.79
CA ALA B 278 -11.90 -18.31 -34.06
C ALA B 278 -11.28 -17.80 -35.36
N ALA B 279 -9.96 -17.56 -35.35
CA ALA B 279 -9.30 -16.88 -36.46
C ALA B 279 -9.02 -17.82 -37.62
N ALA B 280 -8.37 -18.97 -37.35
CA ALA B 280 -7.85 -19.79 -38.43
C ALA B 280 -8.97 -20.39 -39.27
N ALA B 281 -10.06 -20.82 -38.64
CA ALA B 281 -11.17 -21.38 -39.41
C ALA B 281 -11.84 -20.31 -40.27
N GLN B 282 -12.08 -19.14 -39.71
CA GLN B 282 -12.67 -18.05 -40.48
C GLN B 282 -11.75 -17.59 -41.61
N LEU B 283 -10.43 -17.62 -41.41
CA LEU B 283 -9.49 -17.24 -42.46
C LEU B 283 -9.39 -18.31 -43.55
N ALA B 284 -9.65 -19.57 -43.19
CA ALA B 284 -9.70 -20.62 -44.20
C ALA B 284 -10.91 -20.47 -45.12
N GLU B 285 -11.92 -19.71 -44.72
CA GLU B 285 -13.13 -19.50 -45.53
C GLU B 285 -13.33 -18.05 -45.90
N CYS B 286 -12.31 -17.21 -45.77
CA CYS B 286 -12.45 -15.77 -46.01
C CYS B 286 -12.48 -15.41 -47.49
N GLY B 287 -12.05 -16.30 -48.38
CA GLY B 287 -12.13 -16.05 -49.80
C GLY B 287 -10.86 -15.53 -50.43
N ASP B 288 -9.85 -15.18 -49.64
CA ASP B 288 -8.61 -14.75 -50.32
C ASP B 288 -7.68 -15.95 -50.48
N PRO B 289 -7.17 -16.21 -51.69
CA PRO B 289 -6.40 -17.44 -51.91
C PRO B 289 -5.12 -17.53 -51.09
N TRP B 290 -4.40 -16.43 -50.90
CA TRP B 290 -3.16 -16.52 -50.14
C TRP B 290 -3.43 -16.97 -48.70
N PHE B 291 -4.43 -16.38 -48.05
CA PHE B 291 -4.71 -16.75 -46.68
C PHE B 291 -5.24 -18.18 -46.57
N GLU B 292 -6.09 -18.59 -47.51
CA GLU B 292 -6.59 -19.96 -47.48
C GLU B 292 -5.45 -20.96 -47.68
N GLU B 293 -4.47 -20.59 -48.52
CA GLU B 293 -3.32 -21.44 -48.74
C GLU B 293 -2.37 -21.44 -47.54
N HIS B 294 -2.13 -20.27 -46.95
CA HIS B 294 -1.03 -20.12 -45.99
C HIS B 294 -1.45 -20.22 -44.52
N ILE B 295 -2.74 -20.30 -44.23
CA ILE B 295 -3.18 -20.22 -42.83
C ILE B 295 -2.58 -21.34 -41.98
N ALA B 296 -2.56 -22.57 -42.52
CA ALA B 296 -2.01 -23.70 -41.76
C ALA B 296 -0.57 -23.42 -41.36
N GLU B 297 0.25 -22.96 -42.30
CA GLU B 297 1.64 -22.68 -41.98
C GLU B 297 1.76 -21.40 -41.15
N LEU B 298 0.89 -20.41 -41.38
CA LEU B 298 0.92 -19.22 -40.54
C LEU B 298 0.59 -19.55 -39.09
N SER B 299 -0.36 -20.48 -38.87
CA SER B 299 -0.71 -20.81 -37.48
C SER B 299 0.41 -21.55 -36.77
N GLU B 300 1.19 -22.36 -37.51
CA GLU B 300 2.26 -23.07 -36.84
C GLU B 300 3.41 -22.13 -36.54
N MET B 301 3.61 -21.10 -37.38
CA MET B 301 4.66 -20.13 -37.12
C MET B 301 4.30 -19.21 -35.95
N LEU B 302 3.03 -18.83 -35.84
CA LEU B 302 2.65 -17.93 -34.75
C LEU B 302 2.82 -18.59 -33.39
N PHE B 303 2.67 -19.91 -33.31
CA PHE B 303 2.81 -20.64 -32.06
C PHE B 303 4.12 -21.41 -32.00
N SER B 304 5.10 -21.01 -32.80
CA SER B 304 6.44 -21.60 -32.76
C SER B 304 7.12 -21.42 -31.40
N GLY B 305 6.83 -20.35 -30.69
CA GLY B 305 7.61 -20.03 -29.51
C GLY B 305 8.93 -19.36 -29.78
N LYS B 306 9.20 -18.93 -31.01
CA LYS B 306 10.47 -18.29 -31.32
C LYS B 306 10.17 -16.96 -31.97
N HIS B 307 10.73 -15.87 -31.43
CA HIS B 307 10.40 -14.57 -31.99
C HIS B 307 10.82 -14.51 -33.46
N TYR B 308 11.98 -15.07 -33.81
CA TYR B 308 12.46 -14.95 -35.17
C TYR B 308 11.61 -15.73 -36.16
N VAL B 309 10.77 -16.66 -35.69
CA VAL B 309 9.84 -17.30 -36.60
C VAL B 309 8.51 -16.52 -36.64
N ARG B 310 8.00 -16.10 -35.49
CA ARG B 310 6.72 -15.37 -35.44
C ARG B 310 6.73 -14.10 -36.29
N LYS B 311 7.82 -13.33 -36.24
CA LYS B 311 7.96 -12.14 -37.06
C LYS B 311 7.79 -12.41 -38.57
N ASP B 312 8.21 -13.57 -39.07
CA ASP B 312 7.97 -13.86 -40.48
C ASP B 312 6.49 -14.10 -40.77
N ALA B 313 5.76 -14.73 -39.83
CA ALA B 313 4.32 -14.81 -40.03
C ALA B 313 3.73 -13.40 -40.01
N ILE B 314 4.09 -12.59 -39.01
CA ILE B 314 3.56 -11.23 -38.94
C ILE B 314 3.93 -10.45 -40.19
N GLY B 315 5.19 -10.55 -40.62
CA GLY B 315 5.61 -9.83 -41.82
C GLY B 315 4.85 -10.26 -43.07
N GLY B 316 4.59 -11.56 -43.20
CA GLY B 316 3.86 -12.02 -44.37
C GLY B 316 2.41 -11.59 -44.37
N ILE B 317 1.78 -11.60 -43.18
CA ILE B 317 0.39 -11.14 -43.07
C ILE B 317 0.31 -9.67 -43.43
N VAL B 318 1.23 -8.87 -42.86
CA VAL B 318 1.25 -7.45 -43.13
C VAL B 318 1.44 -7.22 -44.61
N ASN B 319 2.45 -7.87 -45.19
CA ASN B 319 2.74 -7.71 -46.60
C ASN B 319 1.61 -8.19 -47.50
N ALA B 320 0.96 -9.29 -47.14
CA ALA B 320 -0.16 -9.72 -47.98
C ALA B 320 -1.26 -8.68 -47.95
N LEU B 321 -1.47 -8.02 -46.80
CA LEU B 321 -2.50 -7.00 -46.70
C LEU B 321 -2.13 -5.72 -47.43
N LEU B 322 -0.87 -5.30 -47.34
CA LEU B 322 -0.44 -4.05 -47.95
C LEU B 322 -0.54 -4.11 -49.46
N THR B 323 -0.04 -5.18 -50.04
CA THR B 323 0.00 -5.37 -51.48
C THR B 323 -1.37 -5.54 -52.11
N SER B 324 -2.44 -5.52 -51.30
CA SER B 324 -3.81 -5.67 -51.79
C SER B 324 -4.60 -4.36 -51.75
N ILE B 325 -3.91 -3.22 -51.73
CA ILE B 325 -4.56 -1.92 -51.63
C ILE B 325 -4.31 -1.14 -52.90
N SER B 326 -5.35 -0.48 -53.39
CA SER B 326 -5.24 0.35 -54.58
C SER B 326 -6.11 1.58 -54.39
N VAL B 327 -5.83 2.60 -55.20
CA VAL B 327 -6.68 3.79 -55.24
C VAL B 327 -7.71 3.62 -56.36
N LYS B 328 -8.98 3.78 -56.01
CA LYS B 328 -10.12 3.75 -56.89
C LYS B 328 -10.90 5.05 -56.69
N PRO B 329 -11.79 5.41 -57.60
CA PRO B 329 -12.60 6.62 -57.38
C PRO B 329 -13.68 6.44 -56.32
N VAL B 330 -13.92 7.52 -55.53
CA VAL B 330 -15.03 7.57 -54.57
C VAL B 330 -16.36 7.74 -55.30
N GLU B 331 -17.39 7.07 -54.78
CA GLU B 331 -18.71 7.07 -55.41
C GLU B 331 -19.50 8.25 -54.88
N ALA B 332 -19.06 9.42 -55.32
CA ALA B 332 -19.72 10.67 -55.03
C ALA B 332 -19.08 11.65 -55.99
N PRO B 333 -19.82 12.59 -56.50
CA PRO B 333 -19.27 13.46 -57.56
C PRO B 333 -18.38 14.57 -57.01
N PHE B 334 -17.40 14.18 -56.20
CA PHE B 334 -16.41 15.09 -55.67
C PHE B 334 -15.54 15.63 -56.80
N HIS B 335 -15.16 16.89 -56.64
CA HIS B 335 -14.45 17.59 -57.68
C HIS B 335 -12.95 17.67 -57.37
N ASN B 336 -12.63 17.83 -56.09
CA ASN B 336 -11.25 17.92 -55.60
C ASN B 336 -10.62 16.53 -55.58
N GLU B 337 -9.39 16.44 -56.10
CA GLU B 337 -8.75 15.15 -56.29
C GLU B 337 -8.49 14.45 -54.97
N LEU B 338 -8.26 15.22 -53.90
CA LEU B 338 -8.03 14.56 -52.62
C LEU B 338 -9.30 13.95 -52.05
N LEU B 339 -10.47 14.35 -52.56
CA LEU B 339 -11.74 13.75 -52.18
C LEU B 339 -12.33 12.83 -53.25
N ALA B 340 -11.84 12.90 -54.48
CA ALA B 340 -12.41 12.05 -55.52
C ALA B 340 -11.87 10.63 -55.49
N PHE B 341 -10.78 10.39 -54.77
CA PHE B 341 -10.16 9.08 -54.75
C PHE B 341 -9.83 8.67 -53.33
N ASN B 342 -10.12 7.42 -53.01
CA ASN B 342 -9.68 6.79 -51.76
C ASN B 342 -8.88 5.55 -52.10
N ALA B 343 -8.15 5.07 -51.11
CA ALA B 343 -7.49 3.78 -51.17
C ALA B 343 -8.44 2.75 -50.58
N TYR B 344 -8.51 1.60 -51.23
CA TYR B 344 -9.40 0.54 -50.80
C TYR B 344 -8.61 -0.76 -50.76
N ILE B 345 -8.96 -1.59 -49.84
CA ILE B 345 -8.36 -2.92 -49.77
C ILE B 345 -9.25 -3.85 -50.56
N GLU B 346 -8.62 -4.84 -51.20
CA GLU B 346 -9.35 -5.81 -51.98
C GLU B 346 -10.37 -6.54 -51.10
N PRO B 347 -11.60 -6.72 -51.56
CA PRO B 347 -12.67 -7.19 -50.64
C PRO B 347 -12.38 -8.50 -49.90
N HIS B 348 -11.92 -9.56 -50.60
CA HIS B 348 -11.63 -10.81 -49.91
C HIS B 348 -10.51 -10.60 -48.90
N MET B 349 -9.53 -9.78 -49.26
CA MET B 349 -8.52 -9.36 -48.31
C MET B 349 -9.16 -8.59 -47.16
N GLY B 350 -10.21 -7.80 -47.44
CA GLY B 350 -10.91 -7.11 -46.38
C GLY B 350 -11.49 -8.07 -45.37
N ASN B 351 -12.10 -9.17 -45.84
CA ASN B 351 -12.59 -10.18 -44.91
C ASN B 351 -11.49 -10.72 -44.01
N ALA B 352 -10.30 -10.95 -44.55
CA ALA B 352 -9.22 -11.47 -43.72
C ALA B 352 -8.81 -10.46 -42.65
N LEU B 353 -8.71 -9.19 -43.04
CA LEU B 353 -8.40 -8.13 -42.09
C LEU B 353 -9.51 -8.00 -41.05
N GLU B 354 -10.75 -8.14 -41.48
CA GLU B 354 -11.85 -8.04 -40.52
C GLU B 354 -11.86 -9.24 -39.57
N VAL B 355 -11.43 -10.42 -40.04
CA VAL B 355 -11.26 -11.52 -39.10
C VAL B 355 -10.19 -11.20 -38.06
N LEU B 356 -9.06 -10.61 -38.49
CA LEU B 356 -8.01 -10.33 -37.52
C LEU B 356 -8.43 -9.25 -36.54
N LYS B 357 -9.08 -8.19 -37.03
CA LYS B 357 -9.48 -7.12 -36.15
C LYS B 357 -10.53 -7.60 -35.15
N HIS B 358 -11.47 -8.40 -35.60
CA HIS B 358 -12.47 -8.95 -34.70
C HIS B 358 -11.84 -9.88 -33.67
N PHE B 359 -10.76 -10.55 -34.05
CA PHE B 359 -10.13 -11.50 -33.14
C PHE B 359 -9.38 -10.78 -32.03
N VAL B 360 -8.73 -9.66 -32.33
CA VAL B 360 -8.02 -8.98 -31.27
C VAL B 360 -9.05 -8.34 -30.35
N SER B 361 -10.21 -7.97 -30.89
CA SER B 361 -11.24 -7.38 -30.04
C SER B 361 -11.88 -8.43 -29.14
N GLN B 362 -11.95 -9.68 -29.57
CA GLN B 362 -12.60 -10.71 -28.75
C GLN B 362 -11.69 -11.30 -27.69
N TYR B 363 -10.36 -11.27 -27.90
CA TYR B 363 -9.44 -11.88 -26.94
C TYR B 363 -8.41 -10.93 -26.36
N VAL B 364 -8.38 -9.67 -26.76
CA VAL B 364 -7.41 -8.75 -26.16
C VAL B 364 -8.10 -7.55 -25.50
N ILE B 365 -9.26 -7.13 -25.98
CA ILE B 365 -9.92 -5.93 -25.50
C ILE B 365 -11.20 -6.25 -24.73
N GLN B 366 -12.09 -7.03 -25.32
CA GLN B 366 -13.39 -7.40 -24.72
C GLN B 366 -13.25 -8.55 -23.73
N ILE B 367 -12.23 -8.50 -22.88
CA ILE B 367 -12.05 -9.42 -21.77
C ILE B 367 -12.34 -8.69 -20.47
N PRO B 368 -12.86 -9.37 -19.43
CA PRO B 368 -13.23 -8.70 -18.19
C PRO B 368 -12.04 -7.96 -17.58
N GLN B 369 -10.84 -8.52 -17.69
CA GLN B 369 -9.66 -7.84 -17.07
C GLN B 369 -9.50 -6.44 -17.66
N VAL B 370 -9.64 -6.28 -18.98
CA VAL B 370 -9.56 -4.93 -19.61
C VAL B 370 -10.81 -4.09 -19.30
N GLN B 371 -11.99 -4.70 -19.34
CA GLN B 371 -13.22 -3.93 -19.19
C GLN B 371 -13.40 -3.40 -17.78
N ARG B 372 -12.92 -4.11 -16.76
CA ARG B 372 -13.02 -3.57 -15.40
C ARG B 372 -12.12 -2.37 -15.22
N PHE B 373 -10.93 -2.41 -15.83
CA PHE B 373 -10.05 -1.25 -15.79
C PHE B 373 -10.73 -0.04 -16.43
N GLU B 374 -11.51 -0.26 -17.48
CA GLU B 374 -12.21 0.84 -18.11
C GLU B 374 -13.38 1.33 -17.26
N TYR B 375 -14.10 0.41 -16.61
CA TYR B 375 -15.17 0.82 -15.72
C TYR B 375 -14.62 1.67 -14.59
N LYS B 376 -13.53 1.19 -13.96
CA LYS B 376 -12.88 1.96 -12.92
C LYS B 376 -12.47 3.34 -13.43
N GLY B 377 -11.85 3.38 -14.62
CA GLY B 377 -11.44 4.65 -15.19
C GLY B 377 -12.62 5.58 -15.43
N GLN B 378 -13.74 5.03 -15.88
CA GLN B 378 -14.88 5.89 -16.15
C GLN B 378 -15.51 6.38 -14.85
N GLN B 379 -15.46 5.58 -13.80
CA GLN B 379 -15.91 6.08 -12.50
C GLN B 379 -14.95 7.16 -12.00
N LEU B 380 -13.66 6.98 -12.27
CA LEU B 380 -12.65 7.94 -11.84
C LEU B 380 -12.80 9.26 -12.57
N ILE B 381 -12.96 9.21 -13.90
CA ILE B 381 -13.10 10.44 -14.69
C ILE B 381 -14.35 11.20 -14.27
N MET B 382 -15.44 10.49 -14.00
CA MET B 382 -16.65 11.20 -13.62
C MET B 382 -16.53 11.86 -12.25
N ASP B 383 -15.80 11.24 -11.32
CA ASP B 383 -15.51 11.88 -10.04
C ASP B 383 -14.71 13.16 -10.23
N LEU B 384 -13.64 13.11 -11.02
CA LEU B 384 -12.82 14.30 -11.20
C LEU B 384 -13.65 15.43 -11.80
N PHE B 385 -14.50 15.10 -12.78
CA PHE B 385 -15.28 16.14 -13.42
C PHE B 385 -16.26 16.77 -12.44
N GLU B 386 -16.91 15.97 -11.62
CA GLU B 386 -17.92 16.53 -10.74
C GLU B 386 -17.30 17.37 -9.62
N ALA B 387 -16.13 16.97 -9.14
CA ALA B 387 -15.41 17.76 -8.15
C ALA B 387 -14.85 19.04 -8.76
N LEU B 388 -14.17 18.93 -9.90
CA LEU B 388 -13.54 20.08 -10.53
C LEU B 388 -14.58 21.09 -10.99
N SER B 389 -15.71 20.62 -11.52
CA SER B 389 -16.78 21.55 -11.89
C SER B 389 -17.55 22.06 -10.66
N ALA B 390 -17.31 21.49 -9.48
CA ALA B 390 -17.92 22.00 -8.25
C ALA B 390 -17.36 23.37 -7.91
N ASP B 391 -16.04 23.53 -7.99
CA ASP B 391 -15.43 24.87 -8.04
C ASP B 391 -14.11 24.84 -8.81
N PRO B 392 -14.12 25.14 -10.12
CA PRO B 392 -12.91 25.07 -10.95
C PRO B 392 -11.76 26.00 -10.56
N GLU B 393 -12.05 27.26 -10.20
CA GLU B 393 -10.97 28.22 -9.89
C GLU B 393 -10.15 27.74 -8.68
N ARG B 394 -10.84 27.26 -7.64
CA ARG B 394 -10.20 26.78 -6.39
C ARG B 394 -9.39 25.49 -6.58
N LEU B 395 -9.89 24.54 -7.39
CA LEU B 395 -9.24 23.21 -7.47
C LEU B 395 -8.36 22.97 -8.69
N LEU B 396 -8.59 23.66 -9.78
CA LEU B 396 -7.75 23.46 -10.95
C LEU B 396 -6.35 23.98 -10.64
N PRO B 397 -5.32 23.43 -11.30
CA PRO B 397 -4.01 24.08 -11.28
C PRO B 397 -4.16 25.52 -11.75
N GLN B 398 -3.28 26.39 -11.28
CA GLN B 398 -3.49 27.81 -11.49
C GLN B 398 -3.57 28.17 -12.98
N ALA B 399 -2.68 27.61 -13.80
CA ALA B 399 -2.73 27.93 -15.22
C ALA B 399 -4.05 27.48 -15.85
N THR B 400 -4.55 26.29 -15.47
CA THR B 400 -5.85 25.88 -16.00
C THR B 400 -6.98 26.73 -15.41
N GLY B 401 -6.86 27.13 -14.14
CA GLY B 401 -7.87 28.00 -13.57
C GLY B 401 -8.00 29.30 -14.33
N GLU B 402 -6.88 29.88 -14.74
CA GLU B 402 -6.91 31.11 -15.53
C GLU B 402 -7.59 30.88 -16.87
N LYS B 403 -7.31 29.75 -17.54
CA LYS B 403 -8.02 29.48 -18.79
C LYS B 403 -9.51 29.30 -18.55
N TRP B 404 -9.88 28.76 -17.39
CA TRP B 404 -11.30 28.61 -17.11
C TRP B 404 -11.98 29.97 -16.94
N ARG B 405 -11.33 30.91 -16.23
CA ARG B 405 -11.94 32.23 -16.05
C ARG B 405 -12.13 32.92 -17.40
N LYS B 406 -11.10 32.91 -18.26
CA LYS B 406 -11.22 33.54 -19.56
C LYS B 406 -12.35 32.92 -20.39
N ALA B 407 -12.49 31.60 -20.33
CA ALA B 407 -13.50 30.91 -21.13
C ALA B 407 -14.92 31.19 -20.65
N GLN B 408 -15.10 31.67 -19.43
CA GLN B 408 -16.45 31.90 -18.93
C GLN B 408 -17.09 33.15 -19.53
N GLU B 409 -16.29 33.99 -20.19
CA GLU B 409 -16.85 35.11 -20.95
C GLU B 409 -17.72 34.62 -22.09
N GLN B 410 -17.47 33.38 -22.53
CA GLN B 410 -18.25 32.77 -23.63
C GLN B 410 -19.06 31.60 -23.07
N ASP B 411 -19.03 31.41 -21.75
CA ASP B 411 -19.74 30.29 -21.07
C ASP B 411 -19.30 28.94 -21.62
N GLU B 412 -18.00 28.77 -21.86
CA GLU B 412 -17.44 27.50 -22.37
C GLU B 412 -16.55 26.89 -21.30
N GLY B 413 -16.80 27.18 -20.03
CA GLY B 413 -15.92 26.71 -18.96
C GLY B 413 -15.82 25.21 -18.90
N MET B 414 -16.90 24.50 -19.16
CA MET B 414 -16.85 23.05 -19.06
C MET B 414 -15.87 22.45 -20.06
N ARG B 415 -15.75 23.04 -21.25
CA ARG B 415 -14.83 22.46 -22.22
C ARG B 415 -13.38 22.56 -21.74
N VAL B 416 -13.06 23.61 -20.98
CA VAL B 416 -11.73 23.73 -20.39
C VAL B 416 -11.48 22.61 -19.40
N ILE B 417 -12.46 22.31 -18.55
CA ILE B 417 -12.30 21.20 -17.63
C ILE B 417 -12.13 19.92 -18.42
N CYS B 418 -12.86 19.82 -19.55
CA CYS B 418 -12.81 18.60 -20.33
C CYS B 418 -11.45 18.43 -21.00
N ASP B 419 -10.92 19.50 -21.60
CA ASP B 419 -9.57 19.43 -22.17
C ASP B 419 -8.56 18.96 -21.13
N TYR B 420 -8.64 19.54 -19.93
CA TYR B 420 -7.67 19.23 -18.87
C TYR B 420 -7.72 17.75 -18.49
N ILE B 421 -8.92 17.21 -18.31
CA ILE B 421 -9.02 15.79 -17.96
C ILE B 421 -8.61 14.93 -19.15
N ALA B 422 -9.02 15.34 -20.35
CA ALA B 422 -8.68 14.60 -21.57
C ALA B 422 -7.16 14.48 -21.78
N ALA B 423 -6.37 15.47 -21.36
CA ALA B 423 -4.93 15.42 -21.56
C ALA B 423 -4.17 14.74 -20.44
N MET B 424 -4.86 14.20 -19.43
CA MET B 424 -4.16 13.51 -18.37
C MET B 424 -3.76 12.11 -18.81
N THR B 425 -2.65 11.63 -18.25
CA THR B 425 -2.38 10.21 -18.27
C THR B 425 -3.15 9.50 -17.15
N ASP B 426 -3.17 8.17 -17.20
CA ASP B 426 -3.83 7.41 -16.16
C ASP B 426 -3.21 7.70 -14.79
N ALA B 427 -1.88 7.77 -14.73
CA ALA B 427 -1.20 8.02 -13.47
C ALA B 427 -1.53 9.41 -12.93
N TYR B 428 -1.56 10.41 -13.81
CA TYR B 428 -1.89 11.77 -13.34
C TYR B 428 -3.33 11.80 -12.80
N ALA B 429 -4.25 11.15 -13.51
CA ALA B 429 -5.65 11.10 -13.06
C ALA B 429 -5.73 10.37 -11.73
N GLN B 430 -4.99 9.28 -11.58
CA GLN B 430 -5.07 8.53 -10.30
C GLN B 430 -4.60 9.46 -9.19
N ARG B 431 -3.50 10.18 -9.41
CA ARG B 431 -2.98 11.09 -8.37
C ARG B 431 -3.98 12.20 -8.10
N LEU B 432 -4.57 12.78 -9.13
CA LEU B 432 -5.53 13.87 -8.85
C LEU B 432 -6.69 13.28 -8.05
N HIS B 433 -7.16 12.10 -8.43
CA HIS B 433 -8.27 11.51 -7.71
C HIS B 433 -7.95 11.30 -6.23
N GLN B 434 -6.73 10.86 -5.92
CA GLN B 434 -6.36 10.68 -4.52
C GLN B 434 -6.33 11.99 -3.77
N GLN B 435 -5.90 13.06 -4.40
CA GLN B 435 -5.89 14.32 -3.69
C GLN B 435 -7.30 14.75 -3.34
N LEU B 436 -8.29 14.33 -4.12
CA LEU B 436 -9.68 14.76 -3.93
C LEU B 436 -10.56 13.78 -3.15
N PHE B 437 -10.17 12.50 -3.04
CA PHE B 437 -11.08 11.53 -2.42
C PHE B 437 -10.43 10.53 -1.47
N LEU C 7 -2.41 -59.08 18.05
CA LEU C 7 -1.42 -58.03 18.34
C LEU C 7 -1.47 -57.53 19.80
N ASN C 8 -0.30 -57.10 20.30
CA ASN C 8 -0.17 -56.72 21.70
C ASN C 8 -1.08 -55.52 22.00
N PRO C 9 -1.82 -55.54 23.11
CA PRO C 9 -2.58 -54.35 23.53
C PRO C 9 -1.70 -53.19 24.00
N GLU C 10 -0.39 -53.40 24.14
CA GLU C 10 0.51 -52.29 24.43
C GLU C 10 0.57 -51.28 23.29
N TRP C 11 0.15 -51.66 22.08
CA TRP C 11 0.07 -50.70 20.99
C TRP C 11 -1.11 -49.76 21.13
N LEU C 12 -2.05 -50.04 22.03
CA LEU C 12 -3.15 -49.11 22.28
C LEU C 12 -2.88 -48.15 23.42
N ALA C 13 -1.69 -48.21 24.02
CA ALA C 13 -1.39 -47.44 25.23
C ALA C 13 -0.93 -46.02 24.92
N ARG C 14 -1.13 -45.14 25.90
CA ARG C 14 -0.63 -43.77 25.85
C ARG C 14 0.50 -43.57 26.85
N ASN C 15 1.33 -42.55 26.59
CA ASN C 15 2.51 -42.27 27.44
C ASN C 15 2.09 -41.84 28.85
N ASN C 16 0.91 -41.24 28.99
CA ASN C 16 0.45 -40.77 30.32
C ASN C 16 -1.02 -41.14 30.52
N ASP C 17 -1.44 -41.27 31.78
CA ASP C 17 -2.85 -41.62 32.12
C ASP C 17 -3.53 -40.41 32.77
N ARG C 22 -13.86 -40.26 30.43
CA ARG C 22 -15.17 -40.29 31.13
C ARG C 22 -15.87 -41.62 30.85
N ARG C 23 -16.81 -42.01 31.71
CA ARG C 23 -17.55 -43.28 31.55
C ARG C 23 -18.35 -43.28 30.24
N ASN C 24 -18.88 -42.11 29.84
CA ASN C 24 -19.73 -42.00 28.61
C ASN C 24 -18.90 -42.08 27.32
N ASP C 25 -17.57 -41.95 27.41
CA ASP C 25 -16.73 -41.90 26.22
C ASP C 25 -16.27 -43.33 25.91
N HIS C 26 -16.92 -43.97 24.93
CA HIS C 26 -16.61 -45.34 24.56
C HIS C 26 -15.88 -45.40 23.22
N ARG C 27 -15.17 -44.34 22.87
CA ARG C 27 -14.43 -44.34 21.62
C ARG C 27 -13.20 -45.23 21.73
N SER C 28 -12.73 -45.72 20.58
CA SER C 28 -11.49 -46.47 20.53
C SER C 28 -10.32 -45.51 20.76
N PRO C 29 -9.15 -46.03 21.12
CA PRO C 29 -7.98 -45.16 21.23
C PRO C 29 -7.65 -44.42 19.94
N PHE C 30 -7.92 -45.02 18.78
CA PHE C 30 -7.59 -44.33 17.54
C PHE C 30 -8.61 -43.26 17.19
N GLN C 31 -9.87 -43.44 17.61
CA GLN C 31 -10.84 -42.36 17.47
C GLN C 31 -10.53 -41.18 18.38
N ARG C 32 -9.96 -41.45 19.55
CA ARG C 32 -9.54 -40.33 20.37
C ARG C 32 -8.33 -39.63 19.78
N ASP C 33 -7.42 -40.40 19.16
CA ASP C 33 -6.27 -39.80 18.47
C ASP C 33 -6.73 -38.94 17.32
N ARG C 34 -7.63 -39.46 16.48
CA ARG C 34 -8.15 -38.65 15.39
C ARG C 34 -8.78 -37.37 15.95
N ALA C 35 -9.51 -37.50 17.05
CA ALA C 35 -10.18 -36.36 17.65
C ALA C 35 -9.18 -35.30 18.14
N ARG C 36 -8.10 -35.71 18.80
CA ARG C 36 -7.10 -34.76 19.27
C ARG C 36 -6.42 -34.06 18.11
N ILE C 37 -6.04 -34.81 17.08
CA ILE C 37 -5.33 -34.23 15.96
C ILE C 37 -6.18 -33.16 15.30
N LEU C 38 -7.48 -33.42 15.17
CA LEU C 38 -8.39 -32.47 14.53
C LEU C 38 -8.56 -31.19 15.34
N HIS C 39 -8.53 -31.28 16.68
CA HIS C 39 -8.71 -30.08 17.48
C HIS C 39 -7.42 -29.31 17.71
N SER C 40 -6.30 -29.84 17.26
CA SER C 40 -5.01 -29.25 17.61
C SER C 40 -4.74 -27.97 16.83
N ALA C 41 -4.01 -27.05 17.45
CA ALA C 41 -3.55 -25.86 16.74
C ALA C 41 -2.64 -26.24 15.58
N ALA C 42 -1.81 -27.28 15.78
CA ALA C 42 -0.93 -27.72 14.71
C ALA C 42 -1.72 -28.15 13.48
N PHE C 43 -2.86 -28.80 13.67
CA PHE C 43 -3.65 -29.16 12.50
C PHE C 43 -4.34 -27.93 11.89
N ARG C 44 -4.92 -27.05 12.72
CA ARG C 44 -5.67 -25.92 12.16
C ARG C 44 -4.80 -24.98 11.34
N ARG C 45 -3.52 -24.82 11.70
CA ARG C 45 -2.64 -23.91 10.97
C ARG C 45 -2.38 -24.41 9.54
N LEU C 46 -2.62 -25.68 9.24
CA LEU C 46 -2.46 -26.15 7.86
C LEU C 46 -3.40 -25.43 6.91
N GLN C 47 -4.40 -24.70 7.42
CA GLN C 47 -5.25 -23.90 6.56
C GLN C 47 -4.53 -22.69 6.01
N ALA C 48 -3.49 -22.21 6.70
CA ALA C 48 -2.75 -21.06 6.20
C ALA C 48 -1.66 -21.47 5.23
N LYS C 49 -1.00 -22.59 5.53
CA LYS C 49 0.16 -23.05 4.77
C LYS C 49 -0.27 -23.63 3.42
N THR C 50 0.27 -23.09 2.34
CA THR C 50 -0.09 -23.53 0.98
C THR C 50 0.98 -24.42 0.38
N PHE C 60 -9.27 -20.79 -6.27
CA PHE C 60 -8.32 -21.81 -5.78
C PHE C 60 -8.15 -21.70 -4.25
N HIS C 61 -8.40 -22.82 -3.54
CA HIS C 61 -8.28 -22.85 -2.06
C HIS C 61 -7.67 -24.16 -1.59
N ARG C 62 -6.66 -24.66 -2.30
CA ARG C 62 -5.99 -25.93 -1.93
C ARG C 62 -4.89 -25.60 -0.94
N THR C 63 -4.91 -26.27 0.22
CA THR C 63 -3.96 -25.98 1.29
C THR C 63 -3.35 -27.31 1.74
N ARG C 64 -2.40 -27.25 2.67
CA ARG C 64 -1.92 -28.52 3.23
C ARG C 64 -3.02 -29.22 4.00
N LEU C 65 -3.99 -28.46 4.52
CA LEU C 65 -5.11 -29.10 5.20
C LEU C 65 -5.94 -29.89 4.21
N THR C 66 -6.28 -29.25 3.10
CA THR C 66 -6.99 -29.91 2.03
C THR C 66 -6.24 -31.14 1.53
N HIS C 67 -4.91 -31.02 1.34
CA HIS C 67 -4.11 -32.16 0.91
C HIS C 67 -4.23 -33.30 1.91
N SER C 68 -4.23 -32.98 3.21
CA SER C 68 -4.26 -34.05 4.19
C SER C 68 -5.63 -34.71 4.26
N LEU C 69 -6.68 -33.94 4.00
CA LEU C 69 -8.00 -34.55 3.95
C LEU C 69 -8.08 -35.48 2.77
N GLU C 70 -7.57 -35.04 1.62
CA GLU C 70 -7.62 -35.91 0.45
C GLU C 70 -6.79 -37.15 0.69
N ALA C 71 -5.64 -37.02 1.34
CA ALA C 71 -4.85 -38.21 1.63
C ALA C 71 -5.61 -39.16 2.56
N ALA C 72 -6.30 -38.62 3.57
CA ALA C 72 -7.06 -39.47 4.49
C ALA C 72 -8.15 -40.25 3.75
N GLN C 73 -8.77 -39.63 2.75
CA GLN C 73 -9.82 -40.32 2.01
C GLN C 73 -9.24 -41.43 1.12
N ILE C 74 -8.06 -41.19 0.53
CA ILE C 74 -7.38 -42.23 -0.24
C ILE C 74 -6.88 -43.35 0.68
N GLY C 75 -6.35 -42.97 1.86
CA GLY C 75 -5.89 -43.95 2.82
C GLY C 75 -6.98 -44.89 3.33
N THR C 76 -8.19 -44.37 3.62
CA THR C 76 -9.25 -45.31 4.00
C THR C 76 -9.70 -46.13 2.80
N GLY C 77 -9.61 -45.56 1.59
CA GLY C 77 -9.94 -46.32 0.40
C GLY C 77 -8.98 -47.45 0.14
N ILE C 78 -7.68 -47.22 0.42
CA ILE C 78 -6.68 -48.28 0.27
C ILE C 78 -7.00 -49.45 1.19
N VAL C 79 -7.30 -49.15 2.45
CA VAL C 79 -7.59 -50.19 3.43
C VAL C 79 -8.85 -50.96 3.02
N ALA C 80 -9.90 -50.27 2.60
CA ALA C 80 -11.12 -50.98 2.22
C ALA C 80 -10.81 -51.94 1.08
N GLN C 81 -9.96 -51.51 0.16
CA GLN C 81 -9.64 -52.30 -1.01
C GLN C 81 -8.73 -53.48 -0.65
N ILE C 82 -7.79 -53.29 0.29
CA ILE C 82 -6.95 -54.43 0.70
C ILE C 82 -7.78 -55.45 1.47
N LYS C 83 -8.61 -55.01 2.41
CA LYS C 83 -9.33 -56.01 3.19
C LYS C 83 -10.40 -56.71 2.39
N LEU C 84 -10.57 -56.28 1.15
CA LEU C 84 -11.55 -56.94 0.25
C LEU C 84 -10.85 -58.03 -0.53
N LYS C 85 -9.61 -57.82 -0.93
CA LYS C 85 -8.92 -58.83 -1.75
C LYS C 85 -7.92 -59.64 -0.94
N GLN C 86 -7.66 -59.27 0.30
CA GLN C 86 -6.72 -60.06 1.12
C GLN C 86 -7.34 -60.23 2.49
N PRO C 87 -8.40 -61.02 2.66
CA PRO C 87 -9.06 -61.13 3.96
C PRO C 87 -8.15 -61.58 5.10
N GLU C 88 -7.04 -62.29 4.81
CA GLU C 88 -6.10 -62.66 5.86
C GLU C 88 -5.71 -61.49 6.76
N PHE C 89 -5.67 -60.28 6.22
CA PHE C 89 -5.11 -59.14 6.94
C PHE C 89 -6.17 -58.22 7.53
N ARG C 90 -7.42 -58.68 7.67
CA ARG C 90 -8.50 -57.74 7.98
C ARG C 90 -8.36 -57.20 9.39
N GLU C 91 -7.74 -58.00 10.26
CA GLU C 91 -7.49 -57.73 11.66
C GLU C 91 -6.19 -56.96 11.87
N LEU C 92 -5.23 -57.12 10.97
CA LEU C 92 -3.94 -56.47 11.09
C LEU C 92 -3.97 -55.06 10.53
N LEU C 93 -4.83 -54.80 9.55
CA LEU C 93 -4.89 -53.50 8.90
C LEU C 93 -5.34 -52.42 9.89
N PRO C 94 -4.93 -51.18 9.67
CA PRO C 94 -5.38 -50.10 10.55
C PRO C 94 -6.85 -49.83 10.37
N SER C 95 -7.50 -49.48 11.46
CA SER C 95 -8.85 -48.97 11.44
C SER C 95 -8.91 -47.67 10.66
N ASP C 96 -10.14 -47.27 10.32
CA ASP C 96 -10.33 -46.01 9.60
C ASP C 96 -9.79 -44.81 10.37
N SER C 97 -10.01 -44.78 11.69
CA SER C 97 -9.56 -43.58 12.39
C SER C 97 -8.04 -43.57 12.58
N LEU C 98 -7.38 -44.73 12.59
CA LEU C 98 -5.92 -44.72 12.66
C LEU C 98 -5.30 -44.22 11.35
N ILE C 99 -5.78 -44.73 10.21
CA ILE C 99 -5.24 -44.25 8.94
C ILE C 99 -5.63 -42.79 8.72
N ASP C 100 -6.82 -42.37 9.18
CA ASP C 100 -7.15 -40.96 9.19
C ASP C 100 -6.13 -40.14 9.98
N SER C 101 -5.76 -40.62 11.18
CA SER C 101 -4.91 -39.81 12.05
C SER C 101 -3.53 -39.63 11.46
N LEU C 102 -3.01 -40.67 10.79
CA LEU C 102 -1.67 -40.55 10.22
C LEU C 102 -1.65 -39.62 9.02
N CYS C 103 -2.75 -39.55 8.26
CA CYS C 103 -2.79 -38.66 7.10
C CYS C 103 -3.11 -37.22 7.49
N LEU C 104 -3.87 -37.01 8.56
CA LEU C 104 -4.15 -35.66 9.01
C LEU C 104 -2.97 -35.04 9.75
N ALA C 105 -2.11 -35.85 10.33
CA ALA C 105 -1.01 -35.33 11.11
C ALA C 105 0.31 -35.30 10.33
N HIS C 106 0.37 -35.98 9.17
CA HIS C 106 1.67 -36.24 8.54
C HIS C 106 2.41 -34.95 8.21
N ASP C 107 1.70 -33.86 7.94
CA ASP C 107 2.32 -32.63 7.50
C ASP C 107 2.38 -31.52 8.55
N ILE C 108 2.06 -31.79 9.82
CA ILE C 108 2.03 -30.67 10.76
C ILE C 108 3.42 -30.09 10.99
N GLY C 109 4.47 -30.88 10.78
CA GLY C 109 5.79 -30.36 11.08
C GLY C 109 6.39 -29.42 10.06
N HIS C 110 5.73 -29.22 8.92
CA HIS C 110 6.31 -28.36 7.90
C HIS C 110 6.31 -26.90 8.35
N PRO C 111 7.40 -26.18 8.12
CA PRO C 111 7.52 -24.79 8.58
C PRO C 111 6.90 -23.83 7.58
N PRO C 112 6.79 -22.55 7.89
CA PRO C 112 6.41 -21.58 6.87
C PRO C 112 7.35 -21.65 5.68
N TYR C 113 6.80 -21.44 4.49
CA TYR C 113 7.54 -21.36 3.23
C TYR C 113 8.12 -22.69 2.83
N GLY C 114 7.53 -23.77 3.33
CA GLY C 114 7.80 -25.08 2.77
C GLY C 114 9.27 -25.41 2.76
N HIS C 115 9.74 -25.90 1.60
CA HIS C 115 11.11 -26.39 1.51
C HIS C 115 12.12 -25.27 1.74
N GLY C 116 11.81 -24.05 1.33
CA GLY C 116 12.73 -22.96 1.62
C GLY C 116 12.84 -22.68 3.11
N GLY C 117 11.70 -22.67 3.80
CA GLY C 117 11.71 -22.53 5.24
C GLY C 117 12.48 -23.66 5.92
N GLU C 118 12.32 -24.89 5.41
CA GLU C 118 13.02 -26.02 6.00
C GLU C 118 14.52 -25.84 5.92
N ILE C 119 14.99 -25.33 4.78
CA ILE C 119 16.43 -25.15 4.52
C ILE C 119 16.98 -24.05 5.40
N ALA C 120 16.24 -22.96 5.55
CA ALA C 120 16.67 -21.86 6.39
C ALA C 120 16.85 -22.33 7.82
N LEU C 121 15.85 -23.03 8.35
CA LEU C 121 15.95 -23.52 9.73
C LEU C 121 17.08 -24.53 9.87
N ASN C 122 17.16 -25.48 8.93
CA ASN C 122 18.20 -26.49 9.07
C ASN C 122 19.59 -25.85 9.06
N TYR C 123 19.79 -24.82 8.24
CA TYR C 123 21.08 -24.14 8.26
C TYR C 123 21.32 -23.40 9.58
N MET C 124 20.28 -22.74 10.10
CA MET C 124 20.42 -21.99 11.37
C MET C 124 20.76 -22.96 12.50
N MET C 125 20.16 -24.16 12.46
CA MET C 125 20.32 -25.18 13.49
C MET C 125 21.41 -26.16 13.15
N ARG C 126 22.33 -25.78 12.25
CA ARG C 126 23.36 -26.73 11.81
C ARG C 126 24.22 -27.21 12.96
N ASP C 127 24.41 -26.38 13.98
CA ASP C 127 25.27 -26.76 15.11
C ASP C 127 24.46 -27.13 16.34
N HIS C 128 23.17 -27.46 16.17
CA HIS C 128 22.30 -27.75 17.31
C HIS C 128 21.23 -28.79 16.99
N GLY C 129 21.52 -29.73 16.10
CA GLY C 129 20.60 -30.82 15.83
C GLY C 129 19.82 -30.71 14.53
N GLY C 130 19.92 -29.61 13.80
CA GLY C 130 19.24 -29.49 12.52
C GLY C 130 17.74 -29.28 12.64
N PHE C 131 17.09 -29.17 11.47
CA PHE C 131 15.64 -29.09 11.39
C PHE C 131 15.17 -29.97 10.24
N GLU C 132 14.05 -30.66 10.45
CA GLU C 132 13.46 -31.44 9.38
C GLU C 132 11.96 -31.64 9.66
N GLY C 133 11.15 -31.59 8.59
CA GLY C 133 9.70 -31.56 8.77
C GLY C 133 9.15 -32.80 9.46
N ASN C 134 9.65 -33.97 9.10
CA ASN C 134 9.15 -35.18 9.75
C ASN C 134 9.57 -35.24 11.21
N ALA C 135 10.82 -34.85 11.50
CA ALA C 135 11.26 -34.72 12.88
C ALA C 135 10.37 -33.77 13.66
N GLN C 136 10.03 -32.63 13.06
CA GLN C 136 9.18 -31.66 13.73
C GLN C 136 7.79 -32.23 13.99
N THR C 137 7.23 -32.98 13.03
CA THR C 137 5.91 -33.58 13.24
C THR C 137 5.92 -34.48 14.47
N PHE C 138 6.93 -35.35 14.59
CA PHE C 138 7.05 -36.18 15.78
C PHE C 138 7.22 -35.32 17.02
N ARG C 139 8.02 -34.27 16.92
CA ARG C 139 8.28 -33.43 18.08
C ARG C 139 7.00 -32.73 18.54
N ILE C 140 6.15 -32.33 17.59
CA ILE C 140 4.93 -31.63 17.94
C ILE C 140 3.97 -32.56 18.67
N VAL C 141 3.79 -33.78 18.16
CA VAL C 141 2.75 -34.62 18.76
C VAL C 141 3.22 -35.21 20.08
N THR C 142 4.53 -35.31 20.29
CA THR C 142 5.02 -35.84 21.56
C THR C 142 5.29 -34.77 22.60
N SER C 143 5.38 -33.49 22.24
CA SER C 143 5.73 -32.50 23.25
C SER C 143 5.12 -31.11 23.03
N LEU C 144 5.15 -30.59 21.81
CA LEU C 144 4.91 -29.16 21.64
C LEU C 144 3.44 -28.80 21.70
N GLU C 145 2.57 -29.61 21.11
CA GLU C 145 1.15 -29.28 21.14
C GLU C 145 0.67 -29.32 22.58
N PRO C 146 0.10 -28.26 23.09
CA PRO C 146 -0.17 -28.18 24.53
C PRO C 146 -1.50 -28.84 24.96
N TYR C 147 -1.83 -30.00 24.40
CA TYR C 147 -3.02 -30.73 24.86
C TYR C 147 -2.82 -31.29 26.27
N THR C 148 -1.62 -31.75 26.58
CA THR C 148 -1.21 -32.16 27.91
C THR C 148 0.01 -31.35 28.33
N GLU C 149 0.38 -31.48 29.61
CA GLU C 149 1.49 -30.67 30.11
C GLU C 149 2.83 -31.18 29.62
N HIS C 150 2.99 -32.49 29.45
CA HIS C 150 4.31 -33.06 29.15
C HIS C 150 4.36 -34.01 27.97
N HIS C 151 3.25 -34.34 27.33
CA HIS C 151 3.31 -35.37 26.30
C HIS C 151 2.60 -34.96 25.03
N GLY C 152 2.53 -33.66 24.78
CA GLY C 152 1.94 -33.18 23.55
C GLY C 152 0.51 -33.64 23.46
N MET C 153 0.16 -34.20 22.29
CA MET C 153 -1.16 -34.77 22.09
C MET C 153 -1.31 -36.11 22.78
N ASN C 154 -0.22 -36.71 23.23
CA ASN C 154 -0.25 -37.96 24.00
C ASN C 154 -1.02 -39.04 23.23
N LEU C 155 -0.59 -39.28 21.98
CA LEU C 155 -1.25 -40.24 21.10
C LEU C 155 -0.91 -41.67 21.50
N SER C 156 -1.74 -42.61 21.02
CA SER C 156 -1.48 -44.02 21.24
C SER C 156 -0.19 -44.47 20.56
N ARG C 157 0.40 -45.55 21.08
CA ARG C 157 1.72 -45.96 20.63
C ARG C 157 1.72 -46.35 19.13
N ARG C 158 0.70 -47.08 18.69
CA ARG C 158 0.67 -47.49 17.29
C ARG C 158 0.52 -46.29 16.36
N THR C 159 -0.25 -45.28 16.78
CA THR C 159 -0.36 -44.06 15.98
C THR C 159 1.01 -43.41 15.80
N LEU C 160 1.79 -43.31 16.89
CA LEU C 160 3.11 -42.72 16.83
C LEU C 160 4.03 -43.54 15.91
N LEU C 161 3.96 -44.87 16.00
CA LEU C 161 4.78 -45.71 15.14
C LEU C 161 4.45 -45.47 13.68
N GLY C 162 3.18 -45.20 13.38
CA GLY C 162 2.77 -44.90 12.03
C GLY C 162 3.32 -43.59 11.50
N LEU C 163 3.70 -42.68 12.39
CA LEU C 163 4.25 -41.39 11.99
C LEU C 163 5.74 -41.43 11.72
N LEU C 164 6.43 -42.50 12.10
CA LEU C 164 7.88 -42.60 11.89
C LEU C 164 8.15 -43.12 10.48
N LYS C 165 8.08 -42.19 9.50
CA LYS C 165 8.47 -42.54 8.15
C LYS C 165 9.95 -42.87 8.07
N TYR C 166 10.75 -42.31 8.98
CA TYR C 166 12.19 -42.54 9.05
C TYR C 166 12.60 -42.80 10.48
N PRO C 167 12.57 -44.08 10.95
CA PRO C 167 12.78 -44.37 12.37
C PRO C 167 14.23 -44.51 12.77
N ALA C 168 15.03 -43.48 12.47
CA ALA C 168 16.36 -43.35 13.01
C ALA C 168 16.57 -41.92 13.48
N LEU C 169 17.57 -41.71 14.31
CA LEU C 169 17.90 -40.35 14.73
C LEU C 169 18.78 -39.68 13.69
N LEU C 170 18.69 -38.35 13.62
CA LEU C 170 19.49 -37.62 12.64
C LEU C 170 20.97 -37.65 12.93
N SER C 171 21.38 -38.06 14.13
CA SER C 171 22.80 -38.27 14.34
C SER C 171 23.29 -39.45 13.53
N ALA C 172 22.40 -40.41 13.26
CA ALA C 172 22.75 -41.58 12.47
C ALA C 172 22.64 -41.30 10.97
N THR C 173 21.67 -40.47 10.56
CA THR C 173 21.40 -40.26 9.14
C THR C 173 22.09 -39.03 8.55
N LEU C 188 24.14 -19.48 0.02
CA LEU C 188 22.67 -19.58 -0.16
C LEU C 188 22.37 -20.73 -1.12
N LYS C 189 22.99 -21.89 -0.97
CA LYS C 189 22.75 -23.00 -1.93
C LYS C 189 21.91 -24.10 -1.31
N ALA C 190 20.73 -24.31 -1.88
CA ALA C 190 19.74 -25.27 -1.36
C ALA C 190 20.21 -26.72 -1.37
N LYS C 191 20.94 -27.17 -2.38
CA LYS C 191 21.27 -28.62 -2.42
C LYS C 191 22.07 -29.05 -1.19
N ASP C 192 23.02 -28.23 -0.78
CA ASP C 192 23.88 -28.58 0.38
C ASP C 192 23.08 -28.69 1.67
N TRP C 193 22.10 -27.82 1.87
CA TRP C 193 21.43 -27.76 3.20
C TRP C 193 20.14 -28.57 3.32
N SER C 194 19.79 -29.38 2.34
CA SER C 194 18.57 -30.20 2.53
C SER C 194 18.80 -31.10 3.73
N PRO C 195 17.85 -31.23 4.67
CA PRO C 195 18.09 -32.02 5.88
C PRO C 195 18.01 -33.51 5.59
N ALA C 196 18.79 -34.26 6.35
CA ALA C 196 18.55 -35.69 6.48
C ALA C 196 17.21 -35.91 7.17
N LYS C 197 16.74 -37.15 7.11
CA LYS C 197 15.42 -37.45 7.64
C LYS C 197 15.58 -38.40 8.80
N GLY C 198 14.82 -38.13 9.85
CA GLY C 198 14.93 -38.89 11.09
C GLY C 198 14.24 -38.14 12.22
N ILE C 199 14.58 -38.54 13.43
CA ILE C 199 14.01 -37.97 14.65
C ILE C 199 15.11 -37.26 15.43
N TYR C 200 14.79 -36.07 15.94
CA TYR C 200 15.75 -35.28 16.70
C TYR C 200 16.25 -36.07 17.91
N ASP C 201 17.53 -35.92 18.21
CA ASP C 201 18.08 -36.57 19.39
C ASP C 201 17.43 -36.04 20.65
N CYS C 202 17.00 -34.78 20.65
CA CYS C 202 16.28 -34.21 21.78
C CYS C 202 14.90 -34.84 21.97
N ASP C 203 14.46 -35.73 21.09
CA ASP C 203 13.19 -36.44 21.27
C ASP C 203 13.37 -37.94 21.48
N LEU C 204 14.58 -38.36 21.83
CA LEU C 204 14.88 -39.79 21.93
C LEU C 204 14.02 -40.46 23.00
N ALA C 205 13.70 -39.74 24.08
CA ALA C 205 12.90 -40.34 25.14
C ALA C 205 11.55 -40.80 24.62
N SER C 206 10.88 -39.99 23.81
CA SER C 206 9.57 -40.41 23.34
C SER C 206 9.67 -41.38 22.17
N LEU C 207 10.82 -41.42 21.50
CA LEU C 207 11.04 -42.46 20.52
C LEU C 207 11.28 -43.79 21.19
N ASP C 208 12.07 -43.81 22.27
CA ASP C 208 12.26 -45.04 23.02
C ASP C 208 10.94 -45.59 23.50
N TRP C 209 10.03 -44.72 23.94
CA TRP C 209 8.75 -45.19 24.47
C TRP C 209 7.93 -45.93 23.40
N VAL C 210 7.86 -45.38 22.19
CA VAL C 210 7.05 -46.03 21.15
C VAL C 210 7.65 -47.39 20.75
N LEU C 211 8.98 -47.48 20.66
CA LEU C 211 9.59 -48.74 20.22
C LEU C 211 9.77 -49.75 21.35
N GLU C 212 9.35 -49.38 22.55
CA GLU C 212 9.61 -50.19 23.73
C GLU C 212 9.06 -51.62 23.69
N PRO C 213 7.84 -51.90 23.16
CA PRO C 213 7.35 -53.30 23.19
C PRO C 213 7.87 -54.18 22.07
N LEU C 214 8.91 -53.76 21.36
CA LEU C 214 9.48 -54.56 20.30
C LEU C 214 10.68 -55.31 20.84
N CYS C 215 10.87 -56.54 20.35
CA CYS C 215 12.06 -57.26 20.73
C CYS C 215 13.29 -56.51 20.22
N GLU C 216 14.44 -56.79 20.85
CA GLU C 216 15.64 -56.06 20.46
C GLU C 216 15.90 -56.20 18.97
N SER C 217 15.81 -57.44 18.44
CA SER C 217 16.19 -57.65 17.05
C SER C 217 15.29 -56.85 16.10
N ASP C 218 14.01 -56.69 16.43
CA ASP C 218 13.14 -55.86 15.59
C ASP C 218 13.61 -54.39 15.60
N ARG C 219 13.96 -53.92 16.80
CA ARG C 219 14.42 -52.52 17.02
C ARG C 219 15.73 -52.27 16.27
N GLU C 220 16.61 -53.26 16.25
CA GLU C 220 17.96 -53.08 15.63
C GLU C 220 17.79 -52.89 14.12
N LEU C 221 16.90 -53.65 13.53
CA LEU C 221 16.59 -53.57 12.08
C LEU C 221 15.98 -52.22 11.72
N LEU C 222 15.10 -51.69 12.57
CA LEU C 222 14.31 -50.52 12.17
C LEU C 222 15.22 -49.35 11.82
N GLY C 223 16.37 -49.26 12.50
CA GLY C 223 17.33 -48.19 12.26
C GLY C 223 18.29 -48.52 11.13
N GLN C 224 18.09 -49.68 10.49
CA GLN C 224 18.97 -50.12 9.37
C GLN C 224 18.82 -49.17 8.18
N MET C 225 19.92 -48.89 7.47
CA MET C 225 19.90 -47.98 6.30
C MET C 225 20.35 -48.75 5.05
N THR C 238 16.91 -44.15 5.71
CA THR C 238 16.35 -45.34 6.36
C THR C 238 15.64 -46.22 5.34
N ARG C 239 15.58 -47.52 5.65
CA ARG C 239 14.97 -48.50 4.75
C ARG C 239 13.56 -48.96 5.16
N PHE C 240 13.21 -48.98 6.44
CA PHE C 240 12.02 -49.71 6.87
C PHE C 240 11.01 -48.80 7.57
N LYS C 241 9.78 -49.30 7.67
CA LYS C 241 8.69 -48.59 8.33
C LYS C 241 7.55 -49.57 8.57
N SER C 242 6.62 -49.17 9.43
CA SER C 242 5.50 -50.00 9.82
C SER C 242 4.44 -50.08 8.72
N LEU C 243 3.57 -51.08 8.86
CA LEU C 243 2.49 -51.31 7.90
C LEU C 243 1.58 -50.10 7.76
N ASP C 244 1.15 -49.53 8.90
CA ASP C 244 0.28 -48.35 8.88
C ASP C 244 0.92 -47.18 8.16
N CYS C 245 2.25 -47.05 8.29
CA CYS C 245 2.96 -45.91 7.74
C CYS C 245 3.18 -46.07 6.24
N SER C 246 3.37 -47.31 5.78
CA SER C 246 3.44 -47.59 4.35
C SER C 246 2.12 -47.25 3.64
N ILE C 247 0.99 -47.53 4.28
CA ILE C 247 -0.29 -47.16 3.70
C ILE C 247 -0.41 -45.65 3.61
N MET C 248 -0.04 -44.93 4.70
CA MET C 248 -0.10 -43.48 4.67
C MET C 248 0.78 -42.88 3.58
N GLU C 249 2.00 -43.44 3.37
CA GLU C 249 2.90 -42.92 2.34
C GLU C 249 2.32 -43.06 0.94
N LEU C 250 1.69 -44.19 0.65
CA LEU C 250 1.07 -44.33 -0.66
C LEU C 250 -0.06 -43.33 -0.84
N ALA C 251 -0.86 -43.13 0.22
CA ALA C 251 -1.94 -42.14 0.16
C ALA C 251 -1.40 -40.73 -0.05
N ASP C 252 -0.33 -40.34 0.65
CA ASP C 252 0.29 -39.04 0.38
C ASP C 252 0.78 -38.98 -1.08
N ASP C 253 1.37 -40.08 -1.58
CA ASP C 253 1.91 -40.09 -2.94
C ASP C 253 0.82 -39.97 -3.99
N ILE C 254 -0.30 -40.65 -3.79
CA ILE C 254 -1.39 -40.56 -4.76
C ILE C 254 -2.00 -39.16 -4.74
N ALA C 255 -2.19 -38.60 -3.53
CA ALA C 255 -2.77 -37.27 -3.41
C ALA C 255 -1.88 -36.23 -4.06
N TYR C 256 -0.59 -36.30 -3.81
CA TYR C 256 0.37 -35.40 -4.44
C TYR C 256 0.31 -35.51 -5.97
N GLY C 257 0.24 -36.73 -6.48
CA GLY C 257 0.31 -36.93 -7.91
C GLY C 257 -0.90 -36.41 -8.67
N VAL C 258 -2.09 -36.55 -8.11
CA VAL C 258 -3.33 -36.37 -8.86
C VAL C 258 -4.06 -35.08 -8.53
N HIS C 259 -4.15 -34.70 -7.25
CA HIS C 259 -5.06 -33.62 -6.89
C HIS C 259 -4.45 -32.23 -7.11
N ASP C 260 -3.12 -32.13 -7.23
CA ASP C 260 -2.51 -30.88 -7.68
C ASP C 260 -2.72 -30.66 -9.17
N LEU C 261 -2.95 -31.75 -9.91
CA LEU C 261 -2.97 -31.72 -11.37
C LEU C 261 -4.20 -31.01 -11.94
N GLU C 262 -5.37 -31.20 -11.35
CA GLU C 262 -6.57 -30.65 -12.00
C GLU C 262 -6.56 -29.12 -12.01
N ASP C 263 -6.17 -28.51 -10.90
CA ASP C 263 -6.22 -27.05 -10.87
C ASP C 263 -5.08 -26.44 -11.67
N ALA C 264 -3.98 -27.16 -11.83
CA ALA C 264 -2.93 -26.70 -12.73
C ALA C 264 -3.43 -26.63 -14.18
N ILE C 265 -4.33 -27.54 -14.57
CA ILE C 265 -4.82 -27.47 -15.94
C ILE C 265 -5.75 -26.28 -16.11
N VAL C 266 -6.60 -26.02 -15.12
CA VAL C 266 -7.60 -24.98 -15.30
C VAL C 266 -6.96 -23.60 -15.18
N LEU C 267 -5.93 -23.47 -14.33
CA LEU C 267 -5.20 -22.21 -14.22
C LEU C 267 -4.32 -21.92 -15.42
N GLY C 268 -4.17 -22.86 -16.35
CA GLY C 268 -3.31 -22.61 -17.48
C GLY C 268 -1.83 -22.74 -17.20
N MET C 269 -1.45 -23.25 -16.02
CA MET C 269 -0.04 -23.49 -15.75
C MET C 269 0.51 -24.62 -16.62
N VAL C 270 -0.38 -25.42 -17.21
CA VAL C 270 -0.01 -26.50 -18.11
C VAL C 270 -0.85 -26.38 -19.37
N THR C 271 -0.21 -26.46 -20.53
CA THR C 271 -0.92 -26.46 -21.79
C THR C 271 -1.16 -27.90 -22.24
N ARG C 272 -2.11 -28.06 -23.17
CA ARG C 272 -2.36 -29.39 -23.72
C ARG C 272 -1.09 -29.97 -24.32
N ALA C 273 -0.29 -29.14 -24.99
CA ALA C 273 0.92 -29.62 -25.64
C ALA C 273 1.95 -30.14 -24.63
N GLN C 274 2.18 -29.42 -23.53
CA GLN C 274 3.18 -29.92 -22.59
C GLN C 274 2.70 -31.13 -21.79
N TRP C 275 1.38 -31.27 -21.57
CA TRP C 275 0.88 -32.50 -20.96
C TRP C 275 1.14 -33.69 -21.86
N GLN C 276 0.95 -33.51 -23.18
CA GLN C 276 1.21 -34.57 -24.15
C GLN C 276 2.70 -34.90 -24.19
N GLU C 277 3.55 -33.87 -24.22
CA GLU C 277 4.98 -34.09 -24.33
C GLU C 277 5.55 -34.70 -23.04
N ALA C 278 5.11 -34.26 -21.87
CA ALA C 278 5.76 -34.73 -20.65
C ALA C 278 5.05 -35.96 -20.08
N ALA C 279 3.84 -35.76 -19.60
CA ALA C 279 3.15 -36.82 -18.86
C ALA C 279 2.53 -37.86 -19.78
N ALA C 280 1.74 -37.43 -20.78
CA ALA C 280 0.92 -38.38 -21.52
C ALA C 280 1.76 -39.38 -22.32
N ALA C 281 2.84 -38.91 -22.94
CA ALA C 281 3.70 -39.83 -23.68
C ALA C 281 4.39 -40.81 -22.76
N GLN C 282 4.90 -40.35 -21.62
CA GLN C 282 5.56 -41.26 -20.69
C GLN C 282 4.56 -42.28 -20.11
N LEU C 283 3.29 -41.89 -19.94
CA LEU C 283 2.30 -42.84 -19.44
C LEU C 283 1.95 -43.87 -20.49
N ALA C 284 2.10 -43.53 -21.76
CA ALA C 284 1.85 -44.52 -22.80
C ALA C 284 2.89 -45.63 -22.80
N GLU C 285 4.09 -45.39 -22.25
CA GLU C 285 5.16 -46.38 -22.24
C GLU C 285 5.57 -46.79 -20.82
N CYS C 286 4.76 -46.48 -19.81
CA CYS C 286 5.16 -46.74 -18.43
C CYS C 286 5.04 -48.20 -18.05
N GLY C 287 4.34 -49.01 -18.86
CA GLY C 287 4.26 -50.41 -18.59
C GLY C 287 3.02 -50.85 -17.85
N ASP C 288 2.22 -49.93 -17.40
CA ASP C 288 0.97 -50.37 -16.77
C ASP C 288 -0.13 -50.40 -17.82
N PRO C 289 -0.82 -51.54 -18.01
CA PRO C 289 -1.76 -51.63 -19.15
C PRO C 289 -2.89 -50.62 -19.08
N TRP C 290 -3.40 -50.38 -17.86
CA TRP C 290 -4.54 -49.48 -17.72
C TRP C 290 -4.19 -48.07 -18.20
N PHE C 291 -3.03 -47.56 -17.79
CA PHE C 291 -2.67 -46.23 -18.24
C PHE C 291 -2.35 -46.23 -19.74
N GLU C 292 -1.72 -47.29 -20.23
CA GLU C 292 -1.42 -47.35 -21.66
C GLU C 292 -2.68 -47.34 -22.49
N GLU C 293 -3.71 -48.03 -22.03
CA GLU C 293 -4.96 -48.08 -22.76
C GLU C 293 -5.73 -46.76 -22.66
N HIS C 294 -5.82 -46.19 -21.46
CA HIS C 294 -6.76 -45.11 -21.21
C HIS C 294 -6.17 -43.71 -21.28
N ILE C 295 -4.85 -43.55 -21.49
CA ILE C 295 -4.25 -42.22 -21.36
C ILE C 295 -4.87 -41.22 -22.33
N ALA C 296 -5.13 -41.63 -23.56
CA ALA C 296 -5.67 -40.71 -24.56
C ALA C 296 -7.02 -40.16 -24.11
N GLU C 297 -7.92 -41.01 -23.64
CA GLU C 297 -9.23 -40.56 -23.20
C GLU C 297 -9.14 -39.79 -21.88
N LEU C 298 -8.17 -40.14 -21.01
CA LEU C 298 -7.97 -39.36 -19.80
C LEU C 298 -7.54 -37.94 -20.14
N SER C 299 -6.70 -37.79 -21.17
CA SER C 299 -6.24 -36.46 -21.54
C SER C 299 -7.35 -35.63 -22.15
N GLU C 300 -8.30 -36.25 -22.85
CA GLU C 300 -9.38 -35.45 -23.40
C GLU C 300 -10.37 -35.04 -22.32
N MET C 301 -10.49 -35.84 -21.25
CA MET C 301 -11.32 -35.47 -20.11
C MET C 301 -10.67 -34.40 -19.26
N LEU C 302 -9.34 -34.46 -19.12
CA LEU C 302 -8.66 -33.46 -18.32
C LEU C 302 -8.74 -32.08 -18.96
N PHE C 303 -8.87 -32.01 -20.28
CA PHE C 303 -8.98 -30.73 -20.98
C PHE C 303 -10.40 -30.49 -21.52
N SER C 304 -11.39 -31.21 -20.98
CA SER C 304 -12.80 -31.01 -21.35
C SER C 304 -13.29 -29.60 -21.10
N GLY C 305 -12.74 -28.91 -20.11
CA GLY C 305 -13.27 -27.64 -19.67
C GLY C 305 -14.50 -27.68 -18.78
N LYS C 306 -14.99 -28.87 -18.39
CA LYS C 306 -16.11 -29.05 -17.47
C LYS C 306 -15.65 -29.82 -16.24
N HIS C 307 -15.93 -29.28 -15.06
CA HIS C 307 -15.46 -29.90 -13.84
C HIS C 307 -16.03 -31.31 -13.66
N TYR C 308 -17.30 -31.51 -13.99
CA TYR C 308 -17.91 -32.81 -13.77
C TYR C 308 -17.36 -33.87 -14.69
N VAL C 309 -16.62 -33.50 -15.74
CA VAL C 309 -15.90 -34.46 -16.56
C VAL C 309 -14.48 -34.68 -16.05
N ARG C 310 -13.80 -33.59 -15.65
CA ARG C 310 -12.45 -33.74 -15.09
C ARG C 310 -12.46 -34.60 -13.84
N LYS C 311 -13.50 -34.41 -13.00
CA LYS C 311 -13.65 -35.21 -11.79
C LYS C 311 -13.64 -36.70 -12.09
N ASP C 312 -14.24 -37.09 -13.23
CA ASP C 312 -14.26 -38.49 -13.62
C ASP C 312 -12.86 -38.98 -13.99
N ALA C 313 -12.06 -38.13 -14.65
CA ALA C 313 -10.67 -38.52 -14.96
C ALA C 313 -9.84 -38.65 -13.71
N ILE C 314 -9.93 -37.64 -12.83
CA ILE C 314 -9.15 -37.64 -11.60
C ILE C 314 -9.54 -38.83 -10.73
N GLY C 315 -10.84 -39.08 -10.58
CA GLY C 315 -11.27 -40.23 -9.81
C GLY C 315 -10.81 -41.55 -10.39
N GLY C 316 -10.84 -41.66 -11.73
CA GLY C 316 -10.42 -42.92 -12.36
C GLY C 316 -8.94 -43.18 -12.17
N ILE C 317 -8.11 -42.13 -12.27
CA ILE C 317 -6.69 -42.29 -11.99
C ILE C 317 -6.47 -42.67 -10.53
N VAL C 318 -7.15 -41.95 -9.61
CA VAL C 318 -7.02 -42.27 -8.19
C VAL C 318 -7.46 -43.71 -7.95
N ASN C 319 -8.62 -44.09 -8.48
CA ASN C 319 -9.11 -45.44 -8.29
C ASN C 319 -8.16 -46.47 -8.90
N ALA C 320 -7.56 -46.17 -10.07
CA ALA C 320 -6.66 -47.13 -10.69
C ALA C 320 -5.41 -47.35 -9.84
N LEU C 321 -4.81 -46.27 -9.33
CA LEU C 321 -3.60 -46.41 -8.48
C LEU C 321 -3.95 -47.10 -7.17
N LEU C 322 -5.05 -46.69 -6.55
CA LEU C 322 -5.49 -47.22 -5.23
C LEU C 322 -5.79 -48.72 -5.31
N THR C 323 -6.42 -49.18 -6.38
CA THR C 323 -6.82 -50.61 -6.49
C THR C 323 -5.61 -51.47 -6.85
N SER C 324 -4.44 -50.84 -7.01
CA SER C 324 -3.24 -51.54 -7.41
C SER C 324 -2.28 -51.81 -6.25
N ILE C 325 -2.75 -51.79 -5.01
CA ILE C 325 -1.94 -51.94 -3.83
C ILE C 325 -2.26 -53.24 -3.11
N SER C 326 -1.24 -53.92 -2.62
CA SER C 326 -1.42 -55.15 -1.85
C SER C 326 -0.45 -55.16 -0.67
N VAL C 327 -0.77 -55.98 0.32
CA VAL C 327 0.10 -56.21 1.47
C VAL C 327 0.98 -57.40 1.14
N LYS C 328 2.29 -57.22 1.19
CA LYS C 328 3.26 -58.28 1.03
C LYS C 328 4.17 -58.30 2.25
N PRO C 329 4.86 -59.41 2.49
CA PRO C 329 5.81 -59.42 3.61
C PRO C 329 7.04 -58.59 3.26
N VAL C 330 7.54 -57.85 4.25
CA VAL C 330 8.79 -57.09 4.06
C VAL C 330 9.97 -58.06 4.00
N GLU C 331 10.98 -57.73 3.20
CA GLU C 331 12.13 -58.63 3.03
C GLU C 331 13.17 -58.28 4.09
N ALA C 332 12.88 -58.72 5.30
CA ALA C 332 13.74 -58.60 6.45
C ALA C 332 13.18 -59.52 7.53
N PRO C 333 14.00 -60.10 8.39
CA PRO C 333 13.47 -61.04 9.39
C PRO C 333 12.80 -60.33 10.57
N PHE C 334 11.85 -59.46 10.26
CA PHE C 334 11.05 -58.82 11.31
C PHE C 334 10.12 -59.85 11.93
N HIS C 335 9.95 -59.75 13.25
CA HIS C 335 9.00 -60.57 14.01
C HIS C 335 7.66 -59.91 14.25
N ASN C 336 7.64 -58.61 14.51
CA ASN C 336 6.38 -57.96 14.81
C ASN C 336 5.57 -57.80 13.53
N GLU C 337 4.29 -58.18 13.57
CA GLU C 337 3.49 -58.24 12.34
C GLU C 337 3.33 -56.85 11.75
N LEU C 338 3.37 -55.81 12.56
CA LEU C 338 3.26 -54.45 12.03
C LEU C 338 4.53 -54.01 11.32
N LEU C 339 5.64 -54.72 11.54
CA LEU C 339 6.84 -54.45 10.75
C LEU C 339 7.15 -55.52 9.71
N ALA C 340 6.52 -56.70 9.81
CA ALA C 340 6.80 -57.80 8.89
C ALA C 340 6.01 -57.68 7.59
N PHE C 341 5.04 -56.78 7.53
CA PHE C 341 4.21 -56.58 6.34
C PHE C 341 4.16 -55.09 6.05
N ASN C 342 4.31 -54.75 4.79
CA ASN C 342 4.04 -53.41 4.29
C ASN C 342 3.04 -53.48 3.16
N ALA C 343 2.46 -52.33 2.86
CA ALA C 343 1.65 -52.19 1.66
C ALA C 343 2.57 -51.71 0.55
N TYR C 344 2.41 -52.28 -0.64
CA TYR C 344 3.21 -51.92 -1.80
C TYR C 344 2.30 -51.71 -3.00
N ILE C 345 2.69 -50.78 -3.84
CA ILE C 345 1.99 -50.57 -5.10
C ILE C 345 2.64 -51.48 -6.12
N GLU C 346 1.82 -52.05 -7.01
CA GLU C 346 2.36 -52.94 -8.04
C GLU C 346 3.40 -52.18 -8.85
N PRO C 347 4.56 -52.77 -9.14
CA PRO C 347 5.69 -51.98 -9.70
C PRO C 347 5.36 -51.14 -10.95
N HIS C 348 4.62 -51.70 -11.93
CA HIS C 348 4.33 -50.94 -13.16
C HIS C 348 3.41 -49.75 -12.90
N MET C 349 2.41 -49.95 -12.04
CA MET C 349 1.52 -48.83 -11.64
C MET C 349 2.41 -47.79 -10.95
N GLY C 350 3.38 -48.25 -10.16
CA GLY C 350 4.32 -47.36 -9.50
C GLY C 350 5.08 -46.49 -10.48
N ASN C 351 5.48 -47.06 -11.62
CA ASN C 351 6.11 -46.22 -12.63
C ASN C 351 5.15 -45.13 -13.09
N ALA C 352 3.87 -45.47 -13.27
CA ALA C 352 2.88 -44.46 -13.65
C ALA C 352 2.72 -43.39 -12.57
N LEU C 353 2.70 -43.81 -11.30
CA LEU C 353 2.61 -42.82 -10.23
C LEU C 353 3.83 -41.90 -10.24
N GLU C 354 5.00 -42.46 -10.51
CA GLU C 354 6.22 -41.65 -10.52
C GLU C 354 6.27 -40.70 -11.70
N VAL C 355 5.67 -41.08 -12.84
CA VAL C 355 5.50 -40.14 -13.94
C VAL C 355 4.63 -38.98 -13.52
N LEU C 356 3.58 -39.26 -12.77
CA LEU C 356 2.62 -38.23 -12.35
C LEU C 356 3.24 -37.30 -11.31
N LYS C 357 3.97 -37.85 -10.33
CA LYS C 357 4.63 -36.99 -9.35
C LYS C 357 5.73 -36.16 -9.99
N HIS C 358 6.49 -36.75 -10.90
CA HIS C 358 7.50 -35.98 -11.60
C HIS C 358 6.87 -34.87 -12.43
N PHE C 359 5.68 -35.10 -12.97
CA PHE C 359 5.09 -34.06 -13.79
C PHE C 359 4.59 -32.92 -12.91
N VAL C 360 4.03 -33.26 -11.75
CA VAL C 360 3.52 -32.22 -10.90
C VAL C 360 4.67 -31.38 -10.37
N SER C 361 5.82 -32.01 -10.11
CA SER C 361 6.93 -31.23 -9.59
C SER C 361 7.55 -30.37 -10.67
N GLN C 362 7.49 -30.79 -11.93
CA GLN C 362 8.17 -30.06 -12.98
C GLN C 362 7.36 -28.87 -13.47
N TYR C 363 6.04 -28.91 -13.33
CA TYR C 363 5.19 -27.85 -13.86
C TYR C 363 4.35 -27.16 -12.80
N VAL C 364 4.47 -27.56 -11.53
CA VAL C 364 3.70 -26.86 -10.51
C VAL C 364 4.60 -26.35 -9.40
N ILE C 365 5.71 -27.04 -9.11
CA ILE C 365 6.57 -26.67 -8.00
C ILE C 365 7.88 -26.06 -8.48
N GLN C 366 8.57 -26.73 -9.41
CA GLN C 366 9.86 -26.26 -9.89
C GLN C 366 9.75 -25.20 -10.98
N ILE C 367 8.80 -24.28 -10.86
CA ILE C 367 8.69 -23.16 -11.77
C ILE C 367 9.22 -21.93 -11.06
N PRO C 368 9.83 -20.98 -11.78
CA PRO C 368 10.48 -19.86 -11.09
C PRO C 368 9.56 -19.11 -10.14
N GLN C 369 8.28 -18.94 -10.47
CA GLN C 369 7.39 -18.15 -9.62
C GLN C 369 7.23 -18.78 -8.24
N VAL C 370 7.18 -20.11 -8.16
CA VAL C 370 7.11 -20.74 -6.85
C VAL C 370 8.46 -20.73 -6.16
N GLN C 371 9.53 -20.97 -6.93
CA GLN C 371 10.86 -21.06 -6.35
C GLN C 371 11.37 -19.70 -5.84
N ARG C 372 10.95 -18.60 -6.47
CA ARG C 372 11.34 -17.29 -5.95
C ARG C 372 10.66 -17.01 -4.63
N PHE C 373 9.40 -17.42 -4.51
CA PHE C 373 8.68 -17.25 -3.24
C PHE C 373 9.38 -18.02 -2.12
N GLU C 374 9.94 -19.19 -2.41
CA GLU C 374 10.63 -19.98 -1.40
C GLU C 374 11.99 -19.38 -1.06
N TYR C 375 12.65 -18.78 -2.05
CA TYR C 375 13.87 -18.06 -1.76
C TYR C 375 13.59 -16.92 -0.82
N LYS C 376 12.54 -16.15 -1.11
CA LYS C 376 12.17 -15.05 -0.22
C LYS C 376 11.88 -15.58 1.19
N GLY C 377 11.08 -16.63 1.29
CA GLY C 377 10.76 -17.19 2.59
C GLY C 377 12.01 -17.63 3.35
N GLN C 378 13.00 -18.20 2.63
CA GLN C 378 14.18 -18.69 3.34
C GLN C 378 15.05 -17.52 3.81
N GLN C 379 15.06 -16.42 3.07
CA GLN C 379 15.71 -15.21 3.57
C GLN C 379 14.94 -14.64 4.76
N LEU C 380 13.61 -14.69 4.69
CA LEU C 380 12.79 -14.15 5.75
C LEU C 380 13.00 -14.94 7.04
N ILE C 381 12.98 -16.27 6.96
CA ILE C 381 13.18 -17.12 8.13
C ILE C 381 14.56 -16.89 8.71
N MET C 382 15.56 -16.74 7.86
CA MET C 382 16.90 -16.55 8.40
C MET C 382 17.01 -15.20 9.11
N ASP C 383 16.31 -14.18 8.60
CA ASP C 383 16.25 -12.91 9.30
C ASP C 383 15.60 -13.08 10.68
N LEU C 384 14.45 -13.76 10.72
CA LEU C 384 13.77 -13.98 11.99
C LEU C 384 14.64 -14.73 12.97
N PHE C 385 15.32 -15.77 12.49
CA PHE C 385 16.14 -16.55 13.39
C PHE C 385 17.30 -15.72 13.93
N GLU C 386 17.87 -14.87 13.10
CA GLU C 386 19.07 -14.15 13.47
C GLU C 386 18.76 -13.01 14.46
N ALA C 387 17.63 -12.34 14.26
CA ALA C 387 17.21 -11.27 15.15
C ALA C 387 16.78 -11.81 16.51
N LEU C 388 15.94 -12.85 16.49
CA LEU C 388 15.42 -13.44 17.71
C LEU C 388 16.52 -14.05 18.56
N SER C 389 17.49 -14.72 17.94
CA SER C 389 18.55 -15.29 18.76
C SER C 389 19.58 -14.25 19.21
N ALA C 390 19.52 -13.05 18.63
CA ALA C 390 20.40 -11.93 19.04
C ALA C 390 20.06 -11.51 20.48
N ASP C 391 18.77 -11.39 20.78
CA ASP C 391 18.26 -11.08 22.14
C ASP C 391 16.93 -11.80 22.34
N PRO C 392 16.93 -13.11 22.67
CA PRO C 392 15.69 -13.84 22.79
C PRO C 392 14.73 -13.40 23.90
N GLU C 393 15.24 -13.17 25.10
CA GLU C 393 14.33 -12.86 26.21
C GLU C 393 13.66 -11.50 25.99
N ARG C 394 14.24 -10.69 25.11
CA ARG C 394 13.69 -9.38 24.82
C ARG C 394 12.71 -9.36 23.66
N LEU C 395 12.88 -10.22 22.64
CA LEU C 395 12.08 -10.13 21.42
C LEU C 395 11.02 -11.21 21.29
N LEU C 396 11.21 -12.35 21.94
CA LEU C 396 10.22 -13.39 21.86
C LEU C 396 8.97 -12.94 22.59
N PRO C 397 7.80 -13.55 22.28
CA PRO C 397 6.61 -13.27 23.06
C PRO C 397 6.95 -13.79 24.48
N GLN C 398 6.25 -13.25 25.48
CA GLN C 398 6.59 -13.57 26.89
C GLN C 398 6.49 -15.08 27.15
N ALA C 399 5.48 -15.76 26.59
CA ALA C 399 5.35 -17.21 26.82
C ALA C 399 6.55 -17.94 26.24
N THR C 400 6.99 -17.58 25.03
CA THR C 400 8.12 -18.24 24.37
C THR C 400 9.44 -17.78 24.98
N GLY C 401 9.53 -16.50 25.37
CA GLY C 401 10.71 -16.04 26.07
C GLY C 401 10.96 -16.82 27.35
N GLU C 402 9.88 -17.17 28.07
CA GLU C 402 10.00 -17.96 29.29
C GLU C 402 10.50 -19.38 28.98
N LYS C 403 9.92 -20.02 27.96
CA LYS C 403 10.42 -21.34 27.57
C LYS C 403 11.87 -21.27 27.12
N TRP C 404 12.29 -20.13 26.59
CA TRP C 404 13.69 -19.98 26.20
C TRP C 404 14.60 -19.94 27.42
N ARG C 405 14.24 -19.16 28.44
CA ARG C 405 15.07 -19.09 29.64
C ARG C 405 15.15 -20.46 30.31
N LYS C 406 14.02 -21.13 30.49
CA LYS C 406 14.06 -22.47 31.09
C LYS C 406 14.88 -23.43 30.22
N ALA C 407 14.71 -23.38 28.90
CA ALA C 407 15.45 -24.32 28.06
C ALA C 407 16.94 -24.03 28.03
N GLN C 408 17.34 -22.82 28.41
CA GLN C 408 18.75 -22.47 28.38
C GLN C 408 19.50 -23.02 29.57
N GLU C 409 18.78 -23.53 30.59
CA GLU C 409 19.42 -24.23 31.70
C GLU C 409 20.11 -25.51 31.23
N GLN C 410 19.63 -26.10 30.14
CA GLN C 410 20.28 -27.24 29.52
C GLN C 410 20.81 -26.87 28.16
N ASP C 411 21.00 -25.58 27.94
CA ASP C 411 21.57 -25.05 26.67
C ASP C 411 20.80 -25.52 25.43
N GLU C 412 19.47 -25.54 25.50
CA GLU C 412 18.59 -25.93 24.38
C GLU C 412 17.79 -24.73 23.91
N GLY C 413 18.28 -23.53 24.15
CA GLY C 413 17.54 -22.32 23.79
C GLY C 413 17.29 -22.22 22.30
N MET C 414 18.25 -22.65 21.48
CA MET C 414 18.13 -22.53 20.00
C MET C 414 16.94 -23.34 19.51
N ARG C 415 16.72 -24.51 20.10
CA ARG C 415 15.57 -25.36 19.69
C ARG C 415 14.26 -24.63 20.01
N VAL C 416 14.20 -23.90 21.12
CA VAL C 416 12.96 -23.16 21.46
C VAL C 416 12.70 -22.14 20.36
N ILE C 417 13.73 -21.44 19.89
CA ILE C 417 13.55 -20.49 18.80
C ILE C 417 13.15 -21.22 17.53
N CYS C 418 13.72 -22.40 17.29
CA CYS C 418 13.38 -23.09 16.05
C CYS C 418 11.95 -23.60 16.05
N ASP C 419 11.50 -24.16 17.19
CA ASP C 419 10.10 -24.56 17.36
C ASP C 419 9.16 -23.40 17.08
N TYR C 420 9.48 -22.24 17.64
CA TYR C 420 8.61 -21.08 17.51
C TYR C 420 8.46 -20.68 16.03
N ILE C 421 9.57 -20.61 15.30
CA ILE C 421 9.50 -20.24 13.89
C ILE C 421 8.81 -21.35 13.09
N ALA C 422 9.13 -22.60 13.40
CA ALA C 422 8.48 -23.72 12.73
C ALA C 422 6.96 -23.68 12.87
N ALA C 423 6.45 -23.13 13.97
CA ALA C 423 5.00 -23.09 14.20
C ALA C 423 4.33 -21.86 13.62
N MET C 424 5.09 -20.96 13.00
CA MET C 424 4.45 -19.80 12.39
C MET C 424 3.75 -20.19 11.09
N THR C 425 2.68 -19.47 10.78
CA THR C 425 2.16 -19.45 9.43
C THR C 425 2.97 -18.47 8.60
N ASP C 426 2.69 -18.48 7.29
CA ASP C 426 3.35 -17.51 6.41
C ASP C 426 3.03 -16.08 6.80
N ALA C 427 1.75 -15.80 7.11
CA ALA C 427 1.37 -14.43 7.46
C ALA C 427 1.97 -14.01 8.80
N TYR C 428 1.97 -14.90 9.80
CA TYR C 428 2.58 -14.53 11.08
C TYR C 428 4.05 -14.22 10.90
N ALA C 429 4.77 -15.08 10.18
CA ALA C 429 6.19 -14.85 9.92
C ALA C 429 6.41 -13.56 9.15
N GLN C 430 5.49 -13.19 8.25
CA GLN C 430 5.70 -11.95 7.50
C GLN C 430 5.48 -10.71 8.38
N ARG C 431 4.51 -10.73 9.31
CA ARG C 431 4.31 -9.52 10.10
C ARG C 431 5.41 -9.37 11.13
N LEU C 432 5.90 -10.50 11.68
CA LEU C 432 7.04 -10.41 12.58
C LEU C 432 8.24 -9.85 11.86
N HIS C 433 8.45 -10.25 10.61
CA HIS C 433 9.55 -9.68 9.85
C HIS C 433 9.34 -8.18 9.68
N GLN C 434 8.11 -7.75 9.36
CA GLN C 434 7.88 -6.32 9.21
C GLN C 434 8.07 -5.58 10.52
N GLN C 435 7.71 -6.22 11.63
CA GLN C 435 7.89 -5.58 12.96
C GLN C 435 9.38 -5.39 13.22
N LEU C 436 10.15 -6.46 13.14
CA LEU C 436 11.63 -6.43 13.37
C LEU C 436 12.33 -5.58 12.29
N PHE C 437 11.88 -5.70 11.03
CA PHE C 437 12.50 -4.92 9.92
C PHE C 437 11.42 -4.16 9.16
N ASN D 8 -37.03 -46.56 5.03
CA ASN D 8 -37.47 -46.48 3.62
C ASN D 8 -36.28 -46.15 2.72
N PRO D 9 -36.04 -46.89 1.62
CA PRO D 9 -34.90 -46.64 0.74
C PRO D 9 -34.95 -45.26 0.08
N GLU D 10 -36.17 -44.80 -0.22
CA GLU D 10 -36.35 -43.53 -1.00
C GLU D 10 -35.41 -42.45 -0.45
N TRP D 11 -35.25 -42.40 0.87
CA TRP D 11 -34.35 -41.43 1.54
C TRP D 11 -32.89 -41.62 1.07
N LEU D 12 -32.46 -42.86 0.83
CA LEU D 12 -31.08 -43.03 0.40
C LEU D 12 -30.89 -42.65 -1.05
N ALA D 13 -31.94 -42.22 -1.74
CA ALA D 13 -31.82 -41.99 -3.17
C ALA D 13 -31.20 -40.63 -3.47
N ARG D 14 -30.59 -40.54 -4.66
CA ARG D 14 -30.07 -39.30 -5.20
C ARG D 14 -30.93 -38.84 -6.37
N ASN D 15 -30.87 -37.52 -6.64
CA ASN D 15 -31.76 -36.93 -7.64
C ASN D 15 -31.47 -37.46 -9.04
N ASN D 16 -30.30 -38.03 -9.26
CA ASN D 16 -29.94 -38.51 -10.57
C ASN D 16 -29.21 -39.84 -10.44
N ASP D 17 -29.27 -40.66 -11.51
CA ASP D 17 -28.61 -41.94 -11.57
C ASP D 17 -27.75 -42.04 -12.84
N LYS D 20 -22.52 -44.14 -12.13
CA LYS D 20 -22.71 -45.52 -11.61
C LYS D 20 -21.66 -45.81 -10.55
N ILE D 21 -22.04 -46.54 -9.50
CA ILE D 21 -21.09 -46.91 -8.46
C ILE D 21 -20.24 -48.08 -8.95
N ARG D 22 -18.95 -47.94 -8.73
CA ARG D 22 -17.96 -48.98 -9.06
C ARG D 22 -18.30 -50.15 -8.14
N ARG D 23 -18.04 -51.37 -8.59
CA ARG D 23 -18.35 -52.59 -7.80
C ARG D 23 -17.54 -52.64 -6.50
N ASN D 24 -16.33 -52.10 -6.48
CA ASN D 24 -15.46 -52.16 -5.28
C ASN D 24 -15.78 -51.08 -4.24
N ASP D 25 -16.71 -50.17 -4.51
CA ASP D 25 -17.11 -49.08 -3.62
C ASP D 25 -18.28 -49.58 -2.79
N HIS D 26 -18.02 -49.98 -1.56
CA HIS D 26 -19.06 -50.51 -0.69
C HIS D 26 -19.40 -49.52 0.43
N ARG D 27 -19.20 -48.24 0.15
CA ARG D 27 -19.52 -47.21 1.11
C ARG D 27 -21.03 -46.97 1.15
N SER D 28 -21.49 -46.48 2.30
CA SER D 28 -22.88 -46.09 2.43
C SER D 28 -23.13 -44.81 1.62
N PRO D 29 -24.39 -44.50 1.34
CA PRO D 29 -24.69 -43.21 0.70
C PRO D 29 -24.17 -42.01 1.47
N PHE D 30 -24.11 -42.08 2.81
CA PHE D 30 -23.66 -40.94 3.60
C PHE D 30 -22.14 -40.82 3.65
N GLN D 31 -21.41 -41.95 3.53
CA GLN D 31 -19.96 -41.84 3.39
C GLN D 31 -19.58 -41.18 2.07
N ARG D 32 -20.35 -41.45 1.00
CA ARG D 32 -20.10 -40.78 -0.28
C ARG D 32 -20.57 -39.33 -0.27
N ASP D 33 -21.68 -39.03 0.43
CA ASP D 33 -22.06 -37.63 0.60
C ASP D 33 -20.93 -36.87 1.31
N ARG D 34 -20.40 -37.46 2.39
CA ARG D 34 -19.31 -36.81 3.11
C ARG D 34 -18.12 -36.58 2.18
N ALA D 35 -17.78 -37.57 1.35
CA ALA D 35 -16.63 -37.40 0.46
C ALA D 35 -16.85 -36.29 -0.56
N ARG D 36 -18.04 -36.20 -1.13
CA ARG D 36 -18.31 -35.12 -2.08
C ARG D 36 -18.19 -33.76 -1.40
N ILE D 37 -18.74 -33.63 -0.18
CA ILE D 37 -18.68 -32.36 0.53
C ILE D 37 -17.23 -31.95 0.81
N LEU D 38 -16.40 -32.91 1.25
CA LEU D 38 -14.98 -32.61 1.51
C LEU D 38 -14.22 -32.27 0.24
N HIS D 39 -14.61 -32.84 -0.91
CA HIS D 39 -13.95 -32.51 -2.15
C HIS D 39 -14.50 -31.26 -2.82
N SER D 40 -15.55 -30.67 -2.29
CA SER D 40 -16.17 -29.55 -3.02
C SER D 40 -15.33 -28.28 -2.87
N ALA D 41 -15.41 -27.42 -3.89
CA ALA D 41 -14.83 -26.08 -3.77
C ALA D 41 -15.57 -25.24 -2.73
N ALA D 42 -16.89 -25.42 -2.60
CA ALA D 42 -17.65 -24.65 -1.61
C ALA D 42 -17.12 -24.91 -0.20
N PHE D 43 -16.75 -26.16 0.09
CA PHE D 43 -16.20 -26.49 1.40
C PHE D 43 -14.80 -25.91 1.56
N ARG D 44 -13.96 -26.04 0.54
CA ARG D 44 -12.60 -25.54 0.64
C ARG D 44 -12.58 -24.06 0.93
N ARG D 45 -13.61 -23.33 0.49
CA ARG D 45 -13.71 -21.89 0.72
C ARG D 45 -13.85 -21.54 2.20
N LEU D 46 -14.34 -22.46 3.03
CA LEU D 46 -14.51 -22.14 4.44
C LEU D 46 -13.17 -21.85 5.12
N GLN D 47 -12.05 -22.15 4.48
CA GLN D 47 -10.77 -21.78 5.07
C GLN D 47 -10.50 -20.28 4.98
N ALA D 48 -11.09 -19.60 4.02
CA ALA D 48 -10.84 -18.17 3.89
C ALA D 48 -11.80 -17.35 4.73
N LYS D 49 -13.04 -17.82 4.80
CA LYS D 49 -14.14 -17.05 5.36
C LYS D 49 -13.99 -16.87 6.87
N THR D 63 -11.67 -20.37 11.70
CA THR D 63 -12.30 -20.09 10.42
C THR D 63 -13.65 -20.79 10.45
N ARG D 64 -14.46 -20.53 9.43
CA ARG D 64 -15.71 -21.26 9.36
C ARG D 64 -15.47 -22.76 9.18
N LEU D 65 -14.32 -23.13 8.60
CA LEU D 65 -13.99 -24.55 8.49
C LEU D 65 -13.70 -25.13 9.88
N THR D 66 -12.91 -24.42 10.68
CA THR D 66 -12.65 -24.86 12.04
C THR D 66 -13.95 -24.99 12.83
N HIS D 67 -14.81 -23.96 12.74
CA HIS D 67 -16.11 -24.04 13.38
C HIS D 67 -16.87 -25.28 12.91
N SER D 68 -16.79 -25.61 11.60
CA SER D 68 -17.62 -26.72 11.10
C SER D 68 -17.06 -28.07 11.52
N LEU D 69 -15.73 -28.18 11.64
CA LEU D 69 -15.15 -29.39 12.19
C LEU D 69 -15.51 -29.56 13.65
N GLU D 70 -15.52 -28.45 14.42
CA GLU D 70 -15.90 -28.56 15.82
C GLU D 70 -17.34 -29.00 15.94
N ALA D 71 -18.22 -28.42 15.14
CA ALA D 71 -19.62 -28.84 15.17
C ALA D 71 -19.73 -30.31 14.78
N ALA D 72 -18.98 -30.75 13.77
CA ALA D 72 -19.10 -32.14 13.36
C ALA D 72 -18.69 -33.06 14.49
N GLN D 73 -17.66 -32.70 15.22
CA GLN D 73 -17.19 -33.62 16.24
C GLN D 73 -18.07 -33.53 17.49
N ILE D 74 -18.72 -32.37 17.74
CA ILE D 74 -19.73 -32.34 18.79
C ILE D 74 -20.94 -33.18 18.36
N GLY D 75 -21.31 -33.11 17.08
CA GLY D 75 -22.46 -33.84 16.60
C GLY D 75 -22.36 -35.34 16.78
N THR D 76 -21.20 -35.92 16.45
CA THR D 76 -21.06 -37.36 16.70
C THR D 76 -21.03 -37.64 18.20
N GLY D 77 -20.55 -36.67 18.99
CA GLY D 77 -20.61 -36.85 20.44
C GLY D 77 -22.04 -36.91 20.95
N ILE D 78 -22.92 -36.10 20.37
CA ILE D 78 -24.33 -36.14 20.75
C ILE D 78 -24.96 -37.47 20.38
N VAL D 79 -24.75 -37.92 19.14
CA VAL D 79 -25.32 -39.20 18.70
C VAL D 79 -24.82 -40.34 19.58
N ALA D 80 -23.52 -40.35 19.89
CA ALA D 80 -22.98 -41.44 20.67
C ALA D 80 -23.64 -41.50 22.03
N GLN D 81 -23.85 -40.33 22.64
CA GLN D 81 -24.38 -40.28 23.98
C GLN D 81 -25.88 -40.54 24.01
N ILE D 82 -26.61 -40.14 22.96
CA ILE D 82 -28.02 -40.52 22.90
C ILE D 82 -28.18 -42.02 22.72
N LYS D 83 -27.40 -42.64 21.83
CA LYS D 83 -27.64 -44.06 21.58
C LYS D 83 -27.16 -44.92 22.74
N LEU D 84 -26.50 -44.31 23.72
CA LEU D 84 -26.19 -45.02 24.95
C LEU D 84 -27.27 -44.86 26.01
N LYS D 85 -27.98 -43.74 25.98
CA LYS D 85 -29.02 -43.53 27.00
C LYS D 85 -30.39 -43.89 26.46
N GLN D 86 -30.56 -43.85 25.14
CA GLN D 86 -31.87 -44.18 24.53
C GLN D 86 -31.64 -45.19 23.42
N PRO D 87 -31.41 -46.48 23.74
CA PRO D 87 -31.15 -47.51 22.74
C PRO D 87 -32.29 -47.78 21.75
N GLU D 88 -33.51 -47.38 22.14
CA GLU D 88 -34.70 -47.60 21.28
C GLU D 88 -34.46 -46.85 19.97
N PHE D 89 -33.60 -45.83 20.01
CA PHE D 89 -33.35 -45.01 18.80
C PHE D 89 -32.05 -45.34 18.09
N ARG D 90 -31.39 -46.45 18.39
CA ARG D 90 -30.08 -46.73 17.73
C ARG D 90 -30.24 -46.81 16.21
N GLU D 91 -31.31 -47.43 15.72
CA GLU D 91 -31.52 -47.57 14.27
C GLU D 91 -31.79 -46.23 13.60
N LEU D 92 -32.45 -45.31 14.29
CA LEU D 92 -32.92 -44.08 13.68
C LEU D 92 -31.88 -42.98 13.66
N LEU D 93 -30.95 -42.97 14.61
CA LEU D 93 -30.02 -41.86 14.69
C LEU D 93 -29.13 -41.78 13.44
N PRO D 94 -28.67 -40.59 13.09
CA PRO D 94 -27.80 -40.48 11.92
C PRO D 94 -26.46 -41.17 12.17
N SER D 95 -25.93 -41.79 11.13
CA SER D 95 -24.57 -42.29 11.17
C SER D 95 -23.59 -41.15 11.34
N ASP D 96 -22.35 -41.51 11.72
CA ASP D 96 -21.30 -40.51 11.90
C ASP D 96 -21.06 -39.74 10.61
N SER D 97 -21.09 -40.42 9.46
CA SER D 97 -20.83 -39.72 8.21
C SER D 97 -22.01 -38.85 7.78
N LEU D 98 -23.23 -39.19 8.21
CA LEU D 98 -24.35 -38.29 7.91
C LEU D 98 -24.30 -37.03 8.76
N ILE D 99 -24.09 -37.18 10.07
CA ILE D 99 -24.08 -35.97 10.88
C ILE D 99 -22.85 -35.15 10.55
N ASP D 100 -21.74 -35.81 10.20
CA ASP D 100 -20.55 -35.11 9.67
C ASP D 100 -20.90 -34.25 8.46
N SER D 101 -21.65 -34.81 7.51
CA SER D 101 -21.88 -34.09 6.26
C SER D 101 -22.71 -32.85 6.48
N LEU D 102 -23.70 -32.92 7.39
CA LEU D 102 -24.53 -31.74 7.58
C LEU D 102 -23.78 -30.64 8.32
N CYS D 103 -22.80 -30.99 9.14
CA CYS D 103 -22.09 -29.95 9.84
C CYS D 103 -20.98 -29.39 8.95
N LEU D 104 -20.43 -30.23 8.06
CA LEU D 104 -19.41 -29.73 7.16
C LEU D 104 -20.00 -28.85 6.09
N ALA D 105 -21.27 -29.05 5.77
CA ALA D 105 -21.91 -28.30 4.71
C ALA D 105 -22.74 -27.12 5.20
N HIS D 106 -23.05 -27.09 6.48
CA HIS D 106 -24.06 -26.17 7.04
C HIS D 106 -23.78 -24.73 6.69
N ASP D 107 -22.53 -24.36 6.64
CA ASP D 107 -22.17 -22.93 6.50
C ASP D 107 -21.69 -22.58 5.10
N ILE D 108 -21.88 -23.48 4.16
CA ILE D 108 -21.40 -23.32 2.78
C ILE D 108 -21.99 -22.06 2.14
N GLY D 109 -23.26 -21.74 2.43
CA GLY D 109 -23.92 -20.67 1.71
C GLY D 109 -23.62 -19.25 2.19
N HIS D 110 -22.85 -19.10 3.26
CA HIS D 110 -22.63 -17.76 3.79
C HIS D 110 -21.79 -16.92 2.85
N PRO D 111 -22.16 -15.65 2.65
CA PRO D 111 -21.46 -14.81 1.69
C PRO D 111 -20.25 -14.16 2.33
N PRO D 112 -19.44 -13.43 1.55
CA PRO D 112 -18.41 -12.59 2.16
C PRO D 112 -19.00 -11.62 3.17
N TYR D 113 -18.23 -11.37 4.22
CA TYR D 113 -18.56 -10.40 5.25
C TYR D 113 -19.77 -10.81 6.07
N GLY D 114 -20.08 -12.10 6.10
CA GLY D 114 -21.05 -12.59 7.06
C GLY D 114 -22.36 -11.83 6.99
N HIS D 115 -22.86 -11.42 8.16
CA HIS D 115 -24.18 -10.81 8.23
C HIS D 115 -24.26 -9.51 7.45
N GLY D 116 -23.18 -8.73 7.41
CA GLY D 116 -23.22 -7.52 6.60
C GLY D 116 -23.36 -7.84 5.13
N GLY D 117 -22.65 -8.87 4.67
CA GLY D 117 -22.84 -9.32 3.30
C GLY D 117 -24.25 -9.81 3.03
N GLU D 118 -24.79 -10.59 3.96
CA GLU D 118 -26.14 -11.14 3.76
C GLU D 118 -27.11 -9.98 3.66
N ILE D 119 -26.94 -8.96 4.48
CA ILE D 119 -27.89 -7.84 4.42
C ILE D 119 -27.79 -7.15 3.07
N ALA D 120 -26.58 -6.89 2.61
CA ALA D 120 -26.42 -6.16 1.34
C ALA D 120 -26.97 -6.96 0.16
N LEU D 121 -26.67 -8.24 0.09
CA LEU D 121 -27.16 -9.03 -1.06
C LEU D 121 -28.67 -9.10 -1.08
N ASN D 122 -29.27 -9.37 0.08
CA ASN D 122 -30.72 -9.45 0.21
C ASN D 122 -31.37 -8.15 -0.20
N TYR D 123 -30.76 -7.03 0.17
CA TYR D 123 -31.29 -5.73 -0.24
C TYR D 123 -31.17 -5.55 -1.75
N MET D 124 -30.03 -5.91 -2.32
CA MET D 124 -29.89 -5.74 -3.76
C MET D 124 -30.77 -6.72 -4.52
N MET D 125 -31.19 -7.81 -3.88
CA MET D 125 -32.11 -8.77 -4.47
C MET D 125 -33.55 -8.59 -3.99
N ARG D 126 -33.92 -7.41 -3.46
CA ARG D 126 -35.24 -7.25 -2.86
C ARG D 126 -36.36 -7.51 -3.89
N ASP D 127 -36.12 -7.24 -5.17
CA ASP D 127 -37.15 -7.44 -6.18
C ASP D 127 -36.93 -8.70 -6.99
N HIS D 128 -36.14 -9.65 -6.46
CA HIS D 128 -35.81 -10.86 -7.22
C HIS D 128 -35.62 -12.09 -6.32
N GLY D 129 -36.37 -12.20 -5.24
CA GLY D 129 -36.34 -13.40 -4.43
C GLY D 129 -35.49 -13.35 -3.19
N GLY D 130 -34.72 -12.26 -2.99
CA GLY D 130 -33.92 -12.09 -1.81
C GLY D 130 -32.66 -12.93 -1.83
N PHE D 131 -31.89 -12.83 -0.74
CA PHE D 131 -30.73 -13.69 -0.52
C PHE D 131 -30.73 -14.10 0.95
N GLU D 132 -30.37 -15.35 1.22
CA GLU D 132 -30.20 -15.83 2.59
C GLU D 132 -29.26 -17.03 2.63
N GLY D 133 -28.43 -17.09 3.68
CA GLY D 133 -27.33 -18.04 3.71
C GLY D 133 -27.81 -19.49 3.69
N ASN D 134 -28.86 -19.81 4.45
CA ASN D 134 -29.38 -21.18 4.44
C ASN D 134 -30.02 -21.53 3.10
N ALA D 135 -30.71 -20.58 2.46
CA ALA D 135 -31.17 -20.80 1.09
C ALA D 135 -29.98 -21.06 0.15
N GLN D 136 -28.91 -20.25 0.27
CA GLN D 136 -27.76 -20.42 -0.60
C GLN D 136 -27.10 -21.78 -0.40
N THR D 137 -27.04 -22.25 0.85
CA THR D 137 -26.44 -23.56 1.08
C THR D 137 -27.17 -24.64 0.29
N PHE D 138 -28.50 -24.67 0.39
CA PHE D 138 -29.27 -25.64 -0.37
C PHE D 138 -29.03 -25.49 -1.87
N ARG D 139 -29.01 -24.26 -2.37
CA ARG D 139 -28.83 -24.03 -3.81
C ARG D 139 -27.45 -24.50 -4.28
N ILE D 140 -26.44 -24.36 -3.43
CA ILE D 140 -25.11 -24.81 -3.83
C ILE D 140 -25.07 -26.33 -3.95
N VAL D 141 -25.62 -27.04 -2.96
CA VAL D 141 -25.48 -28.51 -3.00
C VAL D 141 -26.45 -29.15 -4.01
N THR D 142 -27.57 -28.49 -4.34
CA THR D 142 -28.50 -29.02 -5.33
C THR D 142 -28.23 -28.54 -6.74
N SER D 143 -27.47 -27.46 -6.93
CA SER D 143 -27.37 -26.93 -8.29
C SER D 143 -26.03 -26.30 -8.65
N LEU D 144 -25.44 -25.51 -7.76
CA LEU D 144 -24.32 -24.67 -8.14
C LEU D 144 -22.97 -25.40 -8.18
N GLU D 145 -22.68 -26.26 -7.20
CA GLU D 145 -21.40 -26.96 -7.19
C GLU D 145 -21.30 -27.92 -8.37
N PRO D 146 -20.29 -27.78 -9.26
CA PRO D 146 -20.33 -28.53 -10.53
C PRO D 146 -19.81 -29.96 -10.44
N TYR D 147 -20.18 -30.68 -9.37
CA TYR D 147 -19.85 -32.11 -9.28
C TYR D 147 -20.65 -32.92 -10.31
N THR D 148 -21.89 -32.52 -10.59
CA THR D 148 -22.68 -33.09 -11.67
C THR D 148 -23.08 -31.97 -12.63
N GLU D 149 -23.62 -32.35 -13.78
CA GLU D 149 -23.96 -31.32 -14.75
C GLU D 149 -25.21 -30.55 -14.32
N HIS D 150 -26.18 -31.22 -13.70
CA HIS D 150 -27.46 -30.59 -13.43
C HIS D 150 -27.95 -30.67 -11.98
N HIS D 151 -27.28 -31.37 -11.09
CA HIS D 151 -27.84 -31.59 -9.77
C HIS D 151 -26.83 -31.30 -8.67
N GLY D 152 -25.87 -30.42 -8.96
CA GLY D 152 -24.93 -30.01 -7.93
C GLY D 152 -24.15 -31.19 -7.39
N MET D 153 -24.04 -31.26 -6.07
CA MET D 153 -23.33 -32.36 -5.45
C MET D 153 -24.12 -33.65 -5.51
N ASN D 154 -25.42 -33.57 -5.81
CA ASN D 154 -26.31 -34.73 -5.98
C ASN D 154 -26.28 -35.61 -4.73
N LEU D 155 -26.52 -34.99 -3.57
CA LEU D 155 -26.47 -35.73 -2.31
C LEU D 155 -27.73 -36.57 -2.11
N SER D 156 -27.62 -37.57 -1.23
CA SER D 156 -28.76 -38.41 -0.90
C SER D 156 -29.90 -37.58 -0.28
N ARG D 157 -31.13 -38.09 -0.41
CA ARG D 157 -32.29 -37.27 -0.03
C ARG D 157 -32.30 -36.92 1.45
N ARG D 158 -31.96 -37.88 2.32
CA ARG D 158 -31.97 -37.64 3.75
C ARG D 158 -30.95 -36.58 4.13
N THR D 159 -29.76 -36.61 3.50
CA THR D 159 -28.79 -35.55 3.73
C THR D 159 -29.37 -34.19 3.34
N LEU D 160 -30.06 -34.13 2.20
CA LEU D 160 -30.67 -32.87 1.77
C LEU D 160 -31.72 -32.43 2.77
N LEU D 161 -32.54 -33.37 3.24
CA LEU D 161 -33.57 -33.05 4.22
C LEU D 161 -32.94 -32.49 5.50
N GLY D 162 -31.77 -33.01 5.89
CA GLY D 162 -31.08 -32.52 7.05
C GLY D 162 -30.56 -31.11 6.93
N LEU D 163 -30.37 -30.61 5.71
CA LEU D 163 -29.91 -29.25 5.52
C LEU D 163 -31.06 -28.25 5.53
N LEU D 164 -32.30 -28.71 5.49
CA LEU D 164 -33.43 -27.80 5.49
C LEU D 164 -33.76 -27.39 6.93
N LYS D 165 -32.97 -26.42 7.42
CA LYS D 165 -33.26 -25.80 8.71
C LYS D 165 -34.61 -25.09 8.67
N TYR D 166 -35.00 -24.62 7.48
CA TYR D 166 -36.23 -23.87 7.26
C TYR D 166 -36.95 -24.46 6.05
N PRO D 167 -37.80 -25.45 6.25
CA PRO D 167 -38.42 -26.18 5.14
C PRO D 167 -39.69 -25.49 4.61
N ALA D 168 -39.58 -24.20 4.34
CA ALA D 168 -40.62 -23.48 3.63
C ALA D 168 -39.98 -22.62 2.56
N LEU D 169 -40.78 -22.17 1.60
CA LEU D 169 -40.28 -21.27 0.59
C LEU D 169 -40.18 -19.86 1.15
N LEU D 170 -39.23 -19.09 0.61
CA LEU D 170 -39.09 -17.72 1.09
C LEU D 170 -40.29 -16.85 0.71
N SER D 171 -41.15 -17.31 -0.20
CA SER D 171 -42.38 -16.58 -0.46
C SER D 171 -43.34 -16.65 0.71
N ALA D 172 -43.29 -17.74 1.48
CA ALA D 172 -44.17 -17.92 2.62
C ALA D 172 -43.64 -17.18 3.86
N THR D 173 -42.33 -17.03 3.97
CA THR D 173 -41.79 -16.40 5.20
C THR D 173 -41.49 -14.91 4.99
N ARG D 174 -41.47 -14.44 3.74
CA ARG D 174 -41.18 -13.00 3.52
C ARG D 174 -42.30 -12.18 4.18
N LYS D 191 -30.95 -2.62 9.88
CA LYS D 191 -31.42 -3.88 10.51
C LYS D 191 -32.78 -4.28 9.95
N ASP D 192 -33.42 -3.38 9.21
CA ASP D 192 -34.74 -3.62 8.57
C ASP D 192 -34.64 -4.72 7.49
N TRP D 193 -33.48 -4.87 6.87
CA TRP D 193 -33.29 -5.85 5.76
C TRP D 193 -32.83 -7.23 6.24
N SER D 194 -32.73 -7.50 7.54
CA SER D 194 -32.29 -8.90 7.84
C SER D 194 -33.18 -9.84 7.03
N PRO D 195 -32.67 -10.91 6.39
CA PRO D 195 -33.53 -11.74 5.54
C PRO D 195 -34.43 -12.64 6.38
N ALA D 196 -35.63 -12.88 5.85
CA ALA D 196 -36.40 -14.02 6.31
C ALA D 196 -35.66 -15.31 5.92
N LYS D 197 -36.06 -16.42 6.54
CA LYS D 197 -35.37 -17.69 6.33
C LYS D 197 -36.28 -18.71 5.65
N GLY D 198 -35.71 -19.42 4.68
CA GLY D 198 -36.46 -20.33 3.82
C GLY D 198 -35.62 -20.75 2.62
N ILE D 199 -36.29 -21.24 1.58
CA ILE D 199 -35.67 -21.76 0.37
C ILE D 199 -36.06 -20.88 -0.82
N TYR D 200 -35.09 -20.58 -1.69
CA TYR D 200 -35.39 -19.77 -2.86
C TYR D 200 -36.46 -20.43 -3.73
N ASP D 201 -37.33 -19.62 -4.31
CA ASP D 201 -38.31 -20.16 -5.24
C ASP D 201 -37.67 -20.74 -6.50
N CYS D 202 -36.52 -20.18 -6.93
CA CYS D 202 -35.84 -20.75 -8.10
C CYS D 202 -35.26 -22.13 -7.83
N ASP D 203 -35.37 -22.65 -6.61
CA ASP D 203 -34.93 -24.00 -6.25
C ASP D 203 -36.10 -24.89 -5.88
N LEU D 204 -37.31 -24.52 -6.35
CA LEU D 204 -38.51 -25.24 -5.94
C LEU D 204 -38.47 -26.70 -6.40
N ALA D 205 -37.90 -26.95 -7.58
CA ALA D 205 -37.85 -28.31 -8.10
C ALA D 205 -37.04 -29.22 -7.18
N SER D 206 -35.89 -28.76 -6.71
CA SER D 206 -35.11 -29.70 -5.91
C SER D 206 -35.65 -29.79 -4.50
N LEU D 207 -36.42 -28.79 -4.06
CA LEU D 207 -37.11 -28.95 -2.78
C LEU D 207 -38.28 -29.91 -2.90
N ASP D 208 -39.07 -29.79 -3.96
CA ASP D 208 -40.12 -30.76 -4.18
C ASP D 208 -39.55 -32.17 -4.27
N TRP D 209 -38.40 -32.34 -4.94
CA TRP D 209 -37.84 -33.67 -5.05
C TRP D 209 -37.47 -34.23 -3.68
N VAL D 210 -36.88 -33.39 -2.83
CA VAL D 210 -36.47 -33.85 -1.51
C VAL D 210 -37.67 -34.28 -0.67
N LEU D 211 -38.76 -33.52 -0.72
CA LEU D 211 -39.94 -33.80 0.10
C LEU D 211 -40.91 -34.79 -0.54
N GLU D 212 -40.63 -35.25 -1.77
CA GLU D 212 -41.60 -36.07 -2.49
C GLU D 212 -42.08 -37.32 -1.75
N PRO D 213 -41.25 -38.06 -1.02
CA PRO D 213 -41.80 -39.27 -0.40
C PRO D 213 -42.57 -39.01 0.90
N LEU D 214 -42.94 -37.76 1.15
CA LEU D 214 -43.72 -37.43 2.34
C LEU D 214 -45.19 -37.30 1.97
N CYS D 215 -46.05 -37.82 2.85
CA CYS D 215 -47.49 -37.72 2.73
C CYS D 215 -47.94 -36.26 2.82
N GLU D 216 -49.17 -36.03 2.38
CA GLU D 216 -49.73 -34.67 2.37
C GLU D 216 -49.64 -33.99 3.74
N SER D 217 -50.00 -34.71 4.81
CA SER D 217 -50.08 -34.07 6.13
C SER D 217 -48.72 -33.65 6.64
N ASP D 218 -47.69 -34.44 6.37
CA ASP D 218 -46.34 -34.03 6.77
C ASP D 218 -45.89 -32.80 5.99
N ARG D 219 -46.20 -32.76 4.68
CA ARG D 219 -45.73 -31.66 3.86
C ARG D 219 -46.39 -30.35 4.27
N GLU D 220 -47.67 -30.39 4.64
CA GLU D 220 -48.37 -29.18 5.02
C GLU D 220 -48.02 -28.76 6.43
N LEU D 221 -47.51 -29.70 7.24
CA LEU D 221 -47.03 -29.36 8.57
C LEU D 221 -45.64 -28.73 8.53
N LEU D 222 -44.83 -29.09 7.54
CA LEU D 222 -43.44 -28.60 7.49
C LEU D 222 -43.36 -27.12 7.17
N GLY D 223 -44.31 -26.61 6.38
CA GLY D 223 -44.33 -25.18 6.01
C GLY D 223 -44.99 -24.33 7.07
N GLN D 224 -45.48 -24.96 8.14
CA GLN D 224 -46.16 -24.23 9.25
C GLN D 224 -45.16 -23.31 9.97
N HIS D 235 -41.68 -10.90 10.03
CA HIS D 235 -41.20 -12.08 9.33
C HIS D 235 -41.79 -13.28 10.03
N ARG D 236 -42.22 -14.24 9.23
CA ARG D 236 -42.72 -15.52 9.79
C ARG D 236 -41.51 -16.42 10.00
N LYS D 237 -41.62 -17.39 10.90
CA LYS D 237 -40.50 -18.32 11.17
C LYS D 237 -41.06 -19.75 11.16
N THR D 238 -40.30 -20.68 10.60
CA THR D 238 -40.73 -22.11 10.53
C THR D 238 -40.62 -22.73 11.90
N ARG D 239 -41.38 -23.78 12.16
CA ARG D 239 -41.37 -24.37 13.49
C ARG D 239 -40.66 -25.71 13.53
N PHE D 240 -40.59 -26.43 12.41
CA PHE D 240 -40.23 -27.85 12.42
C PHE D 240 -38.98 -28.11 11.57
N LYS D 241 -38.39 -29.28 11.80
CA LYS D 241 -37.19 -29.72 11.11
C LYS D 241 -36.99 -31.21 11.36
N SER D 242 -36.15 -31.83 10.56
CA SER D 242 -35.92 -33.25 10.72
C SER D 242 -35.01 -33.51 11.92
N LEU D 243 -35.01 -34.78 12.35
CA LEU D 243 -34.16 -35.20 13.45
C LEU D 243 -32.68 -34.92 13.16
N ASP D 244 -32.22 -35.30 11.97
CA ASP D 244 -30.82 -35.08 11.61
C ASP D 244 -30.46 -33.61 11.73
N CYS D 245 -31.41 -32.75 11.42
CA CYS D 245 -31.16 -31.32 11.43
C CYS D 245 -31.20 -30.73 12.85
N SER D 246 -32.04 -31.29 13.74
CA SER D 246 -32.05 -30.85 15.14
C SER D 246 -30.72 -31.16 15.84
N ILE D 247 -30.13 -32.32 15.57
CA ILE D 247 -28.85 -32.65 16.19
C ILE D 247 -27.77 -31.70 15.71
N MET D 248 -27.77 -31.43 14.41
CA MET D 248 -26.77 -30.52 13.79
C MET D 248 -26.95 -29.12 14.36
N GLU D 249 -28.17 -28.67 14.53
CA GLU D 249 -28.37 -27.30 15.06
C GLU D 249 -27.79 -27.20 16.47
N LEU D 250 -27.98 -28.24 17.29
CA LEU D 250 -27.45 -28.24 18.67
C LEU D 250 -25.92 -28.21 18.63
N ALA D 251 -25.33 -28.99 17.72
CA ALA D 251 -23.85 -29.03 17.59
C ALA D 251 -23.32 -27.67 17.15
N ASP D 252 -23.99 -27.02 16.20
CA ASP D 252 -23.58 -25.67 15.73
C ASP D 252 -23.70 -24.70 16.90
N ASP D 253 -24.77 -24.83 17.69
CA ASP D 253 -24.98 -23.93 18.85
C ASP D 253 -23.96 -24.19 19.95
N ILE D 254 -23.68 -25.44 20.27
CA ILE D 254 -22.69 -25.64 21.35
C ILE D 254 -21.34 -25.11 20.88
N ALA D 255 -20.95 -25.43 19.66
CA ALA D 255 -19.65 -25.00 19.13
C ALA D 255 -19.56 -23.49 19.08
N TYR D 256 -20.61 -22.83 18.59
CA TYR D 256 -20.66 -21.36 18.64
C TYR D 256 -20.55 -20.86 20.09
N GLY D 257 -21.24 -21.53 21.02
CA GLY D 257 -21.30 -21.00 22.38
C GLY D 257 -19.98 -21.03 23.11
N VAL D 258 -19.21 -22.11 22.99
CA VAL D 258 -18.07 -22.35 23.86
C VAL D 258 -16.74 -22.16 23.14
N HIS D 259 -16.62 -22.58 21.88
CA HIS D 259 -15.29 -22.58 21.28
C HIS D 259 -14.90 -21.21 20.77
N ASP D 260 -15.88 -20.33 20.55
CA ASP D 260 -15.58 -18.92 20.33
C ASP D 260 -15.18 -18.24 21.64
N LEU D 261 -15.69 -18.74 22.77
CA LEU D 261 -15.40 -18.14 24.06
C LEU D 261 -13.93 -18.28 24.43
N GLU D 262 -13.29 -19.38 24.00
CA GLU D 262 -11.92 -19.66 24.42
C GLU D 262 -10.93 -18.66 23.81
N ASP D 263 -11.03 -18.35 22.51
CA ASP D 263 -10.06 -17.41 21.95
C ASP D 263 -10.34 -15.98 22.38
N ALA D 264 -11.59 -15.62 22.61
CA ALA D 264 -11.83 -14.26 23.11
C ALA D 264 -11.12 -13.99 24.43
N ILE D 265 -10.91 -15.00 25.28
CA ILE D 265 -10.30 -14.71 26.56
C ILE D 265 -8.79 -14.47 26.44
N VAL D 266 -8.16 -15.35 25.66
CA VAL D 266 -6.69 -15.25 25.35
C VAL D 266 -6.43 -14.00 24.49
N LEU D 267 -7.28 -13.75 23.48
CA LEU D 267 -7.10 -12.56 22.62
C LEU D 267 -7.33 -11.25 23.36
N GLY D 268 -7.79 -11.30 24.63
CA GLY D 268 -8.02 -10.08 25.39
C GLY D 268 -9.27 -9.32 25.05
N MET D 269 -10.16 -9.89 24.22
CA MET D 269 -11.43 -9.23 23.90
C MET D 269 -12.41 -9.24 25.05
N VAL D 270 -12.21 -10.13 26.02
CA VAL D 270 -12.99 -10.12 27.24
C VAL D 270 -12.04 -10.40 28.40
N THR D 271 -12.21 -9.59 29.45
CA THR D 271 -11.45 -9.68 30.72
C THR D 271 -12.35 -10.36 31.77
N ARG D 272 -11.78 -10.75 32.90
CA ARG D 272 -12.54 -11.45 33.97
C ARG D 272 -13.64 -10.52 34.51
N ALA D 273 -13.37 -9.23 34.63
CA ALA D 273 -14.34 -8.28 35.21
C ALA D 273 -15.66 -8.30 34.41
N GLN D 274 -15.61 -8.32 33.08
CA GLN D 274 -16.87 -8.34 32.35
C GLN D 274 -17.44 -9.75 32.24
N TRP D 275 -16.59 -10.78 32.27
CA TRP D 275 -17.08 -12.15 32.33
C TRP D 275 -17.86 -12.41 33.61
N GLN D 276 -17.35 -11.94 34.75
CA GLN D 276 -18.02 -12.17 36.01
C GLN D 276 -19.37 -11.45 36.07
N GLU D 277 -19.41 -10.19 35.60
CA GLU D 277 -20.65 -9.42 35.68
C GLU D 277 -21.70 -9.93 34.70
N ALA D 278 -21.30 -10.31 33.48
CA ALA D 278 -22.30 -10.63 32.46
C ALA D 278 -22.62 -12.12 32.51
N ALA D 279 -21.67 -12.94 32.08
CA ALA D 279 -21.92 -14.36 31.90
C ALA D 279 -21.92 -15.13 33.22
N ALA D 280 -20.91 -14.89 34.06
CA ALA D 280 -20.75 -15.73 35.25
C ALA D 280 -21.88 -15.52 36.25
N ALA D 281 -22.30 -14.26 36.44
CA ALA D 281 -23.41 -14.01 37.35
C ALA D 281 -24.71 -14.57 36.79
N GLN D 282 -24.94 -14.37 35.49
CA GLN D 282 -26.15 -14.91 34.89
C GLN D 282 -26.18 -16.44 34.95
N LEU D 283 -25.01 -17.09 34.85
CA LEU D 283 -24.95 -18.56 34.93
C LEU D 283 -25.15 -19.06 36.36
N ALA D 284 -24.83 -18.24 37.36
CA ALA D 284 -25.08 -18.65 38.73
C ALA D 284 -26.56 -18.74 39.04
N GLU D 285 -27.41 -18.08 38.23
CA GLU D 285 -28.85 -18.05 38.42
C GLU D 285 -29.63 -18.64 37.24
N CYS D 286 -28.97 -19.38 36.36
CA CYS D 286 -29.63 -19.89 35.14
C CYS D 286 -30.55 -21.08 35.39
N GLY D 287 -30.49 -21.70 36.56
CA GLY D 287 -31.39 -22.79 36.85
C GLY D 287 -30.83 -24.16 36.54
N ASP D 288 -29.67 -24.24 35.89
CA ASP D 288 -29.04 -25.51 35.70
C ASP D 288 -28.08 -25.78 36.85
N PRO D 289 -28.26 -26.87 37.58
CA PRO D 289 -27.44 -27.10 38.80
C PRO D 289 -25.97 -27.25 38.53
N TRP D 290 -25.60 -27.89 37.42
CA TRP D 290 -24.20 -28.11 37.13
C TRP D 290 -23.50 -26.79 36.97
N PHE D 291 -24.11 -25.87 36.22
CA PHE D 291 -23.51 -24.55 36.05
C PHE D 291 -23.55 -23.75 37.35
N GLU D 292 -24.65 -23.81 38.12
CA GLU D 292 -24.67 -23.06 39.37
C GLU D 292 -23.59 -23.55 40.32
N GLU D 293 -23.37 -24.87 40.35
CA GLU D 293 -22.34 -25.43 41.22
C GLU D 293 -20.93 -25.14 40.71
N HIS D 294 -20.66 -25.35 39.43
CA HIS D 294 -19.28 -25.40 38.95
C HIS D 294 -18.80 -24.08 38.37
N ILE D 295 -19.67 -23.09 38.37
CA ILE D 295 -19.29 -21.83 37.67
C ILE D 295 -18.07 -21.21 38.29
N ALA D 296 -17.94 -21.18 39.60
CA ALA D 296 -16.83 -20.42 40.20
C ALA D 296 -15.48 -21.00 39.77
N GLU D 297 -15.32 -22.30 39.85
CA GLU D 297 -14.02 -22.85 39.48
C GLU D 297 -13.75 -22.62 38.00
N LEU D 298 -14.74 -22.91 37.15
CA LEU D 298 -14.54 -22.83 35.69
C LEU D 298 -14.02 -21.45 35.39
N SER D 299 -14.53 -20.49 36.11
CA SER D 299 -14.15 -19.13 35.76
C SER D 299 -12.67 -18.91 36.06
N GLU D 300 -12.11 -19.60 37.06
CA GLU D 300 -10.68 -19.51 37.33
C GLU D 300 -9.88 -20.39 36.37
N MET D 301 -10.45 -21.49 35.90
CA MET D 301 -9.76 -22.32 34.92
C MET D 301 -9.72 -21.63 33.58
N LEU D 302 -10.77 -20.87 33.26
CA LEU D 302 -10.82 -20.14 31.99
C LEU D 302 -9.80 -19.03 31.96
N PHE D 303 -9.48 -18.43 33.11
CA PHE D 303 -8.49 -17.36 33.16
C PHE D 303 -7.16 -17.85 33.75
N SER D 304 -6.95 -19.17 33.74
CA SER D 304 -5.70 -19.75 34.17
C SER D 304 -4.47 -19.23 33.41
N GLY D 305 -4.59 -18.94 32.11
CA GLY D 305 -3.40 -18.64 31.31
C GLY D 305 -2.58 -19.84 30.89
N LYS D 306 -3.08 -21.05 31.16
CA LYS D 306 -2.44 -22.32 30.83
C LYS D 306 -3.38 -23.04 29.90
N HIS D 307 -2.91 -23.41 28.70
CA HIS D 307 -3.83 -23.95 27.71
C HIS D 307 -4.47 -25.25 28.19
N TYR D 308 -3.68 -26.14 28.78
CA TYR D 308 -4.23 -27.47 29.07
C TYR D 308 -5.24 -27.48 30.22
N VAL D 309 -5.14 -26.50 31.13
CA VAL D 309 -6.15 -26.33 32.22
C VAL D 309 -7.43 -25.78 31.61
N ARG D 310 -7.28 -24.80 30.70
CA ARG D 310 -8.42 -24.11 30.02
C ARG D 310 -9.18 -25.13 29.18
N LYS D 311 -8.47 -26.05 28.54
CA LYS D 311 -9.11 -27.08 27.69
C LYS D 311 -10.06 -27.88 28.60
N ASP D 312 -9.64 -28.12 29.85
CA ASP D 312 -10.48 -28.89 30.77
C ASP D 312 -11.78 -28.15 31.09
N ALA D 313 -11.72 -26.83 31.26
CA ALA D 313 -12.95 -26.06 31.48
C ALA D 313 -13.84 -26.10 30.25
N ILE D 314 -13.26 -25.80 29.08
CA ILE D 314 -14.03 -25.87 27.84
C ILE D 314 -14.55 -27.28 27.63
N GLY D 315 -13.69 -28.28 27.86
CA GLY D 315 -14.12 -29.66 27.67
C GLY D 315 -15.25 -30.03 28.60
N GLY D 316 -15.17 -29.57 29.84
CA GLY D 316 -16.23 -29.87 30.79
C GLY D 316 -17.54 -29.20 30.41
N ILE D 317 -17.47 -27.97 29.89
CA ILE D 317 -18.69 -27.30 29.49
C ILE D 317 -19.36 -28.04 28.35
N VAL D 318 -18.58 -28.38 27.31
CA VAL D 318 -19.13 -29.08 26.15
C VAL D 318 -19.76 -30.40 26.56
N ASN D 319 -19.02 -31.20 27.33
CA ASN D 319 -19.58 -32.47 27.78
C ASN D 319 -20.85 -32.24 28.59
N ALA D 320 -20.88 -31.15 29.39
CA ALA D 320 -22.08 -30.87 30.18
C ALA D 320 -23.27 -30.60 29.27
N LEU D 321 -23.06 -29.81 28.23
CA LEU D 321 -24.16 -29.49 27.28
C LEU D 321 -24.59 -30.74 26.51
N LEU D 322 -23.61 -31.54 26.09
CA LEU D 322 -23.80 -32.75 25.24
C LEU D 322 -24.63 -33.84 25.94
N THR D 323 -24.39 -34.06 27.23
CA THR D 323 -25.07 -35.14 28.00
C THR D 323 -26.52 -34.75 28.35
N SER D 324 -26.89 -33.49 28.12
CA SER D 324 -28.19 -32.95 28.47
C SER D 324 -29.11 -32.86 27.27
N ILE D 325 -28.82 -33.65 26.22
CA ILE D 325 -29.63 -33.69 25.02
C ILE D 325 -30.27 -35.07 24.96
N SER D 326 -31.55 -35.10 24.61
CA SER D 326 -32.23 -36.37 24.47
C SER D 326 -33.17 -36.25 23.28
N VAL D 327 -33.56 -37.41 22.75
CA VAL D 327 -34.54 -37.45 21.66
C VAL D 327 -35.92 -37.58 22.30
N LYS D 328 -36.80 -36.63 22.00
CA LYS D 328 -38.18 -36.65 22.43
C LYS D 328 -39.06 -36.51 21.20
N PRO D 329 -40.33 -36.93 21.28
CA PRO D 329 -41.21 -36.75 20.12
C PRO D 329 -41.54 -35.29 19.89
N VAL D 330 -41.62 -34.93 18.61
CA VAL D 330 -41.98 -33.56 18.16
C VAL D 330 -43.45 -33.35 18.50
N GLU D 331 -43.88 -32.12 18.83
CA GLU D 331 -45.29 -31.82 19.19
C GLU D 331 -46.13 -31.60 17.93
N ALA D 332 -46.23 -32.59 17.06
CA ALA D 332 -47.05 -32.50 15.84
C ALA D 332 -47.34 -33.93 15.39
N PRO D 333 -48.49 -34.19 14.75
CA PRO D 333 -48.83 -35.58 14.36
C PRO D 333 -48.16 -35.98 13.04
N PHE D 334 -46.82 -35.86 13.01
CA PHE D 334 -46.02 -36.32 11.87
C PHE D 334 -46.02 -37.84 11.75
N HIS D 335 -46.00 -38.35 10.52
CA HIS D 335 -45.95 -39.79 10.35
C HIS D 335 -44.53 -40.32 10.18
N ASN D 336 -43.69 -39.59 9.45
CA ASN D 336 -42.34 -40.03 9.14
C ASN D 336 -41.44 -39.92 10.36
N GLU D 337 -40.69 -40.99 10.65
CA GLU D 337 -39.96 -41.04 11.92
C GLU D 337 -38.92 -39.93 12.01
N LEU D 338 -38.36 -39.51 10.89
CA LEU D 338 -37.37 -38.45 10.93
C LEU D 338 -37.99 -37.08 11.18
N LEU D 339 -39.30 -36.94 11.02
CA LEU D 339 -39.92 -35.67 11.35
C LEU D 339 -40.66 -35.68 12.67
N ALA D 340 -40.99 -36.88 13.19
CA ALA D 340 -41.74 -37.03 14.43
C ALA D 340 -40.86 -36.94 15.66
N PHE D 341 -39.54 -36.94 15.50
CA PHE D 341 -38.63 -36.86 16.63
C PHE D 341 -37.57 -35.81 16.35
N ASN D 342 -37.31 -34.99 17.36
CA ASN D 342 -36.16 -34.11 17.33
C ASN D 342 -35.31 -34.40 18.56
N ALA D 343 -34.09 -33.91 18.51
CA ALA D 343 -33.24 -33.87 19.68
C ALA D 343 -33.48 -32.52 20.36
N TYR D 344 -33.57 -32.55 21.69
CA TYR D 344 -33.77 -31.33 22.45
C TYR D 344 -32.76 -31.28 23.58
N ILE D 345 -32.34 -30.08 23.91
CA ILE D 345 -31.50 -29.89 25.06
C ILE D 345 -32.41 -29.69 26.26
N GLU D 346 -32.01 -30.22 27.39
CA GLU D 346 -32.79 -30.06 28.59
C GLU D 346 -32.99 -28.55 28.83
N PRO D 347 -34.21 -28.12 29.17
CA PRO D 347 -34.53 -26.67 29.21
C PRO D 347 -33.64 -25.82 30.10
N HIS D 348 -33.34 -26.25 31.33
CA HIS D 348 -32.49 -25.41 32.17
C HIS D 348 -31.08 -25.32 31.61
N MET D 349 -30.59 -26.44 31.12
CA MET D 349 -29.26 -26.50 30.46
C MET D 349 -29.36 -25.57 29.24
N GLY D 350 -30.53 -25.56 28.58
CA GLY D 350 -30.73 -24.69 27.44
C GLY D 350 -30.55 -23.22 27.78
N ASN D 351 -31.09 -22.80 28.93
CA ASN D 351 -30.91 -21.41 29.39
C ASN D 351 -29.44 -21.06 29.59
N ALA D 352 -28.65 -22.00 30.11
CA ALA D 352 -27.22 -21.74 30.27
C ALA D 352 -26.56 -21.53 28.92
N LEU D 353 -26.92 -22.35 27.93
CA LEU D 353 -26.36 -22.19 26.61
C LEU D 353 -26.74 -20.83 26.03
N GLU D 354 -27.96 -20.37 26.28
CA GLU D 354 -28.31 -19.06 25.74
C GLU D 354 -27.59 -17.94 26.49
N VAL D 355 -27.27 -18.15 27.77
CA VAL D 355 -26.39 -17.22 28.45
C VAL D 355 -25.03 -17.20 27.76
N LEU D 356 -24.54 -18.37 27.35
CA LEU D 356 -23.23 -18.44 26.70
C LEU D 356 -23.27 -17.79 25.32
N LYS D 357 -24.33 -18.06 24.55
CA LYS D 357 -24.43 -17.49 23.21
C LYS D 357 -24.62 -15.98 23.25
N HIS D 358 -25.42 -15.48 24.19
CA HIS D 358 -25.63 -14.04 24.30
C HIS D 358 -24.34 -13.34 24.71
N PHE D 359 -23.50 -14.01 25.49
CA PHE D 359 -22.26 -13.39 25.91
C PHE D 359 -21.27 -13.34 24.74
N VAL D 360 -21.26 -14.38 23.91
CA VAL D 360 -20.32 -14.37 22.80
C VAL D 360 -20.73 -13.31 21.75
N SER D 361 -22.03 -13.11 21.56
CA SER D 361 -22.45 -12.08 20.59
C SER D 361 -22.32 -10.67 21.15
N GLN D 362 -22.45 -10.50 22.47
CA GLN D 362 -22.42 -9.14 23.01
C GLN D 362 -20.99 -8.62 23.16
N TYR D 363 -20.04 -9.53 23.35
CA TYR D 363 -18.61 -9.14 23.57
C TYR D 363 -17.67 -9.60 22.46
N VAL D 364 -18.15 -10.26 21.40
CA VAL D 364 -17.25 -10.67 20.33
C VAL D 364 -17.73 -10.17 18.97
N ILE D 365 -19.04 -10.02 18.79
CA ILE D 365 -19.63 -9.63 17.51
C ILE D 365 -20.19 -8.21 17.56
N GLN D 366 -20.98 -7.91 18.59
CA GLN D 366 -21.58 -6.57 18.71
C GLN D 366 -20.63 -5.55 19.30
N ILE D 367 -19.36 -5.65 18.94
CA ILE D 367 -18.37 -4.64 19.38
C ILE D 367 -18.08 -3.77 18.16
N PRO D 368 -17.71 -2.50 18.33
CA PRO D 368 -17.53 -1.59 17.20
C PRO D 368 -16.48 -2.03 16.19
N GLN D 369 -15.38 -2.63 16.63
CA GLN D 369 -14.37 -2.99 15.62
C GLN D 369 -15.02 -3.96 14.63
N VAL D 370 -15.75 -4.95 15.14
CA VAL D 370 -16.41 -5.93 14.23
C VAL D 370 -17.54 -5.28 13.45
N GLN D 371 -18.37 -4.47 14.09
CA GLN D 371 -19.53 -3.88 13.38
C GLN D 371 -19.08 -2.95 12.26
N ARG D 372 -18.04 -2.16 12.47
CA ARG D 372 -17.57 -1.29 11.40
C ARG D 372 -17.08 -2.11 10.22
N PHE D 373 -16.42 -3.24 10.52
CA PHE D 373 -16.02 -4.14 9.43
C PHE D 373 -17.24 -4.64 8.66
N GLU D 374 -18.37 -4.85 9.33
CA GLU D 374 -19.58 -5.31 8.64
C GLU D 374 -20.24 -4.20 7.82
N TYR D 375 -20.21 -2.95 8.33
CA TYR D 375 -20.72 -1.82 7.55
C TYR D 375 -19.92 -1.67 6.27
N LYS D 376 -18.59 -1.72 6.37
CA LYS D 376 -17.76 -1.63 5.18
C LYS D 376 -18.07 -2.77 4.21
N GLY D 377 -18.14 -3.99 4.73
CA GLY D 377 -18.42 -5.14 3.87
C GLY D 377 -19.70 -4.98 3.10
N GLN D 378 -20.74 -4.44 3.74
CA GLN D 378 -22.01 -4.31 3.05
C GLN D 378 -21.97 -3.18 2.01
N GLN D 379 -21.18 -2.12 2.26
CA GLN D 379 -20.99 -1.11 1.21
C GLN D 379 -20.20 -1.71 0.05
N LEU D 380 -19.25 -2.58 0.36
CA LEU D 380 -18.43 -3.16 -0.68
C LEU D 380 -19.27 -4.11 -1.54
N ILE D 381 -20.11 -4.94 -0.91
CA ILE D 381 -20.97 -5.86 -1.65
C ILE D 381 -21.97 -5.09 -2.52
N MET D 382 -22.52 -4.00 -2.00
CA MET D 382 -23.47 -3.26 -2.81
C MET D 382 -22.75 -2.61 -3.98
N ASP D 383 -21.51 -2.18 -3.77
CA ASP D 383 -20.71 -1.63 -4.87
C ASP D 383 -20.53 -2.64 -5.99
N LEU D 384 -20.13 -3.87 -5.63
CA LEU D 384 -19.91 -4.89 -6.65
C LEU D 384 -21.19 -5.18 -7.41
N PHE D 385 -22.29 -5.29 -6.68
CA PHE D 385 -23.56 -5.63 -7.31
C PHE D 385 -23.98 -4.57 -8.32
N GLU D 386 -23.76 -3.30 -7.99
CA GLU D 386 -24.15 -2.23 -8.90
C GLU D 386 -23.24 -2.13 -10.13
N ALA D 387 -21.94 -2.40 -9.99
CA ALA D 387 -21.10 -2.43 -11.17
C ALA D 387 -21.48 -3.62 -12.04
N LEU D 388 -21.59 -4.79 -11.44
CA LEU D 388 -21.83 -6.01 -12.21
C LEU D 388 -23.18 -5.98 -12.92
N SER D 389 -24.23 -5.54 -12.25
CA SER D 389 -25.52 -5.48 -12.91
C SER D 389 -25.63 -4.31 -13.88
N ALA D 390 -24.66 -3.39 -13.83
CA ALA D 390 -24.59 -2.31 -14.82
C ALA D 390 -24.20 -2.83 -16.21
N ASP D 391 -23.20 -3.71 -16.28
CA ASP D 391 -22.96 -4.48 -17.50
C ASP D 391 -22.38 -5.83 -17.15
N PRO D 392 -23.23 -6.84 -17.01
CA PRO D 392 -22.74 -8.17 -16.62
C PRO D 392 -21.79 -8.78 -17.63
N GLU D 393 -22.09 -8.65 -18.93
CA GLU D 393 -21.34 -9.37 -19.95
C GLU D 393 -19.91 -8.87 -20.09
N ARG D 394 -19.69 -7.60 -19.80
CA ARG D 394 -18.35 -7.04 -19.89
C ARG D 394 -17.56 -7.18 -18.60
N LEU D 395 -18.24 -7.29 -17.45
CA LEU D 395 -17.55 -7.28 -16.18
C LEU D 395 -17.47 -8.63 -15.47
N LEU D 396 -18.44 -9.50 -15.69
CA LEU D 396 -18.40 -10.81 -15.03
C LEU D 396 -17.31 -11.65 -15.67
N PRO D 397 -16.79 -12.71 -15.02
CA PRO D 397 -15.85 -13.62 -15.65
C PRO D 397 -16.62 -14.34 -16.76
N GLN D 398 -15.91 -14.74 -17.83
CA GLN D 398 -16.57 -15.28 -19.04
C GLN D 398 -17.48 -16.46 -18.71
N ALA D 399 -17.08 -17.36 -17.82
CA ALA D 399 -17.99 -18.48 -17.51
C ALA D 399 -19.25 -17.94 -16.84
N THR D 400 -19.09 -17.02 -15.90
CA THR D 400 -20.23 -16.37 -15.25
C THR D 400 -21.00 -15.48 -16.21
N GLY D 401 -20.31 -14.80 -17.13
CA GLY D 401 -21.02 -14.07 -18.17
C GLY D 401 -21.93 -14.96 -19.00
N GLU D 402 -21.46 -16.18 -19.29
CA GLU D 402 -22.27 -17.15 -20.02
C GLU D 402 -23.51 -17.57 -19.24
N LYS D 403 -23.36 -17.87 -17.94
CA LYS D 403 -24.54 -18.26 -17.17
C LYS D 403 -25.54 -17.12 -17.07
N TRP D 404 -25.06 -15.89 -17.08
CA TRP D 404 -25.95 -14.74 -17.04
C TRP D 404 -26.74 -14.62 -18.34
N ARG D 405 -26.09 -14.83 -19.49
CA ARG D 405 -26.79 -14.78 -20.77
C ARG D 405 -27.86 -15.86 -20.84
N LYS D 406 -27.51 -17.09 -20.46
CA LYS D 406 -28.47 -18.17 -20.46
C LYS D 406 -29.62 -17.89 -19.49
N ALA D 407 -29.31 -17.34 -18.31
CA ALA D 407 -30.33 -17.12 -17.29
C ALA D 407 -31.32 -16.01 -17.63
N GLN D 408 -30.99 -15.09 -18.54
CA GLN D 408 -31.94 -14.01 -18.80
C GLN D 408 -33.07 -14.43 -19.72
N GLU D 409 -32.97 -15.60 -20.37
CA GLU D 409 -34.13 -16.14 -21.09
C GLU D 409 -35.28 -16.41 -20.14
N GLN D 410 -34.97 -16.60 -18.85
CA GLN D 410 -35.97 -16.69 -17.80
C GLN D 410 -35.87 -15.47 -16.88
N ASP D 411 -35.21 -14.41 -17.34
CA ASP D 411 -35.07 -13.16 -16.59
C ASP D 411 -34.51 -13.43 -15.19
N GLU D 412 -33.50 -14.29 -15.12
CA GLU D 412 -32.88 -14.68 -13.85
C GLU D 412 -31.42 -14.25 -13.75
N GLY D 413 -31.05 -13.18 -14.47
CA GLY D 413 -29.67 -12.71 -14.44
C GLY D 413 -29.21 -12.21 -13.08
N MET D 414 -30.13 -11.57 -12.36
CA MET D 414 -29.81 -11.00 -11.03
C MET D 414 -29.38 -12.14 -10.10
N ARG D 415 -30.04 -13.29 -10.20
CA ARG D 415 -29.68 -14.42 -9.35
C ARG D 415 -28.29 -14.95 -9.70
N VAL D 416 -27.89 -14.86 -10.98
CA VAL D 416 -26.54 -15.29 -11.34
C VAL D 416 -25.50 -14.35 -10.72
N ILE D 417 -25.74 -13.05 -10.75
CA ILE D 417 -24.80 -12.12 -10.13
C ILE D 417 -24.74 -12.35 -8.62
N CYS D 418 -25.89 -12.67 -8.02
CA CYS D 418 -25.94 -12.85 -6.59
C CYS D 418 -25.17 -14.11 -6.18
N ASP D 419 -25.37 -15.20 -6.96
CA ASP D 419 -24.60 -16.43 -6.79
C ASP D 419 -23.11 -16.18 -6.83
N TYR D 420 -22.67 -15.39 -7.82
CA TYR D 420 -21.26 -15.12 -8.00
C TYR D 420 -20.69 -14.37 -6.80
N ILE D 421 -21.39 -13.35 -6.35
CA ILE D 421 -20.88 -12.61 -5.21
C ILE D 421 -20.93 -13.44 -3.95
N ALA D 422 -22.04 -14.17 -3.74
CA ALA D 422 -22.17 -15.00 -2.55
C ALA D 422 -21.04 -16.01 -2.44
N ALA D 423 -20.48 -16.46 -3.55
CA ALA D 423 -19.41 -17.45 -3.51
C ALA D 423 -18.03 -16.83 -3.36
N MET D 424 -17.90 -15.51 -3.26
CA MET D 424 -16.59 -14.93 -3.07
C MET D 424 -16.15 -15.07 -1.61
N THR D 425 -14.85 -15.19 -1.42
CA THR D 425 -14.23 -14.93 -0.13
C THR D 425 -14.07 -13.42 0.06
N ASP D 426 -13.73 -13.02 1.29
CA ASP D 426 -13.50 -11.60 1.54
C ASP D 426 -12.34 -11.07 0.69
N ALA D 427 -11.26 -11.84 0.60
CA ALA D 427 -10.11 -11.37 -0.17
C ALA D 427 -10.46 -11.24 -1.65
N TYR D 428 -11.28 -12.16 -2.18
CA TYR D 428 -11.71 -12.05 -3.57
C TYR D 428 -12.55 -10.79 -3.79
N ALA D 429 -13.58 -10.61 -2.95
CA ALA D 429 -14.44 -9.44 -3.07
C ALA D 429 -13.63 -8.17 -2.92
N GLN D 430 -12.66 -8.16 -2.00
CA GLN D 430 -11.88 -6.95 -1.81
C GLN D 430 -11.02 -6.65 -3.03
N ARG D 431 -10.47 -7.69 -3.68
CA ARG D 431 -9.62 -7.48 -4.84
C ARG D 431 -10.46 -7.13 -6.07
N LEU D 432 -11.63 -7.73 -6.19
CA LEU D 432 -12.53 -7.33 -7.27
C LEU D 432 -12.97 -5.89 -7.11
N HIS D 433 -13.29 -5.50 -5.87
CA HIS D 433 -13.72 -4.13 -5.61
C HIS D 433 -12.62 -3.13 -5.99
N GLN D 434 -11.36 -3.46 -5.68
CA GLN D 434 -10.27 -2.58 -6.07
C GLN D 434 -10.13 -2.47 -7.58
N GLN D 435 -10.38 -3.59 -8.31
CA GLN D 435 -10.28 -3.53 -9.76
C GLN D 435 -11.34 -2.64 -10.36
N LEU D 436 -12.46 -2.49 -9.67
CA LEU D 436 -13.54 -1.71 -10.22
C LEU D 436 -13.56 -0.26 -9.73
N PHE D 437 -12.88 0.05 -8.61
CA PHE D 437 -13.08 1.39 -8.06
C PHE D 437 -11.85 2.12 -7.57
N SER D 438 -10.75 1.48 -7.21
CA SER D 438 -9.65 2.20 -6.54
C SER D 438 -8.56 2.70 -7.51
N ASN E 8 26.94 36.11 41.63
CA ASN E 8 27.65 36.97 40.67
C ASN E 8 26.81 37.19 39.40
N PRO E 9 26.80 38.42 38.85
CA PRO E 9 26.04 38.69 37.61
C PRO E 9 26.53 37.98 36.36
N GLU E 10 27.63 37.21 36.50
CA GLU E 10 28.12 36.30 35.46
C GLU E 10 27.18 35.15 35.16
N TRP E 11 26.35 34.74 36.10
CA TRP E 11 25.46 33.66 35.73
C TRP E 11 24.32 34.11 34.83
N LEU E 12 24.16 35.43 34.61
CA LEU E 12 23.14 35.93 33.71
C LEU E 12 23.66 36.26 32.31
N ALA E 13 24.94 36.03 32.05
CA ALA E 13 25.55 36.42 30.78
C ALA E 13 25.30 35.37 29.70
N ARG E 14 25.40 35.84 28.45
CA ARG E 14 25.34 34.99 27.27
C ARG E 14 26.71 34.95 26.61
N ASN E 15 26.99 33.85 25.92
CA ASN E 15 28.30 33.65 25.26
C ASN E 15 28.63 34.84 24.34
N ASN E 16 27.67 35.23 23.49
CA ASN E 16 27.90 36.36 22.54
C ASN E 16 26.83 37.44 22.74
N ILE E 21 19.19 43.86 22.90
CA ILE E 21 17.83 43.80 23.52
C ILE E 21 17.14 45.16 23.30
N ARG E 22 15.84 45.12 22.96
CA ARG E 22 15.04 46.35 22.71
C ARG E 22 14.83 47.09 24.04
N ARG E 23 14.71 48.43 24.00
CA ARG E 23 14.56 49.19 25.22
C ARG E 23 13.23 48.91 25.91
N ASN E 24 12.25 48.38 25.18
CA ASN E 24 10.97 48.03 25.73
C ASN E 24 10.91 46.61 26.28
N ASP E 25 12.01 45.85 26.17
CA ASP E 25 12.04 44.45 26.63
C ASP E 25 12.64 44.41 28.04
N HIS E 26 11.77 44.27 29.05
CA HIS E 26 12.19 44.29 30.44
C HIS E 26 12.08 42.91 31.09
N ARG E 27 12.14 41.86 30.30
CA ARG E 27 12.10 40.51 30.81
C ARG E 27 13.43 40.13 31.45
N SER E 28 13.39 39.15 32.34
CA SER E 28 14.61 38.61 32.91
C SER E 28 15.36 37.80 31.85
N PRO E 29 16.65 37.51 32.10
CA PRO E 29 17.37 36.61 31.20
C PRO E 29 16.71 35.25 31.07
N PHE E 30 16.06 34.77 32.13
CA PHE E 30 15.50 33.43 32.05
C PHE E 30 14.19 33.40 31.28
N GLN E 31 13.42 34.50 31.29
CA GLN E 31 12.26 34.55 30.41
C GLN E 31 12.68 34.59 28.94
N ARG E 32 13.81 35.21 28.62
CA ARG E 32 14.24 35.20 27.22
C ARG E 32 14.70 33.81 26.82
N ASP E 33 15.33 33.07 27.73
CA ASP E 33 15.72 31.69 27.44
C ASP E 33 14.49 30.83 27.17
N ARG E 34 13.48 30.94 28.04
CA ARG E 34 12.26 30.17 27.85
C ARG E 34 11.61 30.51 26.51
N ALA E 35 11.58 31.80 26.15
CA ALA E 35 11.01 32.15 24.87
C ALA E 35 11.80 31.52 23.72
N ARG E 36 13.14 31.55 23.79
CA ARG E 36 13.96 31.00 22.70
C ARG E 36 13.72 29.52 22.54
N ILE E 37 13.67 28.79 23.64
CA ILE E 37 13.47 27.35 23.55
C ILE E 37 12.11 27.04 22.92
N LEU E 38 11.05 27.72 23.37
CA LEU E 38 9.73 27.48 22.82
C LEU E 38 9.65 27.79 21.32
N HIS E 39 10.43 28.76 20.85
CA HIS E 39 10.42 29.13 19.45
C HIS E 39 11.34 28.25 18.59
N SER E 40 12.13 27.38 19.21
CA SER E 40 13.14 26.61 18.50
C SER E 40 12.57 25.44 17.69
N ALA E 41 13.24 25.12 16.60
CA ALA E 41 12.87 23.92 15.85
C ALA E 41 13.07 22.66 16.68
N ALA E 42 14.14 22.63 17.48
CA ALA E 42 14.38 21.46 18.30
C ALA E 42 13.22 21.20 19.26
N PHE E 43 12.65 22.27 19.81
CA PHE E 43 11.51 22.08 20.70
C PHE E 43 10.27 21.64 19.94
N ARG E 44 10.02 22.22 18.76
CA ARG E 44 8.82 21.86 18.00
C ARG E 44 8.86 20.40 17.55
N ARG E 45 10.05 19.85 17.31
CA ARG E 45 10.20 18.46 16.89
C ARG E 45 9.68 17.48 17.91
N LEU E 46 9.61 17.90 19.17
CA LEU E 46 9.16 17.02 20.24
C LEU E 46 7.71 16.58 20.07
N GLN E 47 6.96 17.22 19.18
CA GLN E 47 5.59 16.82 18.89
C GLN E 47 5.51 15.54 18.08
N ALA E 48 6.55 15.23 17.33
CA ALA E 48 6.50 14.01 16.53
C ALA E 48 6.98 12.87 17.40
N HIS E 61 -2.13 11.24 22.68
CA HIS E 61 -1.23 12.23 22.05
C HIS E 61 -0.04 12.54 22.96
N ARG E 62 0.25 11.66 23.92
CA ARG E 62 1.39 11.84 24.85
C ARG E 62 2.71 11.78 24.05
N THR E 63 3.37 12.93 23.89
CA THR E 63 4.62 13.02 23.15
C THR E 63 5.73 13.49 24.09
N ARG E 64 6.95 13.56 23.57
CA ARG E 64 8.03 14.11 24.39
C ARG E 64 7.76 15.57 24.76
N LEU E 65 7.01 16.30 23.92
CA LEU E 65 6.67 17.67 24.26
C LEU E 65 5.72 17.74 25.47
N THR E 66 4.64 16.95 25.45
CA THR E 66 3.76 16.94 26.62
C THR E 66 4.47 16.44 27.89
N HIS E 67 5.35 15.43 27.77
CA HIS E 67 6.15 15.05 28.93
C HIS E 67 6.92 16.24 29.47
N SER E 68 7.44 17.07 28.57
CA SER E 68 8.27 18.16 29.04
C SER E 68 7.41 19.27 29.64
N LEU E 69 6.17 19.43 29.17
CA LEU E 69 5.27 20.37 29.82
C LEU E 69 4.92 19.90 31.23
N GLU E 70 4.65 18.60 31.41
CA GLU E 70 4.31 18.12 32.74
C GLU E 70 5.48 18.29 33.70
N ALA E 71 6.70 17.96 33.25
CA ALA E 71 7.87 18.14 34.09
C ALA E 71 8.05 19.60 34.47
N ALA E 72 7.78 20.51 33.53
CA ALA E 72 7.90 21.93 33.80
C ALA E 72 6.94 22.33 34.93
N GLN E 73 5.73 21.77 34.93
CA GLN E 73 4.77 22.14 35.98
C GLN E 73 5.14 21.51 37.31
N ILE E 74 5.67 20.28 37.29
CA ILE E 74 6.12 19.68 38.54
C ILE E 74 7.31 20.45 39.08
N GLY E 75 8.21 20.88 38.20
CA GLY E 75 9.34 21.66 38.64
C GLY E 75 8.94 22.96 39.31
N THR E 76 8.00 23.69 38.70
CA THR E 76 7.58 24.94 39.32
C THR E 76 6.85 24.66 40.64
N GLY E 77 6.19 23.51 40.74
CA GLY E 77 5.60 23.11 42.00
C GLY E 77 6.65 22.79 43.05
N ILE E 78 7.74 22.15 42.63
CA ILE E 78 8.81 21.86 43.58
C ILE E 78 9.39 23.15 44.12
N VAL E 79 9.65 24.11 43.24
CA VAL E 79 10.23 25.36 43.68
C VAL E 79 9.30 26.04 44.68
N ALA E 80 8.00 26.06 44.39
CA ALA E 80 7.03 26.70 45.28
C ALA E 80 6.98 26.00 46.64
N GLN E 81 7.11 24.67 46.65
CA GLN E 81 7.04 23.92 47.89
C GLN E 81 8.29 24.12 48.72
N ILE E 82 9.44 24.22 48.07
CA ILE E 82 10.68 24.45 48.81
C ILE E 82 10.72 25.88 49.33
N LYS E 83 10.30 26.83 48.51
CA LYS E 83 10.36 28.23 48.88
C LYS E 83 9.36 28.58 49.96
N LEU E 84 8.47 27.64 50.27
CA LEU E 84 7.52 27.79 51.36
C LEU E 84 8.07 27.21 52.66
N LYS E 85 8.81 26.12 52.56
CA LYS E 85 9.34 25.48 53.79
C LYS E 85 10.75 25.95 54.13
N GLN E 86 11.54 26.36 53.14
CA GLN E 86 12.93 26.81 53.41
C GLN E 86 13.15 28.17 52.78
N PRO E 87 12.72 29.28 53.43
CA PRO E 87 12.87 30.63 52.89
C PRO E 87 14.32 31.13 52.72
N GLU E 88 15.27 30.53 53.41
CA GLU E 88 16.68 30.94 53.27
C GLU E 88 17.06 30.79 51.79
N PHE E 89 16.42 29.86 51.08
CA PHE E 89 16.78 29.60 49.70
C PHE E 89 15.91 30.39 48.72
N ARG E 90 15.15 31.36 49.23
CA ARG E 90 14.23 32.05 48.31
C ARG E 90 15.04 32.72 47.23
N GLU E 91 16.11 33.39 47.61
CA GLU E 91 16.91 34.12 46.59
C GLU E 91 17.61 33.16 45.66
N LEU E 92 18.14 32.08 46.20
CA LEU E 92 18.91 31.09 45.41
C LEU E 92 18.06 30.28 44.42
N LEU E 93 16.89 29.85 44.83
CA LEU E 93 16.12 28.94 44.00
C LEU E 93 15.92 29.50 42.60
N PRO E 94 15.80 28.63 41.60
CA PRO E 94 15.57 29.09 40.22
C PRO E 94 14.23 29.79 40.08
N SER E 95 14.22 30.80 39.21
CA SER E 95 12.96 31.44 38.81
C SER E 95 12.07 30.43 38.10
N ASP E 96 10.79 30.79 37.95
CA ASP E 96 9.85 29.94 37.22
C ASP E 96 10.30 29.76 35.76
N SER E 97 10.75 30.83 35.13
CA SER E 97 11.12 30.74 33.73
C SER E 97 12.42 29.95 33.57
N LEU E 98 13.22 29.84 34.62
CA LEU E 98 14.43 29.05 34.49
C LEU E 98 14.15 27.56 34.54
N ILE E 99 13.37 27.11 35.53
CA ILE E 99 13.12 25.68 35.62
C ILE E 99 12.19 25.22 34.50
N ASP E 100 11.33 26.12 33.99
CA ASP E 100 10.59 25.82 32.75
C ASP E 100 11.57 25.53 31.61
N SER E 101 12.61 26.36 31.47
CA SER E 101 13.51 26.22 30.33
C SER E 101 14.26 24.90 30.44
N LEU E 102 14.60 24.49 31.67
CA LEU E 102 15.38 23.28 31.83
C LEU E 102 14.55 22.04 31.55
N CYS E 103 13.23 22.12 31.73
CA CYS E 103 12.43 20.94 31.44
C CYS E 103 11.98 20.90 30.00
N LEU E 104 11.82 22.07 29.35
CA LEU E 104 11.42 22.10 27.96
C LEU E 104 12.56 21.69 27.03
N ALA E 105 13.81 21.84 27.48
CA ALA E 105 14.97 21.53 26.66
C ALA E 105 15.55 20.17 26.97
N HIS E 106 15.18 19.54 28.10
CA HIS E 106 15.91 18.38 28.59
C HIS E 106 15.90 17.22 27.58
N ASP E 107 14.86 17.14 26.75
CA ASP E 107 14.71 15.99 25.81
C ASP E 107 14.93 16.38 24.34
N ILE E 108 15.43 17.57 24.03
CA ILE E 108 15.57 17.94 22.60
C ILE E 108 16.61 17.07 21.86
N GLY E 109 17.61 16.56 22.56
CA GLY E 109 18.70 15.79 21.92
C GLY E 109 18.41 14.31 21.70
N HIS E 110 17.23 13.81 22.05
CA HIS E 110 16.99 12.39 21.88
C HIS E 110 16.87 12.02 20.39
N PRO E 111 17.40 10.89 19.97
CA PRO E 111 17.37 10.55 18.56
C PRO E 111 16.05 9.88 18.20
N PRO E 112 15.79 9.68 16.92
CA PRO E 112 14.66 8.83 16.54
C PRO E 112 14.81 7.47 17.19
N TYR E 113 13.66 6.89 17.59
CA TYR E 113 13.59 5.54 18.15
C TYR E 113 14.23 5.44 19.51
N GLY E 114 14.30 6.57 20.22
CA GLY E 114 14.63 6.56 21.63
C GLY E 114 15.91 5.85 21.98
N HIS E 115 15.85 5.01 23.02
CA HIS E 115 17.06 4.38 23.50
C HIS E 115 17.66 3.47 22.43
N GLY E 116 16.81 2.87 21.60
CA GLY E 116 17.32 2.06 20.51
C GLY E 116 18.06 2.90 19.48
N GLY E 117 17.51 4.05 19.14
CA GLY E 117 18.22 4.96 18.27
C GLY E 117 19.54 5.40 18.87
N GLU E 118 19.54 5.68 20.18
CA GLU E 118 20.74 6.20 20.83
C GLU E 118 21.88 5.19 20.78
N ILE E 119 21.58 3.91 21.00
CA ILE E 119 22.64 2.92 21.00
C ILE E 119 23.14 2.71 19.57
N ALA E 120 22.25 2.75 18.59
CA ALA E 120 22.66 2.61 17.21
C ALA E 120 23.62 3.73 16.83
N LEU E 121 23.26 4.97 17.13
CA LEU E 121 24.15 6.08 16.82
C LEU E 121 25.44 5.97 17.61
N ASN E 122 25.34 5.60 18.88
CA ASN E 122 26.54 5.51 19.69
C ASN E 122 27.48 4.46 19.13
N TYR E 123 26.94 3.34 18.64
CA TYR E 123 27.81 2.33 18.05
C TYR E 123 28.46 2.83 16.76
N MET E 124 27.70 3.51 15.91
CA MET E 124 28.27 4.00 14.65
C MET E 124 29.25 5.13 14.87
N MET E 125 29.19 5.79 16.02
CA MET E 125 30.13 6.83 16.39
C MET E 125 31.20 6.33 17.34
N ARG E 126 31.35 4.99 17.45
CA ARG E 126 32.21 4.44 18.50
C ARG E 126 33.64 4.96 18.39
N ASP E 127 34.13 5.22 17.17
CA ASP E 127 35.47 5.71 16.96
C ASP E 127 35.49 7.21 16.63
N HIS E 128 34.44 7.96 17.00
CA HIS E 128 34.42 9.38 16.69
C HIS E 128 33.70 10.20 17.77
N GLY E 129 33.76 9.77 19.02
CA GLY E 129 33.22 10.55 20.10
C GLY E 129 31.87 10.10 20.59
N GLY E 130 31.23 9.16 19.92
CA GLY E 130 30.01 8.58 20.39
C GLY E 130 28.79 9.47 20.23
N PHE E 131 27.66 8.95 20.67
CA PHE E 131 26.43 9.70 20.72
C PHE E 131 25.77 9.49 22.06
N GLU E 132 25.22 10.58 22.59
CA GLU E 132 24.43 10.50 23.81
C GLU E 132 23.42 11.63 23.83
N GLY E 133 22.23 11.33 24.30
CA GLY E 133 21.14 12.32 24.26
C GLY E 133 21.44 13.55 25.05
N ASN E 134 21.99 13.41 26.24
CA ASN E 134 22.28 14.62 27.05
C ASN E 134 23.31 15.47 26.33
N ALA E 135 24.32 14.82 25.79
CA ALA E 135 25.36 15.55 25.05
C ALA E 135 24.73 16.24 23.86
N GLN E 136 23.84 15.53 23.17
CA GLN E 136 23.22 16.10 21.99
C GLN E 136 22.40 17.35 22.33
N THR E 137 21.65 17.30 23.44
CA THR E 137 20.89 18.48 23.87
C THR E 137 21.82 19.67 24.10
N PHE E 138 22.92 19.47 24.83
CA PHE E 138 23.88 20.55 25.04
C PHE E 138 24.45 21.03 23.71
N ARG E 139 24.74 20.09 22.81
CA ARG E 139 25.29 20.49 21.52
C ARG E 139 24.29 21.34 20.73
N ILE E 140 23.00 20.98 20.79
CA ILE E 140 21.99 21.72 20.04
C ILE E 140 21.84 23.15 20.56
N VAL E 141 21.77 23.33 21.89
CA VAL E 141 21.49 24.69 22.36
C VAL E 141 22.72 25.57 22.23
N THR E 142 23.92 25.00 22.32
CA THR E 142 25.11 25.83 22.20
C THR E 142 25.57 26.00 20.75
N SER E 143 25.07 25.20 19.81
CA SER E 143 25.61 25.32 18.45
C SER E 143 24.63 25.06 17.32
N LEU E 144 23.80 24.03 17.42
CA LEU E 144 23.06 23.60 16.23
C LEU E 144 21.81 24.44 15.96
N GLU E 145 21.05 24.80 16.98
CA GLU E 145 19.83 25.58 16.69
C GLU E 145 20.26 26.91 16.09
N PRO E 146 19.85 27.24 14.90
CA PRO E 146 20.45 28.40 14.22
C PRO E 146 19.79 29.70 14.63
N TYR E 147 19.54 29.88 15.93
CA TYR E 147 19.02 31.15 16.44
C TYR E 147 20.07 32.25 16.34
N THR E 148 21.33 31.92 16.59
CA THR E 148 22.47 32.79 16.30
C THR E 148 23.42 32.06 15.36
N GLU E 149 24.37 32.80 14.80
CA GLU E 149 25.25 32.26 13.77
C GLU E 149 26.26 31.27 14.33
N HIS E 150 26.73 31.48 15.56
CA HIS E 150 27.81 30.68 16.09
C HIS E 150 27.56 30.13 17.48
N HIS E 151 26.47 30.50 18.12
CA HIS E 151 26.30 30.10 19.52
C HIS E 151 24.91 29.53 19.77
N GLY E 152 24.28 28.94 18.75
CA GLY E 152 23.02 28.26 18.96
C GLY E 152 21.94 29.17 19.50
N MET E 153 21.21 28.70 20.50
CA MET E 153 20.19 29.53 21.12
C MET E 153 20.77 30.63 22.00
N ASN E 154 22.07 30.56 22.30
CA ASN E 154 22.79 31.61 23.04
C ASN E 154 22.13 31.92 24.38
N LEU E 155 21.90 30.86 25.16
CA LEU E 155 21.22 30.92 26.44
C LEU E 155 22.13 31.48 27.52
N SER E 156 21.51 31.92 28.62
CA SER E 156 22.23 32.42 29.77
C SER E 156 23.11 31.34 30.38
N ARG E 157 24.17 31.78 31.07
CA ARG E 157 25.15 30.84 31.60
C ARG E 157 24.50 29.88 32.60
N ARG E 158 23.64 30.39 33.48
CA ARG E 158 23.04 29.54 34.51
C ARG E 158 22.11 28.51 33.89
N THR E 159 21.34 28.90 32.86
CA THR E 159 20.51 27.96 32.12
C THR E 159 21.33 26.81 31.53
N LEU E 160 22.46 27.14 30.90
CA LEU E 160 23.35 26.12 30.34
C LEU E 160 23.88 25.18 31.41
N LEU E 161 24.25 25.74 32.56
CA LEU E 161 24.73 24.91 33.65
C LEU E 161 23.65 23.97 34.18
N GLY E 162 22.39 24.40 34.14
CA GLY E 162 21.29 23.53 34.54
C GLY E 162 21.05 22.36 33.62
N LEU E 163 21.46 22.44 32.36
CA LEU E 163 21.28 21.32 31.44
C LEU E 163 22.36 20.26 31.54
N LEU E 164 23.48 20.57 32.21
CA LEU E 164 24.59 19.63 32.35
C LEU E 164 24.29 18.69 33.51
N LYS E 165 23.48 17.67 33.23
CA LYS E 165 23.24 16.65 34.23
C LYS E 165 24.53 15.91 34.57
N TYR E 166 25.46 15.88 33.62
CA TYR E 166 26.77 15.26 33.80
C TYR E 166 27.81 16.23 33.27
N PRO E 167 28.36 17.11 34.12
CA PRO E 167 29.22 18.21 33.66
C PRO E 167 30.70 17.82 33.51
N ALA E 168 30.93 16.70 32.82
CA ALA E 168 32.30 16.20 32.56
C ALA E 168 32.32 15.44 31.23
N LEU E 169 33.39 15.59 30.45
CA LEU E 169 33.54 14.91 29.14
C LEU E 169 33.64 13.40 29.37
N PRO E 195 25.47 3.90 25.95
CA PRO E 195 26.51 4.93 25.93
C PRO E 195 26.75 5.66 27.26
N ALA E 196 28.03 5.99 27.53
CA ALA E 196 28.45 6.74 28.69
C ALA E 196 27.86 8.14 28.61
N LYS E 197 27.92 8.87 29.72
CA LYS E 197 27.26 10.15 29.83
C LYS E 197 28.27 11.27 30.07
N GLY E 198 28.08 12.37 29.37
CA GLY E 198 29.03 13.48 29.38
C GLY E 198 28.76 14.41 28.22
N ILE E 199 29.74 15.26 27.93
CA ILE E 199 29.62 16.25 26.86
C ILE E 199 30.64 15.91 25.78
N TYR E 200 30.23 16.04 24.51
CA TYR E 200 31.12 15.76 23.39
C TYR E 200 32.36 16.63 23.43
N ASP E 201 33.49 16.04 23.01
CA ASP E 201 34.71 16.83 22.86
C ASP E 201 34.52 17.91 21.82
N CYS E 202 33.63 17.68 20.86
CA CYS E 202 33.31 18.68 19.86
C CYS E 202 32.65 19.94 20.44
N ASP E 203 32.22 19.93 21.71
CA ASP E 203 31.61 21.10 22.33
C ASP E 203 32.41 21.65 23.50
N LEU E 204 33.68 21.26 23.63
CA LEU E 204 34.44 21.63 24.81
C LEU E 204 34.55 23.14 24.96
N ALA E 205 34.65 23.86 23.83
CA ALA E 205 34.79 25.31 23.86
C ALA E 205 33.62 25.95 24.58
N SER E 206 32.42 25.46 24.31
CA SER E 206 31.22 26.08 24.85
C SER E 206 30.93 25.61 26.29
N LEU E 207 31.46 24.44 26.69
CA LEU E 207 31.44 23.99 28.08
C LEU E 207 32.45 24.73 28.93
N ASP E 208 33.64 25.01 28.38
CA ASP E 208 34.61 25.82 29.10
C ASP E 208 34.02 27.17 29.50
N TRP E 209 33.30 27.80 28.58
CA TRP E 209 32.76 29.12 28.87
C TRP E 209 31.75 29.08 30.01
N VAL E 210 30.87 28.08 30.04
CA VAL E 210 29.86 28.07 31.10
C VAL E 210 30.52 27.92 32.46
N LEU E 211 31.56 27.10 32.56
CA LEU E 211 32.23 26.89 33.85
C LEU E 211 33.37 27.87 34.09
N GLU E 212 33.68 28.75 33.13
CA GLU E 212 34.82 29.66 33.16
C GLU E 212 34.84 30.56 34.39
N PRO E 213 33.66 31.00 34.93
CA PRO E 213 33.65 31.85 36.14
C PRO E 213 33.75 31.12 37.48
N LEU E 214 34.17 29.86 37.50
CA LEU E 214 34.29 29.10 38.74
C LEU E 214 35.73 29.12 39.23
N CYS E 215 35.89 29.09 40.56
CA CYS E 215 37.23 28.99 41.13
C CYS E 215 37.89 27.67 40.72
N GLU E 216 39.23 27.63 40.84
CA GLU E 216 39.99 26.46 40.40
C GLU E 216 39.53 25.19 41.10
N SER E 217 39.35 25.23 42.42
CA SER E 217 39.04 24.03 43.18
C SER E 217 37.64 23.51 42.85
N ASP E 218 36.71 24.42 42.55
CA ASP E 218 35.39 24.02 42.08
C ASP E 218 35.50 23.24 40.76
N ARG E 219 36.40 23.64 39.88
CA ARG E 219 36.48 22.95 38.57
C ARG E 219 36.87 21.48 38.74
N GLU E 220 37.87 21.18 39.56
CA GLU E 220 38.34 19.77 39.68
C GLU E 220 37.22 18.89 40.25
N LEU E 221 36.49 19.42 41.22
CA LEU E 221 35.41 18.61 41.81
C LEU E 221 34.36 18.28 40.75
N ARG E 239 28.88 12.56 39.08
CA ARG E 239 28.31 12.40 40.45
C ARG E 239 27.66 13.72 40.86
N PHE E 240 28.27 14.83 40.47
CA PHE E 240 27.74 16.20 40.80
C PHE E 240 26.86 16.83 39.72
N LYS E 241 26.05 17.81 40.16
CA LYS E 241 25.12 18.63 39.31
C LYS E 241 24.71 19.87 40.11
N SER E 242 24.29 20.92 39.39
CA SER E 242 23.83 22.15 40.02
C SER E 242 22.46 21.99 40.68
N LEU E 243 22.11 22.97 41.53
CA LEU E 243 20.80 22.97 42.19
C LEU E 243 19.67 23.01 41.18
N ASP E 244 19.76 23.92 40.19
CA ASP E 244 18.71 24.00 39.17
C ASP E 244 18.55 22.66 38.45
N CYS E 245 19.66 21.94 38.25
CA CYS E 245 19.58 20.69 37.52
C CYS E 245 19.05 19.56 38.40
N SER E 246 19.36 19.61 39.69
CA SER E 246 18.77 18.66 40.64
C SER E 246 17.25 18.76 40.68
N ILE E 247 16.71 19.98 40.62
CA ILE E 247 15.26 20.14 40.63
C ILE E 247 14.65 19.62 39.33
N MET E 248 15.26 19.95 38.20
CA MET E 248 14.75 19.47 36.92
C MET E 248 14.75 17.95 36.86
N GLU E 249 15.79 17.31 37.38
CA GLU E 249 15.85 15.85 37.35
C GLU E 249 14.71 15.22 38.15
N LEU E 250 14.43 15.77 39.35
CA LEU E 250 13.32 15.25 40.13
C LEU E 250 11.99 15.47 39.42
N ALA E 251 11.83 16.64 38.79
CA ALA E 251 10.58 16.89 38.07
C ALA E 251 10.39 15.91 36.92
N ASP E 252 11.46 15.68 36.13
CA ASP E 252 11.38 14.68 35.07
C ASP E 252 11.08 13.29 35.62
N ASP E 253 11.72 12.91 36.72
CA ASP E 253 11.52 11.56 37.25
C ASP E 253 10.10 11.38 37.78
N ILE E 254 9.53 12.41 38.39
CA ILE E 254 8.16 12.32 38.83
C ILE E 254 7.22 12.24 37.63
N ALA E 255 7.48 13.05 36.59
CA ALA E 255 6.63 13.08 35.40
C ALA E 255 6.61 11.72 34.71
N TYR E 256 7.79 11.13 34.50
CA TYR E 256 7.87 9.80 33.93
C TYR E 256 7.16 8.78 34.82
N GLY E 257 7.37 8.87 36.13
CA GLY E 257 6.89 7.84 37.04
C GLY E 257 5.37 7.71 37.07
N VAL E 258 4.67 8.83 36.95
CA VAL E 258 3.25 8.87 37.25
C VAL E 258 2.40 9.07 36.00
N HIS E 259 2.84 9.93 35.08
CA HIS E 259 1.99 10.29 33.96
C HIS E 259 2.05 9.26 32.83
N ASP E 260 3.09 8.44 32.79
CA ASP E 260 3.05 7.27 31.92
C ASP E 260 2.12 6.21 32.49
N LEU E 261 1.93 6.21 33.81
CA LEU E 261 1.15 5.19 34.47
C LEU E 261 -0.31 5.29 34.10
N GLU E 262 -0.82 6.50 33.89
CA GLU E 262 -2.24 6.69 33.68
C GLU E 262 -2.68 6.05 32.37
N ASP E 263 -1.98 6.35 31.28
CA ASP E 263 -2.40 5.83 29.99
C ASP E 263 -2.00 4.37 29.82
N ALA E 264 -0.99 3.91 30.55
CA ALA E 264 -0.75 2.48 30.55
C ALA E 264 -1.98 1.74 31.05
N ILE E 265 -2.73 2.35 31.98
CA ILE E 265 -3.89 1.67 32.54
C ILE E 265 -5.06 1.66 31.58
N VAL E 266 -5.37 2.78 30.93
CA VAL E 266 -6.60 2.82 30.13
C VAL E 266 -6.40 2.10 28.80
N LEU E 267 -5.19 2.19 28.24
CA LEU E 267 -4.74 1.54 27.02
C LEU E 267 -4.62 0.04 27.16
N GLY E 268 -4.91 -0.49 28.34
CA GLY E 268 -4.96 -1.92 28.57
C GLY E 268 -3.64 -2.63 28.72
N MET E 269 -2.53 -1.89 28.78
CA MET E 269 -1.21 -2.51 28.90
C MET E 269 -0.93 -3.08 30.29
N VAL E 270 -1.68 -2.67 31.31
CA VAL E 270 -1.51 -3.21 32.65
C VAL E 270 -2.88 -3.55 33.22
N THR E 271 -3.00 -4.74 33.78
CA THR E 271 -4.24 -5.17 34.41
C THR E 271 -4.27 -4.79 35.87
N ARG E 272 -5.48 -4.83 36.45
CA ARG E 272 -5.61 -4.60 37.89
C ARG E 272 -4.77 -5.60 38.68
N ALA E 273 -4.78 -6.86 38.27
CA ALA E 273 -4.01 -7.89 38.99
C ALA E 273 -2.50 -7.60 38.92
N GLN E 274 -2.01 -7.22 37.74
CA GLN E 274 -0.56 -6.95 37.57
C GLN E 274 -0.15 -5.79 38.46
N TRP E 275 -0.98 -4.75 38.53
CA TRP E 275 -0.67 -3.56 39.37
C TRP E 275 -0.60 -3.98 40.84
N GLN E 276 -1.53 -4.83 41.27
CA GLN E 276 -1.52 -5.27 42.65
C GLN E 276 -0.29 -6.11 42.96
N GLU E 277 0.08 -7.00 42.03
CA GLU E 277 1.21 -7.91 42.28
C GLU E 277 2.53 -7.15 42.39
N ALA E 278 2.78 -6.21 41.47
CA ALA E 278 4.11 -5.58 41.41
C ALA E 278 4.18 -4.28 42.21
N ALA E 279 3.43 -3.26 41.76
CA ALA E 279 3.55 -1.91 42.31
C ALA E 279 2.88 -1.77 43.67
N ALA E 280 1.63 -2.23 43.81
CA ALA E 280 0.88 -1.95 45.03
C ALA E 280 1.50 -2.62 46.24
N ALA E 281 1.91 -3.89 46.12
CA ALA E 281 2.50 -4.58 47.26
C ALA E 281 3.84 -3.97 47.63
N GLN E 282 4.67 -3.68 46.62
CA GLN E 282 5.96 -3.06 46.89
C GLN E 282 5.79 -1.69 47.54
N LEU E 283 4.75 -0.93 47.16
CA LEU E 283 4.51 0.36 47.80
C LEU E 283 3.95 0.17 49.19
N ALA E 284 3.22 -0.94 49.40
CA ALA E 284 2.77 -1.36 50.71
C ALA E 284 3.88 -2.07 51.49
N GLU E 285 5.15 -1.76 51.24
CA GLU E 285 6.35 -2.12 52.00
C GLU E 285 7.51 -1.15 51.73
N CYS E 286 7.18 -0.07 51.01
CA CYS E 286 8.14 1.00 50.60
C CYS E 286 8.71 1.74 51.81
N GLY E 287 7.94 1.83 52.90
CA GLY E 287 8.43 2.50 54.11
C GLY E 287 8.06 3.96 54.23
N ASP E 288 7.27 4.48 53.29
CA ASP E 288 6.81 5.89 53.43
C ASP E 288 5.39 5.82 54.00
N PRO E 289 5.05 6.52 55.09
CA PRO E 289 3.72 6.34 55.71
C PRO E 289 2.56 6.73 54.80
N TRP E 290 2.67 7.83 54.06
CA TRP E 290 1.54 8.24 53.24
C TRP E 290 1.19 7.18 52.20
N PHE E 291 2.21 6.63 51.53
CA PHE E 291 1.93 5.61 50.51
C PHE E 291 1.32 4.36 51.16
N GLU E 292 1.83 3.96 52.32
CA GLU E 292 1.31 2.74 52.98
C GLU E 292 -0.17 2.91 53.31
N GLU E 293 -0.54 4.08 53.82
CA GLU E 293 -1.95 4.37 54.18
C GLU E 293 -2.87 4.46 52.95
N HIS E 294 -2.43 5.09 51.86
CA HIS E 294 -3.33 5.40 50.75
C HIS E 294 -3.29 4.45 49.57
N ILE E 295 -2.39 3.46 49.51
CA ILE E 295 -2.19 2.68 48.28
C ILE E 295 -3.45 1.93 47.88
N ALA E 296 -4.15 1.40 48.87
CA ALA E 296 -5.37 0.66 48.52
C ALA E 296 -6.36 1.61 47.88
N GLU E 297 -6.48 2.81 48.40
CA GLU E 297 -7.45 3.75 47.81
C GLU E 297 -6.97 4.17 46.42
N LEU E 298 -5.69 4.40 46.31
CA LEU E 298 -5.13 4.87 45.03
C LEU E 298 -5.36 3.80 43.96
N SER E 299 -5.24 2.54 44.29
CA SER E 299 -5.41 1.53 43.26
C SER E 299 -6.86 1.47 42.76
N GLU E 300 -7.84 1.75 43.62
CA GLU E 300 -9.22 1.65 43.20
C GLU E 300 -9.63 2.80 42.28
N MET E 301 -9.01 3.97 42.46
CA MET E 301 -9.27 5.13 41.61
C MET E 301 -8.53 5.02 40.28
N LEU E 302 -7.30 4.48 40.30
CA LEU E 302 -6.57 4.38 39.04
C LEU E 302 -7.28 3.44 38.09
N PHE E 303 -8.00 2.46 38.64
CA PHE E 303 -8.77 1.51 37.86
C PHE E 303 -10.26 1.81 37.93
N SER E 304 -10.62 3.03 38.31
CA SER E 304 -12.02 3.47 38.30
C SER E 304 -12.65 3.45 36.89
N GLY E 305 -11.86 3.68 35.84
CA GLY E 305 -12.44 3.86 34.53
C GLY E 305 -13.02 5.22 34.24
N LYS E 306 -12.80 6.19 35.11
CA LYS E 306 -13.29 7.55 34.93
C LYS E 306 -12.09 8.47 35.00
N HIS E 307 -11.92 9.32 34.00
CA HIS E 307 -10.73 10.18 34.03
C HIS E 307 -10.74 11.11 35.24
N TYR E 308 -11.91 11.67 35.59
CA TYR E 308 -11.99 12.64 36.68
C TYR E 308 -11.75 12.00 38.03
N VAL E 309 -11.77 10.69 38.12
CA VAL E 309 -11.35 10.06 39.36
C VAL E 309 -9.86 9.73 39.32
N ARG E 310 -9.39 9.20 38.18
CA ARG E 310 -7.97 8.88 38.03
C ARG E 310 -7.08 10.10 38.23
N LYS E 311 -7.50 11.26 37.73
CA LYS E 311 -6.72 12.47 37.93
C LYS E 311 -6.47 12.74 39.40
N ASP E 312 -7.43 12.42 40.27
CA ASP E 312 -7.22 12.66 41.69
C ASP E 312 -6.15 11.75 42.26
N ALA E 313 -6.07 10.50 41.80
CA ALA E 313 -4.97 9.64 42.24
C ALA E 313 -3.63 10.18 41.74
N ILE E 314 -3.56 10.54 40.46
CA ILE E 314 -2.35 11.09 39.86
C ILE E 314 -1.95 12.38 40.58
N GLY E 315 -2.92 13.26 40.84
CA GLY E 315 -2.61 14.51 41.53
C GLY E 315 -2.10 14.31 42.95
N GLY E 316 -2.71 13.40 43.69
CA GLY E 316 -2.24 13.15 45.05
C GLY E 316 -0.88 12.48 45.08
N ILE E 317 -0.63 11.55 44.14
CA ILE E 317 0.67 10.88 44.07
C ILE E 317 1.76 11.91 43.80
N VAL E 318 1.51 12.78 42.82
CA VAL E 318 2.48 13.81 42.47
C VAL E 318 2.72 14.72 43.66
N ASN E 319 1.63 15.22 44.27
CA ASN E 319 1.79 16.12 45.41
C ASN E 319 2.50 15.44 46.57
N ALA E 320 2.26 14.14 46.78
CA ALA E 320 3.02 13.48 47.83
C ALA E 320 4.51 13.53 47.53
N LEU E 321 4.88 13.44 46.26
CA LEU E 321 6.28 13.42 45.87
C LEU E 321 6.94 14.80 45.99
N LEU E 322 6.22 15.83 45.57
CA LEU E 322 6.70 17.23 45.56
C LEU E 322 6.97 17.73 46.98
N THR E 323 6.07 17.42 47.92
CA THR E 323 6.18 17.85 49.30
C THR E 323 7.22 17.09 50.08
N SER E 324 7.89 16.11 49.47
CA SER E 324 8.95 15.37 50.14
C SER E 324 10.32 15.73 49.62
N ILE E 325 10.45 16.88 48.96
CA ILE E 325 11.71 17.32 48.35
C ILE E 325 12.21 18.52 49.13
N SER E 326 13.50 18.52 49.44
CA SER E 326 14.11 19.60 50.21
C SER E 326 15.49 19.92 49.66
N VAL E 327 15.96 21.12 49.99
CA VAL E 327 17.31 21.55 49.66
C VAL E 327 18.23 21.19 50.82
N LYS E 328 19.25 20.39 50.54
CA LYS E 328 20.27 20.01 51.50
C LYS E 328 21.65 20.36 50.95
N PRO E 329 22.64 20.52 51.81
CA PRO E 329 23.98 20.82 51.31
C PRO E 329 24.59 19.62 50.64
N VAL E 330 25.35 19.95 49.61
CA VAL E 330 26.12 18.96 48.81
C VAL E 330 27.25 18.44 49.69
N GLU E 331 27.66 17.18 49.51
CA GLU E 331 28.80 16.61 50.26
C GLU E 331 30.13 16.94 49.56
N ALA E 332 30.46 18.21 49.37
CA ALA E 332 31.75 18.58 48.76
C ALA E 332 32.05 20.01 49.15
N PRO E 333 33.32 20.41 49.29
CA PRO E 333 33.64 21.78 49.71
C PRO E 333 33.48 22.76 48.54
N PHE E 334 32.31 22.73 47.90
CA PHE E 334 32.00 23.65 46.83
C PHE E 334 31.95 25.06 47.37
N HIS E 335 32.45 25.99 46.60
CA HIS E 335 32.38 27.40 47.04
C HIS E 335 31.24 28.08 46.30
N ASN E 336 30.83 27.52 45.16
CA ASN E 336 29.73 28.16 44.40
C ASN E 336 28.39 27.78 45.04
N GLU E 337 27.53 28.76 45.22
CA GLU E 337 26.26 28.47 45.90
C GLU E 337 25.47 27.46 45.08
N LEU E 338 25.47 27.64 43.76
CA LEU E 338 24.63 26.79 42.90
C LEU E 338 25.12 25.37 42.84
N LEU E 339 26.37 25.12 43.24
CA LEU E 339 26.90 23.77 43.35
C LEU E 339 26.98 23.29 44.79
N ALA E 340 26.79 24.19 45.76
CA ALA E 340 26.85 23.79 47.15
C ALA E 340 25.55 23.17 47.65
N PHE E 341 24.45 23.30 46.90
CA PHE E 341 23.16 22.76 47.31
C PHE E 341 22.47 22.07 46.15
N ASN E 342 21.89 20.90 46.43
CA ASN E 342 21.01 20.21 45.51
C ASN E 342 19.68 20.00 46.21
N ALA E 343 18.65 19.68 45.43
CA ALA E 343 17.37 19.22 45.95
C ALA E 343 17.35 17.70 46.04
N TYR E 344 16.81 17.19 47.13
CA TYR E 344 16.74 15.76 47.39
C TYR E 344 15.33 15.41 47.83
N ILE E 345 14.88 14.24 47.43
CA ILE E 345 13.61 13.70 47.90
C ILE E 345 13.90 12.79 49.08
N GLU E 346 13.00 12.79 50.07
CA GLU E 346 13.17 11.98 51.26
C GLU E 346 13.37 10.52 50.87
N PRO E 347 14.27 9.79 51.54
CA PRO E 347 14.62 8.44 51.07
C PRO E 347 13.46 7.48 50.87
N HIS E 348 12.54 7.35 51.84
CA HIS E 348 11.46 6.39 51.70
C HIS E 348 10.53 6.76 50.55
N MET E 349 10.25 8.05 50.38
CA MET E 349 9.49 8.52 49.22
C MET E 349 10.23 8.25 47.91
N GLY E 350 11.56 8.35 47.94
CA GLY E 350 12.34 8.00 46.77
C GLY E 350 12.15 6.54 46.39
N ASN E 351 12.08 5.66 47.39
CA ASN E 351 11.82 4.26 47.13
C ASN E 351 10.47 4.08 46.43
N ALA E 352 9.47 4.85 46.83
CA ALA E 352 8.18 4.76 46.18
C ALA E 352 8.25 5.22 44.73
N LEU E 353 8.99 6.30 44.46
CA LEU E 353 9.15 6.77 43.08
C LEU E 353 9.87 5.72 42.24
N GLU E 354 10.85 5.04 42.82
CA GLU E 354 11.54 4.00 42.07
C GLU E 354 10.65 2.79 41.85
N VAL E 355 9.74 2.51 42.78
CA VAL E 355 8.75 1.47 42.52
C VAL E 355 7.91 1.85 41.31
N LEU E 356 7.52 3.12 41.20
CA LEU E 356 6.69 3.51 40.05
C LEU E 356 7.47 3.45 38.75
N LYS E 357 8.71 3.98 38.75
CA LYS E 357 9.50 3.99 37.53
C LYS E 357 9.86 2.57 37.12
N HIS E 358 10.23 1.73 38.07
CA HIS E 358 10.51 0.34 37.74
C HIS E 358 9.26 -0.34 37.21
N PHE E 359 8.08 0.09 37.64
CA PHE E 359 6.87 -0.55 37.17
C PHE E 359 6.53 -0.13 35.73
N VAL E 360 6.72 1.14 35.38
CA VAL E 360 6.37 1.56 34.03
C VAL E 360 7.37 0.98 33.04
N SER E 361 8.60 0.85 33.51
CA SER E 361 9.65 0.25 32.66
C SER E 361 9.31 -1.20 32.38
N GLN E 362 8.81 -1.92 33.37
CA GLN E 362 8.58 -3.36 33.14
C GLN E 362 7.24 -3.63 32.47
N TYR E 363 6.35 -2.66 32.30
CA TYR E 363 5.08 -3.04 31.65
C TYR E 363 4.73 -2.14 30.46
N VAL E 364 5.53 -1.12 30.21
CA VAL E 364 5.27 -0.21 29.10
C VAL E 364 6.43 -0.19 28.11
N ILE E 365 7.63 -0.46 28.58
CA ILE E 365 8.83 -0.37 27.77
C ILE E 365 9.46 -1.72 27.48
N GLN E 366 9.72 -2.49 28.53
CA GLN E 366 10.38 -3.80 28.40
C GLN E 366 9.41 -4.90 27.97
N ILE E 367 8.50 -4.59 27.05
CA ILE E 367 7.65 -5.62 26.46
C ILE E 367 8.12 -5.90 25.03
N PRO E 368 7.94 -7.13 24.52
CA PRO E 368 8.42 -7.44 23.16
C PRO E 368 7.90 -6.51 22.07
N GLN E 369 6.65 -6.05 22.16
CA GLN E 369 6.13 -5.18 21.11
C GLN E 369 6.90 -3.88 21.04
N VAL E 370 7.30 -3.32 22.18
CA VAL E 370 8.11 -2.11 22.15
C VAL E 370 9.56 -2.45 21.81
N GLN E 371 10.05 -3.57 22.34
CA GLN E 371 11.45 -3.93 22.13
C GLN E 371 11.73 -4.34 20.68
N ARG E 372 10.73 -4.88 19.97
CA ARG E 372 10.93 -5.17 18.55
C ARG E 372 11.02 -3.91 17.71
N PHE E 373 10.18 -2.92 18.03
CA PHE E 373 10.23 -1.64 17.35
C PHE E 373 11.57 -0.96 17.55
N GLU E 374 12.19 -1.15 18.71
CA GLU E 374 13.49 -0.55 18.98
C GLU E 374 14.55 -1.28 18.18
N TYR E 375 14.39 -2.59 18.04
CA TYR E 375 15.28 -3.36 17.20
C TYR E 375 15.19 -2.87 15.76
N LYS E 376 13.95 -2.69 15.28
CA LYS E 376 13.74 -2.22 13.88
C LYS E 376 14.33 -0.81 13.74
N GLY E 377 14.12 0.06 14.74
CA GLY E 377 14.67 1.41 14.67
C GLY E 377 16.18 1.43 14.67
N GLN E 378 16.80 0.54 15.46
CA GLN E 378 18.24 0.54 15.51
C GLN E 378 18.86 -0.05 14.24
N GLN E 379 18.18 -1.01 13.58
CA GLN E 379 18.68 -1.46 12.27
C GLN E 379 18.55 -0.35 11.24
N LEU E 380 17.44 0.40 11.31
CA LEU E 380 17.18 1.47 10.37
C LEU E 380 18.18 2.60 10.51
N ILE E 381 18.45 3.03 11.75
CA ILE E 381 19.39 4.11 11.97
C ILE E 381 20.78 3.71 11.50
N MET E 382 21.17 2.44 11.73
CA MET E 382 22.49 1.98 11.29
C MET E 382 22.57 1.91 9.76
N ASP E 383 21.48 1.57 9.08
CA ASP E 383 21.45 1.62 7.61
C ASP E 383 21.67 3.05 7.12
N LEU E 384 20.91 4.02 7.65
CA LEU E 384 21.05 5.40 7.21
C LEU E 384 22.47 5.88 7.44
N PHE E 385 23.05 5.51 8.56
CA PHE E 385 24.43 5.94 8.82
C PHE E 385 25.39 5.29 7.83
N GLU E 386 25.19 4.02 7.57
CA GLU E 386 26.12 3.32 6.65
C GLU E 386 26.02 3.97 5.28
N ALA E 387 24.81 4.19 4.80
CA ALA E 387 24.65 4.78 3.46
C ALA E 387 25.14 6.21 3.42
N LEU E 388 24.78 7.03 4.39
CA LEU E 388 25.12 8.44 4.31
C LEU E 388 26.61 8.66 4.45
N SER E 389 27.26 7.84 5.28
CA SER E 389 28.70 7.91 5.46
C SER E 389 29.46 7.31 4.26
N ALA E 390 28.76 6.56 3.39
CA ALA E 390 29.35 6.01 2.17
C ALA E 390 29.60 7.08 1.12
N ASP E 391 28.63 7.96 0.87
CA ASP E 391 28.86 9.14 0.03
C ASP E 391 28.06 10.32 0.56
N PRO E 392 28.65 11.08 1.48
CA PRO E 392 27.90 12.18 2.11
C PRO E 392 27.54 13.28 1.14
N GLU E 393 28.51 13.70 0.33
CA GLU E 393 28.30 14.85 -0.58
C GLU E 393 27.13 14.58 -1.53
N ARG E 394 26.92 13.33 -1.91
CA ARG E 394 25.86 13.06 -2.89
C ARG E 394 24.53 12.73 -2.23
N LEU E 395 24.53 12.15 -1.03
CA LEU E 395 23.25 11.72 -0.42
C LEU E 395 22.71 12.72 0.60
N LEU E 396 23.56 13.46 1.29
CA LEU E 396 23.04 14.39 2.28
C LEU E 396 22.22 15.47 1.57
N PRO E 397 21.25 16.06 2.28
CA PRO E 397 20.63 17.29 1.76
C PRO E 397 21.73 18.32 1.54
N GLN E 398 21.51 19.19 0.56
CA GLN E 398 22.60 20.02 0.07
C GLN E 398 23.21 20.88 1.17
N ALA E 399 22.36 21.48 2.02
CA ALA E 399 22.89 22.31 3.12
C ALA E 399 23.70 21.47 4.10
N THR E 400 23.22 20.27 4.40
CA THR E 400 23.98 19.40 5.29
C THR E 400 25.25 18.92 4.60
N GLY E 401 25.18 18.66 3.29
CA GLY E 401 26.39 18.35 2.55
C GLY E 401 27.42 19.45 2.63
N GLU E 402 26.96 20.70 2.62
CA GLU E 402 27.86 21.83 2.79
C GLU E 402 28.54 21.81 4.15
N LYS E 403 27.76 21.59 5.22
CA LYS E 403 28.37 21.52 6.54
C LYS E 403 29.31 20.33 6.66
N TRP E 404 29.04 19.25 5.91
CA TRP E 404 29.95 18.10 5.94
C TRP E 404 31.28 18.45 5.30
N ARG E 405 31.24 19.15 4.16
CA ARG E 405 32.48 19.52 3.49
C ARG E 405 33.31 20.45 4.37
N LYS E 406 32.66 21.47 4.96
CA LYS E 406 33.37 22.38 5.86
C LYS E 406 33.92 21.64 7.06
N ALA E 407 33.15 20.73 7.64
CA ALA E 407 33.57 20.01 8.83
C ALA E 407 34.70 19.04 8.56
N GLN E 408 34.99 18.72 7.30
CA GLN E 408 36.04 17.75 7.05
C GLN E 408 37.42 18.37 7.23
N GLU E 409 37.50 19.70 7.23
CA GLU E 409 38.76 20.40 7.50
C GLU E 409 39.25 20.20 8.93
N GLN E 410 38.33 19.92 9.85
CA GLN E 410 38.67 19.55 11.22
C GLN E 410 38.29 18.09 11.49
N ASP E 411 38.19 17.28 10.44
CA ASP E 411 38.04 15.84 10.56
C ASP E 411 36.86 15.47 11.45
N GLU E 412 35.73 16.19 11.31
CA GLU E 412 34.52 15.91 12.08
C GLU E 412 33.31 15.65 11.19
N GLY E 413 33.52 15.12 9.99
CA GLY E 413 32.39 14.81 9.12
C GLY E 413 31.41 13.82 9.72
N MET E 414 31.91 12.87 10.53
CA MET E 414 31.00 11.88 11.09
C MET E 414 30.01 12.52 12.07
N ARG E 415 30.44 13.52 12.84
CA ARG E 415 29.50 14.15 13.76
C ARG E 415 28.42 14.90 13.00
N VAL E 416 28.74 15.46 11.83
CA VAL E 416 27.75 16.15 11.04
C VAL E 416 26.64 15.20 10.61
N ILE E 417 27.02 14.01 10.15
CA ILE E 417 26.02 13.01 9.78
C ILE E 417 25.22 12.61 11.01
N CYS E 418 25.90 12.49 12.15
CA CYS E 418 25.27 12.01 13.37
C CYS E 418 24.27 13.03 13.88
N ASP E 419 24.66 14.33 13.83
CA ASP E 419 23.70 15.40 14.09
C ASP E 419 22.49 15.32 13.16
N TYR E 420 22.73 15.07 11.88
CA TYR E 420 21.66 15.06 10.89
C TYR E 420 20.62 14.00 11.23
N ILE E 421 21.09 12.78 11.55
CA ILE E 421 20.18 11.70 11.90
C ILE E 421 19.50 11.96 13.24
N ALA E 422 20.28 12.45 14.22
CA ALA E 422 19.73 12.70 15.55
C ALA E 422 18.56 13.67 15.51
N ALA E 423 18.56 14.64 14.61
CA ALA E 423 17.47 15.61 14.55
C ALA E 423 16.29 15.14 13.69
N MET E 424 16.34 13.92 13.16
CA MET E 424 15.21 13.44 12.39
C MET E 424 14.09 13.00 13.33
N THR E 425 12.86 13.16 12.86
CA THR E 425 11.78 12.44 13.51
C THR E 425 11.73 11.03 12.96
N ASP E 426 10.94 10.17 13.62
CA ASP E 426 10.83 8.79 13.15
C ASP E 426 10.28 8.76 11.73
N ALA E 427 9.29 9.59 11.43
CA ALA E 427 8.74 9.59 10.08
C ALA E 427 9.78 10.02 9.05
N TYR E 428 10.58 11.05 9.36
CA TYR E 428 11.60 11.49 8.42
C TYR E 428 12.61 10.37 8.19
N ALA E 429 13.08 9.78 9.28
CA ALA E 429 14.07 8.72 9.14
C ALA E 429 13.46 7.59 8.32
N GLN E 430 12.21 7.25 8.60
CA GLN E 430 11.57 6.15 7.85
C GLN E 430 11.45 6.54 6.38
N ARG E 431 11.07 7.79 6.10
CA ARG E 431 10.92 8.24 4.70
C ARG E 431 12.27 8.19 3.99
N LEU E 432 13.33 8.67 4.64
CA LEU E 432 14.67 8.64 4.04
C LEU E 432 15.10 7.20 3.83
N HIS E 433 14.85 6.34 4.81
CA HIS E 433 15.26 4.95 4.65
C HIS E 433 14.62 4.33 3.42
N GLN E 434 13.34 4.62 3.19
CA GLN E 434 12.68 4.11 2.00
C GLN E 434 13.30 4.67 0.72
N GLN E 435 13.76 5.92 0.74
CA GLN E 435 14.39 6.51 -0.45
C GLN E 435 15.70 5.83 -0.78
N LEU E 436 16.37 5.24 0.23
CA LEU E 436 17.65 4.62 0.03
C LEU E 436 17.60 3.09 -0.12
N PHE E 437 16.49 2.44 0.27
CA PHE E 437 16.56 0.98 0.29
C PHE E 437 15.35 0.25 -0.27
N SER E 438 14.15 0.82 -0.35
CA SER E 438 13.03 -0.04 -0.76
C SER E 438 12.35 0.35 -2.05
N GLU F 10 -16.29 37.54 42.37
CA GLU F 10 -17.19 36.67 41.57
C GLU F 10 -16.52 36.21 40.27
N TRP F 11 -15.71 37.06 39.64
CA TRP F 11 -15.05 36.69 38.37
C TRP F 11 -13.99 35.62 38.59
N LEU F 12 -13.62 35.34 39.82
CA LEU F 12 -12.66 34.28 40.09
C LEU F 12 -13.31 32.94 40.42
N ALA F 13 -14.64 32.87 40.42
CA ALA F 13 -15.33 31.69 40.89
C ALA F 13 -15.40 30.61 39.83
N ARG F 14 -15.51 29.36 40.27
CA ARG F 14 -15.72 28.22 39.41
C ARG F 14 -17.14 27.70 39.61
N ASN F 15 -17.63 27.03 38.57
CA ASN F 15 -18.99 26.52 38.57
C ASN F 15 -19.20 25.43 39.59
N ASN F 16 -18.14 24.83 40.09
CA ASN F 16 -18.38 23.69 41.01
C ASN F 16 -17.40 23.76 42.17
N ASP F 17 -17.82 23.32 43.35
CA ASP F 17 -17.04 23.38 44.61
C ASP F 17 -16.83 21.99 45.20
N GLU F 18 -16.92 20.91 44.42
CA GLU F 18 -16.77 19.54 44.98
C GLU F 18 -15.37 19.32 45.57
N HIS F 19 -14.34 19.75 44.85
CA HIS F 19 -12.93 19.61 45.22
C HIS F 19 -12.45 20.92 45.83
N LYS F 20 -11.50 20.79 46.75
CA LYS F 20 -11.00 21.98 47.47
C LYS F 20 -9.53 22.19 47.15
N ILE F 21 -9.12 23.45 47.10
CA ILE F 21 -7.71 23.82 46.84
C ILE F 21 -6.89 23.30 48.02
N ARG F 22 -5.71 22.76 47.75
CA ARG F 22 -4.85 22.27 48.85
C ARG F 22 -4.32 23.44 49.64
N ARG F 23 -4.04 23.22 50.91
CA ARG F 23 -3.53 24.29 51.79
C ARG F 23 -2.20 24.81 51.24
N ASN F 24 -1.38 23.95 50.67
CA ASN F 24 -0.04 24.39 50.18
C ASN F 24 -0.11 24.92 48.75
N ASP F 25 -1.28 24.95 48.14
CA ASP F 25 -1.43 25.40 46.77
C ASP F 25 -1.82 26.88 46.84
N HIS F 26 -0.86 27.76 46.62
CA HIS F 26 -1.07 29.20 46.68
C HIS F 26 -1.09 29.82 45.28
N ARG F 27 -1.44 29.03 44.27
CA ARG F 27 -1.55 29.57 42.93
C ARG F 27 -2.82 30.40 42.79
N SER F 28 -2.78 31.37 41.87
CA SER F 28 -3.97 32.14 41.55
C SER F 28 -4.95 31.27 40.74
N PRO F 29 -6.23 31.65 40.69
CA PRO F 29 -7.16 30.89 39.84
C PRO F 29 -6.72 30.78 38.40
N PHE F 30 -6.03 31.80 37.90
CA PHE F 30 -5.61 31.80 36.50
C PHE F 30 -4.39 30.93 36.29
N GLN F 31 -3.55 30.77 37.31
CA GLN F 31 -2.52 29.75 37.20
C GLN F 31 -3.14 28.36 37.21
N ARG F 32 -4.23 28.18 37.94
CA ARG F 32 -4.89 26.88 37.95
C ARG F 32 -5.60 26.61 36.64
N ASP F 33 -6.17 27.66 36.03
CA ASP F 33 -6.79 27.50 34.71
C ASP F 33 -5.75 27.10 33.66
N ARG F 34 -4.60 27.78 33.65
CA ARG F 34 -3.57 27.47 32.67
C ARG F 34 -3.11 26.02 32.79
N ALA F 35 -2.87 25.55 34.03
CA ALA F 35 -2.42 24.18 34.25
C ALA F 35 -3.44 23.18 33.74
N ARG F 36 -4.73 23.44 33.98
CA ARG F 36 -5.76 22.53 33.50
C ARG F 36 -5.76 22.46 31.97
N ILE F 37 -5.61 23.60 31.31
CA ILE F 37 -5.62 23.60 29.85
C ILE F 37 -4.42 22.83 29.32
N LEU F 38 -3.23 23.07 29.89
CA LEU F 38 -2.02 22.40 29.42
C LEU F 38 -2.08 20.89 29.58
N HIS F 39 -2.77 20.41 30.61
CA HIS F 39 -2.90 18.98 30.84
C HIS F 39 -4.08 18.34 30.09
N SER F 40 -4.93 19.12 29.44
CA SER F 40 -6.13 18.54 28.85
C SER F 40 -5.82 17.79 27.55
N ALA F 41 -6.61 16.75 27.28
CA ALA F 41 -6.50 16.03 26.02
C ALA F 41 -6.83 16.93 24.84
N ALA F 42 -7.77 17.86 25.03
CA ALA F 42 -8.09 18.80 23.96
C ALA F 42 -6.89 19.66 23.60
N PHE F 43 -6.11 20.09 24.59
CA PHE F 43 -4.94 20.87 24.23
C PHE F 43 -3.91 19.98 23.56
N ARG F 44 -3.73 18.76 24.06
CA ARG F 44 -2.71 17.89 23.51
C ARG F 44 -2.98 17.56 22.05
N ARG F 45 -4.25 17.46 21.66
CA ARG F 45 -4.65 17.10 20.31
C ARG F 45 -4.15 18.10 19.29
N LEU F 46 -3.84 19.32 19.72
CA LEU F 46 -3.35 20.35 18.82
C LEU F 46 -1.99 20.02 18.25
N GLN F 47 -1.31 19.00 18.78
CA GLN F 47 -0.07 18.55 18.17
C GLN F 47 -0.31 17.85 16.85
N ALA F 48 -1.51 17.27 16.67
CA ALA F 48 -1.85 16.61 15.40
C ALA F 48 -2.50 17.54 14.39
N LYS F 49 -3.38 18.44 14.86
CA LYS F 49 -4.19 19.29 13.98
C LYS F 49 -3.35 20.40 13.34
N HIS F 61 7.79 21.58 11.73
CA HIS F 61 6.74 21.02 12.60
C HIS F 61 5.90 22.16 13.21
N ARG F 62 5.17 22.90 12.37
CA ARG F 62 4.33 24.00 12.89
C ARG F 62 2.89 23.48 12.93
N THR F 63 2.33 23.39 14.14
CA THR F 63 0.98 22.84 14.35
C THR F 63 0.12 23.87 15.07
N ARG F 64 -1.15 23.53 15.31
CA ARG F 64 -2.04 24.43 16.02
C ARG F 64 -1.55 24.67 17.45
N LEU F 65 -0.83 23.69 18.03
CA LEU F 65 -0.21 23.90 19.33
C LEU F 65 0.89 24.94 19.23
N THR F 66 1.72 24.82 18.21
CA THR F 66 2.76 25.80 17.95
C THR F 66 2.19 27.20 17.78
N HIS F 67 1.11 27.35 17.01
CA HIS F 67 0.48 28.65 16.85
C HIS F 67 -0.01 29.20 18.19
N SER F 68 -0.56 28.33 19.03
CA SER F 68 -1.12 28.83 20.29
C SER F 68 -0.03 29.22 21.27
N LEU F 69 1.13 28.57 21.25
CA LEU F 69 2.24 29.02 22.09
C LEU F 69 2.70 30.40 21.64
N GLU F 70 2.81 30.60 20.32
CA GLU F 70 3.25 31.89 19.82
C GLU F 70 2.25 32.98 20.16
N ALA F 71 0.96 32.68 20.05
CA ALA F 71 -0.04 33.66 20.41
C ALA F 71 0.08 34.04 21.88
N ALA F 72 0.33 33.04 22.75
CA ALA F 72 0.44 33.31 24.19
C ALA F 72 1.60 34.26 24.50
N GLN F 73 2.73 34.13 23.80
CA GLN F 73 3.86 35.00 24.12
C GLN F 73 3.66 36.40 23.56
N ILE F 74 2.99 36.54 22.40
CA ILE F 74 2.63 37.87 21.92
C ILE F 74 1.60 38.50 22.85
N GLY F 75 0.65 37.70 23.33
CA GLY F 75 -0.36 38.20 24.24
C GLY F 75 0.25 38.72 25.54
N THR F 76 1.19 37.98 26.11
CA THR F 76 1.87 38.53 27.28
C THR F 76 2.76 39.71 26.89
N GLY F 77 3.30 39.71 25.68
CA GLY F 77 4.04 40.88 25.20
C GLY F 77 3.14 42.10 25.02
N ILE F 78 1.90 41.89 24.58
CA ILE F 78 0.95 43.00 24.47
C ILE F 78 0.66 43.59 25.85
N VAL F 79 0.38 42.72 26.83
CA VAL F 79 0.04 43.18 28.17
C VAL F 79 1.19 43.98 28.78
N ALA F 80 2.41 43.46 28.68
CA ALA F 80 3.56 44.15 29.26
C ALA F 80 3.73 45.52 28.64
N GLN F 81 3.46 45.64 27.35
CA GLN F 81 3.64 46.91 26.67
C GLN F 81 2.53 47.89 27.03
N ILE F 82 1.31 47.40 27.17
CA ILE F 82 0.19 48.29 27.54
C ILE F 82 0.42 48.85 28.95
N LYS F 83 0.89 48.00 29.86
CA LYS F 83 1.11 48.38 31.26
C LYS F 83 2.16 49.48 31.35
N LEU F 84 3.22 49.38 30.55
CA LEU F 84 4.31 50.39 30.59
C LEU F 84 3.75 51.73 30.14
N LYS F 85 2.96 51.73 29.07
CA LYS F 85 2.40 52.98 28.49
C LYS F 85 1.14 53.50 29.21
N GLN F 86 0.26 52.64 29.67
CA GLN F 86 -1.02 53.06 30.21
C GLN F 86 -1.15 52.52 31.62
N PRO F 87 -0.53 53.20 32.57
CA PRO F 87 -0.54 52.75 33.98
C PRO F 87 -1.91 52.63 34.63
N GLU F 88 -2.90 53.44 34.23
CA GLU F 88 -4.24 53.34 34.79
C GLU F 88 -4.79 51.92 34.80
N PHE F 89 -4.37 51.14 33.82
CA PHE F 89 -4.95 49.80 33.61
C PHE F 89 -4.12 48.70 34.23
N ARG F 90 -3.15 49.02 35.07
CA ARG F 90 -2.29 47.95 35.60
C ARG F 90 -3.10 46.92 36.38
N GLU F 91 -4.07 47.32 37.17
CA GLU F 91 -4.75 46.26 37.95
C GLU F 91 -5.91 45.65 37.17
N LEU F 92 -6.31 46.25 36.05
CA LEU F 92 -7.43 45.71 35.29
C LEU F 92 -6.98 44.71 34.25
N LEU F 93 -5.77 44.87 33.73
CA LEU F 93 -5.31 44.02 32.64
C LEU F 93 -5.22 42.57 33.11
N PRO F 94 -5.37 41.63 32.18
CA PRO F 94 -5.28 40.21 32.54
C PRO F 94 -3.91 39.82 33.04
N SER F 95 -3.89 38.89 33.98
CA SER F 95 -2.67 38.23 34.42
C SER F 95 -2.01 37.51 33.24
N ASP F 96 -0.71 37.23 33.38
CA ASP F 96 0.00 36.51 32.33
C ASP F 96 -0.60 35.13 32.11
N SER F 97 -0.89 34.40 33.20
CA SER F 97 -1.39 33.05 33.02
C SER F 97 -2.85 33.05 32.56
N LEU F 98 -3.58 34.15 32.75
CA LEU F 98 -4.93 34.24 32.19
C LEU F 98 -4.86 34.48 30.69
N ILE F 99 -4.03 35.44 30.25
CA ILE F 99 -3.89 35.66 28.82
C ILE F 99 -3.21 34.45 28.16
N ASP F 100 -2.32 33.76 28.88
CA ASP F 100 -1.82 32.46 28.41
C ASP F 100 -2.98 31.50 28.23
N SER F 101 -3.89 31.44 29.21
CA SER F 101 -4.92 30.41 29.17
C SER F 101 -5.84 30.63 27.97
N LEU F 102 -6.11 31.91 27.62
CA LEU F 102 -7.04 32.16 26.53
C LEU F 102 -6.43 31.83 25.20
N CYS F 103 -5.12 32.04 25.06
CA CYS F 103 -4.47 31.76 23.79
C CYS F 103 -4.15 30.28 23.66
N LEU F 104 -3.98 29.59 24.79
CA LEU F 104 -3.74 28.16 24.70
C LEU F 104 -5.02 27.40 24.37
N ALA F 105 -6.18 27.95 24.70
CA ALA F 105 -7.47 27.26 24.57
C ALA F 105 -8.25 27.65 23.32
N HIS F 106 -7.88 28.74 22.63
CA HIS F 106 -8.76 29.34 21.63
C HIS F 106 -9.08 28.38 20.47
N ASP F 107 -8.18 27.46 20.14
CA ASP F 107 -8.29 26.61 18.96
C ASP F 107 -8.67 25.16 19.24
N ILE F 108 -9.02 24.81 20.47
CA ILE F 108 -9.29 23.40 20.74
C ILE F 108 -10.56 22.94 20.02
N GLY F 109 -11.48 23.83 19.74
CA GLY F 109 -12.73 23.43 19.13
C GLY F 109 -12.67 23.20 17.64
N HIS F 110 -11.52 23.46 17.02
CA HIS F 110 -11.43 23.33 15.57
C HIS F 110 -11.52 21.86 15.16
N PRO F 111 -12.28 21.55 14.12
CA PRO F 111 -12.50 20.16 13.76
C PRO F 111 -11.37 19.66 12.88
N PRO F 112 -11.35 18.36 12.59
CA PRO F 112 -10.46 17.83 11.55
C PRO F 112 -10.68 18.58 10.24
N TYR F 113 -9.60 18.82 9.51
CA TYR F 113 -9.63 19.44 8.19
C TYR F 113 -10.06 20.90 8.22
N GLY F 114 -9.93 21.57 9.37
CA GLY F 114 -10.06 23.01 9.40
C GLY F 114 -11.36 23.51 8.82
N HIS F 115 -11.26 24.53 7.96
CA HIS F 115 -12.44 25.19 7.43
C HIS F 115 -13.31 24.25 6.61
N GLY F 116 -12.69 23.26 5.95
CA GLY F 116 -13.49 22.26 5.27
C GLY F 116 -14.27 21.40 6.22
N GLY F 117 -13.63 20.96 7.32
CA GLY F 117 -14.33 20.21 8.33
C GLY F 117 -15.48 20.98 8.96
N GLU F 118 -15.23 22.26 9.28
CA GLU F 118 -16.24 23.11 9.91
C GLU F 118 -17.44 23.28 9.01
N ILE F 119 -17.19 23.43 7.71
CA ILE F 119 -18.29 23.62 6.79
C ILE F 119 -19.07 22.32 6.64
N ALA F 120 -18.35 21.20 6.59
CA ALA F 120 -19.03 19.90 6.50
C ALA F 120 -19.86 19.63 7.73
N LEU F 121 -19.26 19.77 8.92
CA LEU F 121 -20.03 19.50 10.13
C LEU F 121 -21.22 20.45 10.25
N ASN F 122 -21.00 21.73 9.97
CA ASN F 122 -22.11 22.68 10.05
C ASN F 122 -23.23 22.25 9.12
N TYR F 123 -22.88 21.80 7.92
CA TYR F 123 -23.90 21.36 6.98
C TYR F 123 -24.62 20.12 7.48
N MET F 124 -23.88 19.17 8.05
CA MET F 124 -24.53 17.95 8.51
C MET F 124 -25.38 18.20 9.76
N MET F 125 -25.13 19.28 10.49
CA MET F 125 -25.89 19.65 11.66
C MET F 125 -26.90 20.78 11.38
N ARG F 126 -27.25 20.97 10.11
CA ARG F 126 -28.06 22.13 9.73
C ARG F 126 -29.38 22.19 10.48
N ASP F 127 -29.98 21.04 10.80
CA ASP F 127 -31.27 21.02 11.49
C ASP F 127 -31.16 20.66 12.96
N HIS F 128 -29.97 20.80 13.54
CA HIS F 128 -29.75 20.43 14.93
C HIS F 128 -28.79 21.40 15.59
N GLY F 129 -28.80 22.66 15.18
CA GLY F 129 -27.98 23.64 15.85
C GLY F 129 -26.65 23.97 15.20
N GLY F 130 -26.25 23.26 14.13
CA GLY F 130 -25.04 23.64 13.42
C GLY F 130 -23.73 23.25 14.09
N PHE F 131 -22.63 23.67 13.47
CA PHE F 131 -21.31 23.50 14.08
C PHE F 131 -20.49 24.76 13.90
N GLU F 132 -19.70 25.11 14.91
CA GLU F 132 -18.78 26.22 14.75
C GLU F 132 -17.65 26.08 15.76
N GLY F 133 -16.45 26.49 15.32
CA GLY F 133 -15.25 26.22 16.09
C GLY F 133 -15.21 26.91 17.42
N ASN F 134 -15.61 28.19 17.46
CA ASN F 134 -15.59 28.88 18.74
C ASN F 134 -16.64 28.32 19.68
N ALA F 135 -17.84 28.03 19.16
CA ALA F 135 -18.86 27.34 19.96
C ALA F 135 -18.31 26.05 20.53
N GLN F 136 -17.63 25.26 19.70
CA GLN F 136 -17.08 23.99 20.16
C GLN F 136 -16.06 24.20 21.28
N THR F 137 -15.21 25.22 21.15
CA THR F 137 -14.24 25.52 22.20
C THR F 137 -14.94 25.79 23.52
N PHE F 138 -15.98 26.62 23.50
CA PHE F 138 -16.73 26.88 24.73
C PHE F 138 -17.33 25.59 25.27
N ARG F 139 -17.90 24.78 24.39
CA ARG F 139 -18.50 23.53 24.81
C ARG F 139 -17.44 22.57 25.34
N ILE F 140 -16.22 22.59 24.80
CA ILE F 140 -15.20 21.67 25.32
C ILE F 140 -14.81 22.03 26.74
N VAL F 141 -14.57 23.32 27.00
CA VAL F 141 -14.05 23.70 28.30
C VAL F 141 -15.11 23.65 29.39
N THR F 142 -16.39 23.87 29.04
CA THR F 142 -17.44 23.80 30.04
C THR F 142 -18.05 22.41 30.17
N SER F 143 -17.83 21.50 29.22
CA SER F 143 -18.58 20.25 29.32
C SER F 143 -17.87 18.99 28.85
N LEU F 144 -17.19 19.03 27.70
CA LEU F 144 -16.71 17.80 27.08
C LEU F 144 -15.41 17.29 27.69
N GLU F 145 -14.47 18.18 28.00
CA GLU F 145 -13.21 17.72 28.58
C GLU F 145 -13.49 17.06 29.92
N PRO F 146 -13.14 15.82 30.13
CA PRO F 146 -13.60 15.13 31.34
C PRO F 146 -12.71 15.38 32.57
N TYR F 147 -12.23 16.62 32.76
CA TYR F 147 -11.49 16.96 33.97
C TYR F 147 -12.41 16.89 35.19
N THR F 148 -13.63 17.33 35.02
CA THR F 148 -14.65 17.07 36.01
C THR F 148 -15.74 16.27 35.31
N GLU F 149 -16.65 15.75 36.11
CA GLU F 149 -17.69 14.89 35.56
C GLU F 149 -18.73 15.71 34.78
N HIS F 150 -19.00 16.92 35.22
CA HIS F 150 -20.14 17.67 34.73
C HIS F 150 -19.84 19.09 34.28
N HIS F 151 -18.63 19.59 34.47
CA HIS F 151 -18.36 20.97 34.09
C HIS F 151 -17.07 21.10 33.30
N GLY F 152 -16.68 20.03 32.63
CA GLY F 152 -15.49 20.10 31.79
C GLY F 152 -14.27 20.44 32.62
N MET F 153 -13.49 21.40 32.13
CA MET F 153 -12.28 21.85 32.80
C MET F 153 -12.59 22.75 33.98
N ASN F 154 -13.84 23.22 34.09
CA ASN F 154 -14.32 24.01 35.20
C ASN F 154 -13.46 25.26 35.42
N LEU F 155 -13.33 26.04 34.35
CA LEU F 155 -12.49 27.22 34.36
C LEU F 155 -13.17 28.36 35.11
N SER F 156 -12.35 29.28 35.62
CA SER F 156 -12.88 30.43 36.34
C SER F 156 -13.71 31.31 35.40
N ARG F 157 -14.64 32.04 35.99
CA ARG F 157 -15.63 32.77 35.20
C ARG F 157 -14.97 33.77 34.25
N ARG F 158 -13.95 34.49 34.71
CA ARG F 158 -13.36 35.51 33.87
C ARG F 158 -12.71 34.87 32.66
N THR F 159 -12.04 33.74 32.87
CA THR F 159 -11.46 33.00 31.75
C THR F 159 -12.52 32.62 30.73
N LEU F 160 -13.67 32.11 31.21
CA LEU F 160 -14.72 31.76 30.27
C LEU F 160 -15.19 32.99 29.51
N LEU F 161 -15.33 34.13 30.20
CA LEU F 161 -15.75 35.33 29.51
C LEU F 161 -14.74 35.70 28.42
N GLY F 162 -13.46 35.48 28.69
CA GLY F 162 -12.43 35.78 27.72
C GLY F 162 -12.45 34.90 26.51
N LEU F 163 -13.02 33.70 26.63
CA LEU F 163 -13.16 32.83 25.47
C LEU F 163 -14.40 33.16 24.64
N LEU F 164 -15.30 34.04 25.11
CA LEU F 164 -16.50 34.39 24.34
C LEU F 164 -16.23 35.56 23.39
N LYS F 165 -15.58 35.26 22.26
CA LYS F 165 -15.41 36.26 21.20
C LYS F 165 -16.74 36.66 20.57
N TYR F 166 -17.74 35.79 20.65
CA TYR F 166 -19.07 36.09 20.14
C TYR F 166 -20.06 35.72 21.22
N PRO F 167 -20.38 36.64 22.10
CA PRO F 167 -21.18 36.35 23.28
C PRO F 167 -22.69 36.41 23.03
N ALA F 168 -23.11 35.70 21.98
CA ALA F 168 -24.53 35.46 21.72
C ALA F 168 -24.74 34.01 21.35
N LEU F 169 -25.99 33.59 21.41
CA LEU F 169 -26.32 32.24 20.98
C LEU F 169 -26.40 32.21 19.48
N LEU F 170 -26.13 31.03 18.92
CA LEU F 170 -26.23 30.86 17.49
C LEU F 170 -27.67 30.95 16.99
N SER F 171 -28.66 30.90 17.88
CA SER F 171 -30.04 31.17 17.49
C SER F 171 -30.20 32.61 17.05
N ALA F 172 -29.38 33.49 17.62
CA ALA F 172 -29.40 34.90 17.30
C ALA F 172 -28.58 35.26 16.07
N THR F 173 -27.48 34.52 15.81
CA THR F 173 -26.59 34.90 14.72
C THR F 173 -26.81 34.14 13.41
N ARG F 174 -27.35 32.91 13.45
CA ARG F 174 -27.65 32.20 12.20
C ARG F 174 -28.74 32.94 11.44
N ALA F 175 -28.64 32.91 10.11
CA ALA F 175 -29.58 33.64 9.26
C ALA F 175 -31.01 33.21 9.53
N ALA F 176 -31.94 34.16 9.45
CA ALA F 176 -33.35 33.84 9.63
C ALA F 176 -33.86 32.91 8.52
N ILE F 177 -33.40 33.12 7.29
CA ILE F 177 -33.76 32.29 6.15
C ILE F 177 -32.60 31.33 5.87
N PRO F 178 -32.79 30.02 5.91
CA PRO F 178 -31.67 29.07 5.76
C PRO F 178 -31.19 28.97 4.33
N PRO F 179 -30.00 28.37 4.11
CA PRO F 179 -29.47 28.18 2.76
C PRO F 179 -30.19 27.03 2.03
N PRO F 180 -30.17 26.97 0.68
CA PRO F 180 -30.86 25.89 -0.04
C PRO F 180 -29.92 25.09 -0.94
N GLN F 187 -21.10 18.61 -3.75
CA GLN F 187 -21.10 19.93 -4.34
C GLN F 187 -21.57 20.92 -3.29
N LEU F 188 -21.09 20.73 -2.07
CA LEU F 188 -21.34 21.69 -1.00
C LEU F 188 -20.76 23.04 -1.41
N LYS F 189 -21.48 24.12 -1.10
CA LYS F 189 -21.05 25.46 -1.49
C LYS F 189 -20.35 26.11 -0.30
N ALA F 190 -19.11 26.53 -0.50
CA ALA F 190 -18.36 27.05 0.63
C ALA F 190 -18.94 28.37 1.11
N LYS F 191 -19.30 29.23 0.17
CA LYS F 191 -19.87 30.53 0.55
C LYS F 191 -21.17 30.36 1.31
N ASP F 192 -21.94 29.32 1.01
CA ASP F 192 -23.29 29.17 1.53
C ASP F 192 -23.38 28.52 2.89
N TRP F 193 -22.35 27.82 3.35
CA TRP F 193 -22.47 27.04 4.57
C TRP F 193 -21.41 27.34 5.63
N SER F 194 -20.64 28.41 5.49
CA SER F 194 -19.74 28.76 6.58
C SER F 194 -20.57 29.18 7.80
N PRO F 195 -20.25 28.69 8.99
CA PRO F 195 -21.15 28.89 10.14
C PRO F 195 -21.16 30.32 10.61
N ALA F 196 -22.33 30.73 11.09
CA ALA F 196 -22.39 31.91 11.93
C ALA F 196 -21.65 31.64 13.23
N LYS F 197 -21.33 32.70 13.97
CA LYS F 197 -20.50 32.58 15.14
C LYS F 197 -21.29 32.95 16.40
N GLY F 198 -21.11 32.14 17.44
CA GLY F 198 -21.90 32.26 18.66
C GLY F 198 -21.74 31.02 19.52
N ILE F 199 -22.69 30.82 20.45
CA ILE F 199 -22.62 29.72 21.42
C ILE F 199 -23.78 28.77 21.14
N TYR F 200 -23.51 27.46 21.21
CA TYR F 200 -24.59 26.50 20.99
C TYR F 200 -25.71 26.70 22.00
N ASP F 201 -26.93 26.48 21.53
CA ASP F 201 -28.07 26.55 22.44
C ASP F 201 -28.02 25.47 23.51
N CYS F 202 -27.43 24.33 23.21
CA CYS F 202 -27.25 23.30 24.23
C CYS F 202 -26.25 23.70 25.33
N ASP F 203 -25.58 24.84 25.22
CA ASP F 203 -24.66 25.32 26.26
C ASP F 203 -25.19 26.59 26.94
N LEU F 204 -26.48 26.89 26.78
CA LEU F 204 -27.01 28.15 27.29
C LEU F 204 -26.88 28.23 28.81
N ALA F 205 -27.00 27.09 29.50
CA ALA F 205 -26.90 27.07 30.95
C ALA F 205 -25.55 27.57 31.43
N SER F 206 -24.45 27.18 30.74
CA SER F 206 -23.14 27.65 31.17
C SER F 206 -22.81 29.02 30.63
N LEU F 207 -23.45 29.44 29.54
CA LEU F 207 -23.29 30.82 29.13
C LEU F 207 -24.03 31.73 30.10
N ASP F 208 -25.21 31.31 30.54
CA ASP F 208 -25.95 32.06 31.56
C ASP F 208 -25.10 32.20 32.82
N TRP F 209 -24.46 31.10 33.25
CA TRP F 209 -23.65 31.13 34.47
C TRP F 209 -22.47 32.06 34.34
N VAL F 210 -21.80 32.03 33.18
CA VAL F 210 -20.63 32.87 33.00
C VAL F 210 -21.02 34.33 33.14
N LEU F 211 -22.16 34.70 32.55
CA LEU F 211 -22.59 36.09 32.56
C LEU F 211 -23.40 36.47 33.79
N GLU F 212 -23.65 35.49 34.66
CA GLU F 212 -24.56 35.70 35.77
C GLU F 212 -24.27 36.93 36.64
N PRO F 213 -23.03 37.36 36.87
CA PRO F 213 -22.89 38.55 37.70
C PRO F 213 -23.00 39.87 36.96
N LEU F 214 -23.58 39.89 35.78
CA LEU F 214 -23.71 41.14 35.04
C LEU F 214 -25.12 41.72 35.24
N CYS F 215 -25.20 43.04 35.36
CA CYS F 215 -26.51 43.68 35.48
C CYS F 215 -27.32 43.50 34.20
N GLU F 216 -28.65 43.63 34.32
CA GLU F 216 -29.53 43.47 33.16
C GLU F 216 -29.11 44.41 32.04
N SER F 217 -28.74 45.64 32.40
CA SER F 217 -28.37 46.60 31.37
C SER F 217 -27.12 46.16 30.62
N ASP F 218 -26.16 45.57 31.33
CA ASP F 218 -24.91 45.13 30.65
C ASP F 218 -25.20 43.94 29.74
N ARG F 219 -25.92 42.95 30.25
CA ARG F 219 -26.23 41.72 29.47
C ARG F 219 -26.88 42.10 28.14
N GLU F 220 -27.94 42.90 28.16
CA GLU F 220 -28.68 43.21 26.92
C GLU F 220 -27.71 43.83 25.92
N LEU F 221 -26.77 44.63 26.41
CA LEU F 221 -25.82 45.30 25.53
C LEU F 221 -24.84 44.29 24.92
N LEU F 222 -24.55 43.21 25.64
CA LEU F 222 -23.59 42.20 25.20
C LEU F 222 -24.10 41.42 23.99
N GLY F 223 -25.40 41.18 23.90
CA GLY F 223 -25.95 40.42 22.79
C GLY F 223 -26.29 41.24 21.56
N GLN F 224 -25.74 42.45 21.49
CA GLN F 224 -26.00 43.36 20.37
C GLN F 224 -25.13 43.01 19.17
N MET F 225 -25.71 43.20 17.97
CA MET F 225 -25.12 42.87 16.69
C MET F 225 -24.75 44.14 15.94
N ARG F 226 -23.87 43.98 14.95
CA ARG F 226 -23.37 45.13 14.19
C ARG F 226 -24.26 45.41 12.98
N THR F 238 -21.88 39.58 16.23
CA THR F 238 -21.83 40.25 17.54
C THR F 238 -20.86 41.43 17.49
N ARG F 239 -21.13 42.45 18.31
CA ARG F 239 -20.32 43.65 18.25
C ARG F 239 -19.22 43.73 19.31
N PHE F 240 -19.43 43.15 20.50
CA PHE F 240 -18.63 43.47 21.67
C PHE F 240 -17.90 42.23 22.19
N LYS F 241 -16.92 42.47 23.05
CA LYS F 241 -16.16 41.41 23.68
C LYS F 241 -15.43 41.99 24.89
N SER F 242 -14.98 41.09 25.76
CA SER F 242 -14.30 41.53 26.97
C SER F 242 -12.88 41.98 26.64
N LEU F 243 -12.31 42.75 27.57
CA LEU F 243 -10.96 43.26 27.38
C LEU F 243 -9.97 42.11 27.18
N ASP F 244 -10.04 41.08 28.03
CA ASP F 244 -9.13 39.95 27.90
C ASP F 244 -9.24 39.32 26.51
N CYS F 245 -10.44 39.35 25.94
CA CYS F 245 -10.69 38.67 24.68
C CYS F 245 -10.19 39.50 23.50
N SER F 246 -10.26 40.83 23.61
CA SER F 246 -9.68 41.67 22.57
C SER F 246 -8.17 41.48 22.48
N ILE F 247 -7.49 41.33 23.62
CA ILE F 247 -6.05 41.15 23.58
C ILE F 247 -5.73 39.81 22.93
N MET F 248 -6.46 38.77 23.32
CA MET F 248 -6.22 37.45 22.74
C MET F 248 -6.46 37.46 21.22
N GLU F 249 -7.49 38.17 20.75
CA GLU F 249 -7.73 38.23 19.32
C GLU F 249 -6.57 38.92 18.60
N LEU F 250 -6.05 40.01 19.18
CA LEU F 250 -4.92 40.69 18.57
C LEU F 250 -3.71 39.78 18.53
N ALA F 251 -3.49 39.01 19.60
CA ALA F 251 -2.37 38.09 19.65
C ALA F 251 -2.50 37.01 18.59
N ASP F 252 -3.70 36.44 18.43
CA ASP F 252 -3.90 35.45 17.37
C ASP F 252 -3.59 36.08 16.02
N ASP F 253 -4.09 37.29 15.77
CA ASP F 253 -3.93 37.92 14.46
C ASP F 253 -2.47 38.21 14.17
N ILE F 254 -1.72 38.66 15.17
CA ILE F 254 -0.31 38.91 14.96
C ILE F 254 0.42 37.59 14.69
N ALA F 255 0.08 36.55 15.45
CA ALA F 255 0.73 35.25 15.27
C ALA F 255 0.45 34.66 13.89
N TYR F 256 -0.81 34.70 13.46
CA TYR F 256 -1.18 34.19 12.12
C TYR F 256 -0.44 34.95 11.02
N GLY F 257 -0.39 36.28 11.14
CA GLY F 257 0.13 37.09 10.06
C GLY F 257 1.61 36.90 9.78
N VAL F 258 2.42 36.71 10.83
CA VAL F 258 3.87 36.75 10.70
C VAL F 258 4.49 35.36 10.81
N HIS F 259 3.95 34.51 11.67
CA HIS F 259 4.66 33.26 11.90
C HIS F 259 4.36 32.21 10.84
N ASP F 260 3.24 32.34 10.13
CA ASP F 260 3.01 31.53 8.94
C ASP F 260 3.89 32.00 7.79
N LEU F 261 4.27 33.27 7.80
CA LEU F 261 4.99 33.88 6.69
C LEU F 261 6.41 33.34 6.55
N GLU F 262 7.09 33.04 7.66
CA GLU F 262 8.52 32.74 7.54
C GLU F 262 8.77 31.42 6.81
N ASP F 263 8.06 30.34 7.17
CA ASP F 263 8.35 29.03 6.57
C ASP F 263 7.85 28.94 5.15
N ALA F 264 6.88 29.80 4.80
CA ALA F 264 6.48 29.92 3.40
C ALA F 264 7.65 30.34 2.53
N ILE F 265 8.56 31.13 3.09
CA ILE F 265 9.70 31.62 2.33
C ILE F 265 10.73 30.51 2.15
N VAL F 266 10.96 29.69 3.18
CA VAL F 266 12.02 28.68 3.06
C VAL F 266 11.57 27.49 2.24
N LEU F 267 10.30 27.12 2.33
CA LEU F 267 9.76 26.05 1.48
C LEU F 267 9.59 26.49 0.04
N GLY F 268 9.80 27.77 -0.27
CA GLY F 268 9.63 28.24 -1.63
C GLY F 268 8.19 28.45 -2.04
N MET F 269 7.24 28.39 -1.10
CA MET F 269 5.85 28.62 -1.42
C MET F 269 5.60 30.08 -1.77
N VAL F 270 6.50 30.97 -1.40
CA VAL F 270 6.45 32.36 -1.79
C VAL F 270 7.85 32.74 -2.28
N THR F 271 7.91 33.35 -3.45
CA THR F 271 9.17 33.80 -4.01
C THR F 271 9.38 35.27 -3.70
N ARG F 272 10.63 35.70 -3.89
CA ARG F 272 10.94 37.12 -3.71
C ARG F 272 10.04 37.98 -4.58
N ALA F 273 9.74 37.51 -5.79
CA ALA F 273 8.95 38.31 -6.72
C ALA F 273 7.53 38.52 -6.19
N GLN F 274 6.90 37.46 -5.70
CA GLN F 274 5.51 37.62 -5.24
C GLN F 274 5.44 38.47 -3.99
N TRP F 275 6.49 38.41 -3.16
CA TRP F 275 6.55 39.25 -1.97
C TRP F 275 6.61 40.74 -2.33
N GLN F 276 7.43 41.09 -3.31
CA GLN F 276 7.53 42.52 -3.71
C GLN F 276 6.20 42.99 -4.29
N GLU F 277 5.59 42.15 -5.10
CA GLU F 277 4.33 42.55 -5.77
C GLU F 277 3.15 42.72 -4.82
N ALA F 278 2.95 41.82 -3.85
CA ALA F 278 1.68 41.92 -3.09
C ALA F 278 1.81 42.54 -1.70
N ALA F 279 2.79 42.09 -0.92
CA ALA F 279 3.00 42.55 0.45
C ALA F 279 3.89 43.79 0.51
N ALA F 280 5.06 43.72 -0.11
CA ALA F 280 6.05 44.77 0.09
C ALA F 280 5.60 46.11 -0.49
N ALA F 281 5.00 46.10 -1.68
CA ALA F 281 4.51 47.36 -2.26
C ALA F 281 3.31 47.89 -1.48
N GLN F 282 2.36 47.01 -1.15
CA GLN F 282 1.23 47.45 -0.35
C GLN F 282 1.68 47.93 1.04
N LEU F 283 2.75 47.33 1.59
CA LEU F 283 3.25 47.74 2.90
C LEU F 283 3.94 49.10 2.85
N ALA F 284 4.50 49.47 1.70
CA ALA F 284 5.06 50.80 1.59
C ALA F 284 4.00 51.90 1.60
N GLU F 285 2.76 51.57 1.23
CA GLU F 285 1.69 52.56 1.12
C GLU F 285 0.60 52.38 2.15
N CYS F 286 0.84 51.59 3.21
CA CYS F 286 -0.17 51.35 4.22
C CYS F 286 -0.34 52.52 5.18
N GLY F 287 0.60 53.47 5.17
CA GLY F 287 0.48 54.68 5.97
C GLY F 287 1.18 54.65 7.31
N ASP F 288 1.75 53.53 7.71
CA ASP F 288 2.46 53.52 9.00
C ASP F 288 3.93 53.85 8.81
N PRO F 289 4.48 54.84 9.53
CA PRO F 289 5.86 55.29 9.25
C PRO F 289 6.91 54.21 9.45
N TRP F 290 6.77 53.34 10.45
CA TRP F 290 7.81 52.32 10.70
C TRP F 290 7.96 51.37 9.52
N PHE F 291 6.84 50.90 8.98
CA PHE F 291 6.90 49.96 7.85
C PHE F 291 7.43 50.68 6.62
N GLU F 292 7.08 51.94 6.49
CA GLU F 292 7.49 52.80 5.39
C GLU F 292 9.02 52.86 5.29
N GLU F 293 9.70 53.06 6.42
CA GLU F 293 11.15 53.14 6.40
C GLU F 293 11.81 51.77 6.31
N HIS F 294 11.30 50.78 7.03
CA HIS F 294 12.02 49.53 7.21
C HIS F 294 11.63 48.47 6.20
N ILE F 295 10.65 48.74 5.33
CA ILE F 295 10.14 47.71 4.44
C ILE F 295 11.24 47.16 3.54
N ALA F 296 12.05 48.06 2.97
CA ALA F 296 13.12 47.60 2.08
C ALA F 296 14.08 46.68 2.86
N GLU F 297 14.48 47.09 4.05
CA GLU F 297 15.44 46.31 4.83
C GLU F 297 14.84 45.00 5.31
N LEU F 298 13.54 45.00 5.65
CA LEU F 298 12.88 43.76 6.05
C LEU F 298 12.81 42.76 4.89
N SER F 299 12.64 43.25 3.66
CA SER F 299 12.45 42.34 2.54
C SER F 299 13.74 41.62 2.22
N GLU F 300 14.88 42.29 2.35
CA GLU F 300 16.17 41.62 2.04
C GLU F 300 16.53 40.66 3.17
N MET F 301 16.14 40.97 4.40
CA MET F 301 16.41 40.07 5.52
C MET F 301 15.56 38.80 5.45
N LEU F 302 14.32 38.93 4.99
CA LEU F 302 13.43 37.77 4.90
C LEU F 302 13.91 36.79 3.84
N PHE F 303 14.57 37.29 2.80
CA PHE F 303 15.12 36.44 1.75
C PHE F 303 16.61 36.27 1.86
N SER F 304 17.16 36.50 3.06
CA SER F 304 18.56 36.23 3.36
C SER F 304 18.98 34.78 3.09
N GLY F 305 18.09 33.82 3.31
CA GLY F 305 18.48 32.42 3.31
C GLY F 305 19.20 31.96 4.55
N LYS F 306 19.30 32.82 5.57
CA LYS F 306 19.94 32.51 6.84
C LYS F 306 18.92 32.76 7.94
N HIS F 307 18.70 31.74 8.79
CA HIS F 307 17.65 31.83 9.81
C HIS F 307 17.96 32.93 10.84
N TYR F 308 19.22 33.06 11.24
CA TYR F 308 19.51 33.99 12.32
C TYR F 308 19.31 35.46 11.95
N VAL F 309 19.22 35.78 10.66
CA VAL F 309 18.85 37.13 10.25
C VAL F 309 17.37 37.23 9.91
N ARG F 310 16.77 36.16 9.36
CA ARG F 310 15.34 36.16 9.12
C ARG F 310 14.56 36.36 10.42
N LYS F 311 15.00 35.71 11.50
CA LYS F 311 14.36 35.87 12.80
C LYS F 311 14.34 37.33 13.25
N ASP F 312 15.39 38.11 12.90
CA ASP F 312 15.44 39.51 13.30
C ASP F 312 14.33 40.30 12.63
N ALA F 313 14.02 39.98 11.38
CA ALA F 313 12.92 40.66 10.70
C ALA F 313 11.59 40.28 11.32
N ILE F 314 11.36 38.98 11.53
CA ILE F 314 10.11 38.50 12.14
C ILE F 314 9.93 39.14 13.51
N GLY F 315 11.01 39.16 14.30
CA GLY F 315 10.93 39.79 15.61
C GLY F 315 10.63 41.27 15.51
N GLY F 316 11.24 41.96 14.55
CA GLY F 316 10.99 43.38 14.39
C GLY F 316 9.55 43.67 13.98
N ILE F 317 8.97 42.79 13.15
CA ILE F 317 7.59 42.97 12.73
C ILE F 317 6.62 42.78 13.90
N VAL F 318 6.76 41.68 14.64
CA VAL F 318 5.88 41.45 15.78
C VAL F 318 6.03 42.59 16.79
N ASN F 319 7.26 43.00 17.08
CA ASN F 319 7.46 44.10 18.01
C ASN F 319 6.79 45.37 17.50
N ALA F 320 6.86 45.62 16.20
CA ALA F 320 6.22 46.82 15.67
C ALA F 320 4.70 46.79 15.87
N LEU F 321 4.09 45.64 15.57
CA LEU F 321 2.63 45.48 15.72
C LEU F 321 2.21 45.52 17.19
N LEU F 322 3.01 44.91 18.05
CA LEU F 322 2.76 44.75 19.51
C LEU F 322 2.68 46.10 20.22
N THR F 323 3.56 47.04 19.88
CA THR F 323 3.65 48.38 20.53
C THR F 323 2.51 49.32 20.08
N SER F 324 1.81 48.98 19.00
CA SER F 324 0.79 49.84 18.42
C SER F 324 -0.60 49.51 18.93
N ILE F 325 -0.68 48.90 20.11
CA ILE F 325 -1.95 48.53 20.72
C ILE F 325 -2.12 49.34 21.99
N SER F 326 -3.34 49.86 22.21
CA SER F 326 -3.65 50.62 23.41
C SER F 326 -5.05 50.26 23.90
N VAL F 327 -5.30 50.53 25.18
CA VAL F 327 -6.63 50.37 25.77
C VAL F 327 -7.38 51.67 25.60
N LYS F 328 -8.53 51.60 24.93
CA LYS F 328 -9.45 52.71 24.76
C LYS F 328 -10.82 52.27 25.26
N PRO F 329 -11.70 53.22 25.59
CA PRO F 329 -13.03 52.83 26.04
C PRO F 329 -13.88 52.27 24.90
N VAL F 330 -14.70 51.28 25.23
CA VAL F 330 -15.64 50.69 24.22
C VAL F 330 -16.68 51.76 23.89
N GLU F 331 -17.15 51.85 22.63
CA GLU F 331 -18.15 52.89 22.26
C GLU F 331 -19.58 52.42 22.57
N ALA F 332 -19.87 52.19 23.84
CA ALA F 332 -21.19 51.78 24.35
C ALA F 332 -21.20 52.05 25.85
N PRO F 333 -22.37 52.17 26.50
CA PRO F 333 -22.42 52.49 27.95
C PRO F 333 -22.36 51.27 28.86
N PHE F 334 -21.23 50.56 28.86
CA PHE F 334 -21.11 49.36 29.72
C PHE F 334 -20.75 49.70 31.17
N HIS F 335 -21.44 49.10 32.13
CA HIS F 335 -21.11 49.27 33.57
C HIS F 335 -19.85 48.49 33.97
N ASN F 336 -19.71 47.24 33.50
CA ASN F 336 -18.59 46.34 33.90
C ASN F 336 -17.24 46.79 33.34
N GLU F 337 -16.18 46.74 34.14
CA GLU F 337 -14.91 47.26 33.69
C GLU F 337 -14.30 46.39 32.60
N LEU F 338 -14.58 45.08 32.63
CA LEU F 338 -14.06 44.18 31.62
C LEU F 338 -14.79 44.34 30.29
N LEU F 339 -15.95 44.99 30.29
CA LEU F 339 -16.66 45.26 29.05
C LEU F 339 -16.55 46.71 28.59
N ALA F 340 -16.14 47.62 29.47
CA ALA F 340 -16.05 49.03 29.09
C ALA F 340 -14.76 49.37 28.38
N PHE F 341 -13.77 48.50 28.39
CA PHE F 341 -12.48 48.75 27.77
C PHE F 341 -12.05 47.57 26.93
N ASN F 342 -11.57 47.84 25.73
CA ASN F 342 -10.91 46.84 24.91
C ASN F 342 -9.51 47.30 24.52
N ALA F 343 -8.71 46.34 24.05
CA ALA F 343 -7.44 46.64 23.38
C ALA F 343 -7.68 46.77 21.89
N TYR F 344 -7.05 47.76 21.27
CA TYR F 344 -7.18 48.05 19.84
C TYR F 344 -5.81 48.29 19.21
N ILE F 345 -5.70 47.91 17.96
CA ILE F 345 -4.50 48.24 17.21
C ILE F 345 -4.74 49.56 16.52
N GLU F 346 -3.68 50.35 16.42
CA GLU F 346 -3.74 51.63 15.70
C GLU F 346 -4.13 51.36 14.24
N PRO F 347 -5.02 52.18 13.66
CA PRO F 347 -5.59 51.86 12.33
C PRO F 347 -4.57 51.59 11.24
N HIS F 348 -3.53 52.42 11.14
CA HIS F 348 -2.54 52.23 10.08
C HIS F 348 -1.76 50.94 10.27
N MET F 349 -1.31 50.65 11.48
CA MET F 349 -0.67 49.36 11.75
C MET F 349 -1.65 48.22 11.50
N GLY F 350 -2.93 48.44 11.80
CA GLY F 350 -3.94 47.46 11.49
C GLY F 350 -4.02 47.17 10.00
N ASN F 351 -3.92 48.22 9.19
CA ASN F 351 -3.85 48.02 7.74
C ASN F 351 -2.66 47.17 7.36
N ALA F 352 -1.51 47.41 8.00
CA ALA F 352 -0.32 46.61 7.70
C ALA F 352 -0.53 45.15 8.08
N LEU F 353 -1.15 44.91 9.23
CA LEU F 353 -1.43 43.53 9.64
C LEU F 353 -2.38 42.87 8.66
N GLU F 354 -3.39 43.60 8.20
CA GLU F 354 -4.31 42.96 7.27
C GLU F 354 -3.65 42.78 5.91
N VAL F 355 -2.69 43.63 5.54
CA VAL F 355 -1.87 43.34 4.38
C VAL F 355 -1.11 42.04 4.59
N LEU F 356 -0.60 41.84 5.80
CA LEU F 356 0.15 40.63 6.07
C LEU F 356 -0.78 39.41 6.10
N LYS F 357 -1.96 39.54 6.74
CA LYS F 357 -2.87 38.41 6.80
C LYS F 357 -3.42 38.06 5.42
N HIS F 358 -3.78 39.08 4.64
CA HIS F 358 -4.29 38.81 3.31
C HIS F 358 -3.22 38.15 2.44
N PHE F 359 -1.96 38.48 2.68
CA PHE F 359 -0.89 37.94 1.84
C PHE F 359 -0.64 36.47 2.15
N VAL F 360 -0.69 36.08 3.43
CA VAL F 360 -0.39 34.70 3.77
C VAL F 360 -1.51 33.79 3.31
N SER F 361 -2.75 34.28 3.28
CA SER F 361 -3.86 33.46 2.83
C SER F 361 -3.88 33.31 1.31
N GLN F 362 -3.36 34.30 0.58
CA GLN F 362 -3.43 34.25 -0.87
C GLN F 362 -2.33 33.38 -1.48
N TYR F 363 -1.23 33.14 -0.76
CA TYR F 363 -0.11 32.38 -1.29
C TYR F 363 0.23 31.13 -0.49
N VAL F 364 -0.49 30.83 0.59
CA VAL F 364 -0.23 29.64 1.37
C VAL F 364 -1.51 28.81 1.55
N ILE F 365 -2.68 29.46 1.50
CA ILE F 365 -3.94 28.80 1.78
C ILE F 365 -4.79 28.66 0.52
N GLN F 366 -5.00 29.75 -0.20
CA GLN F 366 -5.87 29.72 -1.37
C GLN F 366 -5.15 29.23 -2.60
N ILE F 367 -4.31 28.21 -2.45
CA ILE F 367 -3.67 27.56 -3.58
C ILE F 367 -4.33 26.20 -3.81
N PRO F 368 -4.40 25.74 -5.05
CA PRO F 368 -5.11 24.48 -5.34
C PRO F 368 -4.66 23.27 -4.53
N GLN F 369 -3.37 23.14 -4.19
CA GLN F 369 -2.97 21.95 -3.43
C GLN F 369 -3.65 21.91 -2.06
N VAL F 370 -3.75 23.05 -1.39
CA VAL F 370 -4.40 23.11 -0.08
C VAL F 370 -5.91 23.02 -0.24
N GLN F 371 -6.44 23.63 -1.31
CA GLN F 371 -7.89 23.61 -1.51
C GLN F 371 -8.41 22.22 -1.87
N ARG F 372 -7.61 21.42 -2.59
CA ARG F 372 -8.03 20.05 -2.88
C ARG F 372 -8.01 19.19 -1.64
N PHE F 373 -7.01 19.39 -0.77
CA PHE F 373 -6.99 18.70 0.52
C PHE F 373 -8.21 19.09 1.36
N GLU F 374 -8.65 20.34 1.26
CA GLU F 374 -9.82 20.74 2.02
C GLU F 374 -11.09 20.13 1.44
N TYR F 375 -11.16 19.98 0.11
CA TYR F 375 -12.27 19.28 -0.51
C TYR F 375 -12.33 17.83 -0.04
N LYS F 376 -11.18 17.16 -0.03
CA LYS F 376 -11.16 15.77 0.42
C LYS F 376 -11.62 15.65 1.87
N GLY F 377 -11.05 16.48 2.74
CA GLY F 377 -11.44 16.43 4.14
C GLY F 377 -12.91 16.67 4.34
N GLN F 378 -13.49 17.62 3.62
CA GLN F 378 -14.90 17.88 3.85
C GLN F 378 -15.78 16.77 3.30
N GLN F 379 -15.38 16.11 2.20
CA GLN F 379 -16.12 14.92 1.77
C GLN F 379 -15.98 13.80 2.78
N LEU F 380 -14.79 13.67 3.34
CA LEU F 380 -14.53 12.60 4.30
C LEU F 380 -15.35 12.79 5.60
N ILE F 381 -15.41 14.02 6.12
CA ILE F 381 -16.19 14.29 7.33
C ILE F 381 -17.67 13.97 7.10
N MET F 382 -18.21 14.33 5.95
CA MET F 382 -19.60 14.00 5.69
C MET F 382 -19.81 12.50 5.54
N ASP F 383 -18.84 11.76 4.98
CA ASP F 383 -18.95 10.30 4.94
C ASP F 383 -19.03 9.74 6.37
N LEU F 384 -18.13 10.19 7.26
CA LEU F 384 -18.14 9.73 8.64
C LEU F 384 -19.46 10.09 9.30
N PHE F 385 -19.96 11.30 9.05
CA PHE F 385 -21.22 11.63 9.69
C PHE F 385 -22.35 10.72 9.20
N GLU F 386 -22.42 10.36 7.92
CA GLU F 386 -23.60 9.54 7.63
C GLU F 386 -23.43 8.08 8.04
N ALA F 387 -22.22 7.51 7.98
CA ALA F 387 -22.12 6.15 8.49
C ALA F 387 -22.52 6.14 9.97
N LEU F 388 -21.95 7.06 10.75
CA LEU F 388 -22.19 7.08 12.18
C LEU F 388 -23.65 7.38 12.52
N SER F 389 -24.28 8.34 11.82
CA SER F 389 -25.68 8.62 12.10
C SER F 389 -26.64 7.59 11.50
N ALA F 390 -26.16 6.68 10.65
CA ALA F 390 -27.02 5.60 10.18
C ALA F 390 -27.25 4.56 11.27
N ASP F 391 -26.19 4.15 11.98
CA ASP F 391 -26.34 3.29 13.15
C ASP F 391 -25.32 3.67 14.21
N PRO F 392 -25.68 4.61 15.09
CA PRO F 392 -24.72 5.11 16.10
C PRO F 392 -24.36 4.07 17.15
N GLU F 393 -25.35 3.36 17.68
CA GLU F 393 -25.06 2.45 18.80
C GLU F 393 -24.17 1.33 18.37
N ARG F 394 -24.20 0.99 17.07
CA ARG F 394 -23.51 -0.20 16.61
C ARG F 394 -22.08 0.15 16.16
N LEU F 395 -21.84 1.41 15.74
CA LEU F 395 -20.58 1.85 15.14
C LEU F 395 -19.74 2.82 15.96
N LEU F 396 -20.32 3.58 16.87
CA LEU F 396 -19.54 4.46 17.70
C LEU F 396 -18.69 3.63 18.66
N PRO F 397 -17.58 4.17 19.14
CA PRO F 397 -16.89 3.53 20.28
C PRO F 397 -17.86 3.38 21.43
N GLN F 398 -17.63 2.35 22.25
CA GLN F 398 -18.65 1.97 23.25
C GLN F 398 -19.01 3.12 24.19
N ALA F 399 -18.00 3.83 24.73
CA ALA F 399 -18.31 4.96 25.61
C ALA F 399 -19.09 6.05 24.90
N THR F 400 -18.75 6.33 23.63
CA THR F 400 -19.51 7.33 22.88
C THR F 400 -20.93 6.84 22.56
N GLY F 401 -21.08 5.55 22.27
CA GLY F 401 -22.42 5.01 22.08
C GLY F 401 -23.28 5.20 23.31
N GLU F 402 -22.69 5.01 24.50
CA GLU F 402 -23.43 5.24 25.74
C GLU F 402 -23.87 6.69 25.86
N LYS F 403 -22.98 7.64 25.55
CA LYS F 403 -23.42 9.04 25.60
C LYS F 403 -24.50 9.32 24.58
N TRP F 404 -24.51 8.60 23.47
CA TRP F 404 -25.53 8.82 22.46
C TRP F 404 -26.88 8.32 22.96
N ARG F 405 -26.92 7.13 23.56
CA ARG F 405 -28.18 6.60 24.07
C ARG F 405 -28.75 7.52 25.15
N LYS F 406 -27.92 7.97 26.10
CA LYS F 406 -28.38 8.91 27.11
C LYS F 406 -28.84 10.22 26.49
N ALA F 407 -28.09 10.73 25.50
CA ALA F 407 -28.42 12.02 24.89
C ALA F 407 -29.70 11.98 24.07
N GLN F 408 -30.20 10.80 23.72
CA GLN F 408 -31.39 10.77 22.87
C GLN F 408 -32.69 10.95 23.64
N GLU F 409 -32.65 10.85 24.97
CA GLU F 409 -33.83 11.09 25.79
C GLU F 409 -34.35 12.50 25.60
N GLN F 410 -33.45 13.43 25.23
CA GLN F 410 -33.74 14.82 24.92
C GLN F 410 -33.42 15.28 23.51
N ASP F 411 -33.46 14.37 22.51
CA ASP F 411 -33.20 14.65 21.07
C ASP F 411 -31.86 15.33 20.80
N GLU F 412 -30.81 14.91 21.48
CA GLU F 412 -29.55 15.52 21.14
C GLU F 412 -28.50 14.50 20.76
N GLY F 413 -28.93 13.36 20.21
CA GLY F 413 -27.98 12.38 19.74
C GLY F 413 -27.08 12.90 18.63
N MET F 414 -27.59 13.81 17.80
CA MET F 414 -26.77 14.28 16.69
C MET F 414 -25.58 15.08 17.17
N ARG F 415 -25.77 15.89 18.21
CA ARG F 415 -24.65 16.68 18.71
C ARG F 415 -23.58 15.78 19.31
N VAL F 416 -23.96 14.64 19.90
CA VAL F 416 -22.94 13.72 20.41
C VAL F 416 -22.11 13.18 19.25
N ILE F 417 -22.75 12.87 18.12
CA ILE F 417 -22.01 12.44 16.95
C ILE F 417 -21.10 13.55 16.45
N CYS F 418 -21.58 14.78 16.48
CA CYS F 418 -20.76 15.89 15.99
C CYS F 418 -19.58 16.17 16.92
N ASP F 419 -19.78 16.09 18.24
CA ASP F 419 -18.67 16.25 19.18
C ASP F 419 -17.61 15.20 18.91
N TYR F 420 -18.05 13.94 18.74
CA TYR F 420 -17.12 12.85 18.48
C TYR F 420 -16.28 13.13 17.24
N ILE F 421 -16.91 13.60 16.15
CA ILE F 421 -16.14 13.89 14.94
C ILE F 421 -15.28 15.15 15.14
N ALA F 422 -15.85 16.17 15.78
CA ALA F 422 -15.11 17.43 16.00
C ALA F 422 -13.82 17.21 16.77
N ALA F 423 -13.77 16.21 17.66
CA ALA F 423 -12.55 15.98 18.42
C ALA F 423 -11.55 15.06 17.73
N MET F 424 -11.83 14.55 16.53
CA MET F 424 -10.84 13.72 15.85
C MET F 424 -9.68 14.55 15.28
N THR F 425 -8.49 13.96 15.30
CA THR F 425 -7.40 14.47 14.49
C THR F 425 -7.57 14.03 13.06
N ASP F 426 -6.78 14.62 12.16
CA ASP F 426 -6.86 14.24 10.76
C ASP F 426 -6.57 12.75 10.59
N ALA F 427 -5.58 12.23 11.35
CA ALA F 427 -5.20 10.82 11.20
C ALA F 427 -6.29 9.88 11.70
N TYR F 428 -6.92 10.22 12.82
CA TYR F 428 -8.00 9.39 13.36
C TYR F 428 -9.18 9.34 12.38
N ALA F 429 -9.61 10.51 11.90
CA ALA F 429 -10.71 10.55 10.95
C ALA F 429 -10.41 9.74 9.69
N GLN F 430 -9.16 9.78 9.22
CA GLN F 430 -8.81 9.02 8.03
C GLN F 430 -8.81 7.53 8.32
N ARG F 431 -8.37 7.14 9.52
CA ARG F 431 -8.30 5.72 9.82
C ARG F 431 -9.69 5.13 10.04
N LEU F 432 -10.60 5.91 10.64
CA LEU F 432 -11.99 5.47 10.76
C LEU F 432 -12.67 5.40 9.40
N HIS F 433 -12.38 6.37 8.52
CA HIS F 433 -12.96 6.31 7.17
C HIS F 433 -12.53 5.05 6.45
N GLN F 434 -11.26 4.63 6.62
CA GLN F 434 -10.79 3.39 6.00
C GLN F 434 -11.47 2.18 6.62
N GLN F 435 -11.72 2.21 7.93
CA GLN F 435 -12.40 1.08 8.57
C GLN F 435 -13.83 0.95 8.11
N LEU F 436 -14.45 2.06 7.67
CA LEU F 436 -15.84 2.08 7.23
C LEU F 436 -16.01 1.96 5.73
N PHE F 437 -14.95 2.20 4.94
CA PHE F 437 -15.10 2.21 3.49
C PHE F 437 -14.01 1.47 2.72
#